data_3PUV
#
_entry.id   3PUV
#
_cell.length_a   81.786
_cell.length_b   97.125
_cell.length_c   112.791
_cell.angle_alpha   85.58
_cell.angle_beta   78.71
_cell.angle_gamma   72.69
#
_symmetry.space_group_name_H-M   'P 1'
#
loop_
_entity.id
_entity.type
_entity.pdbx_description
1 polymer 'Maltose-binding periplasmic protein'
2 polymer 'Maltose transport system permease protein malF'
3 polymer 'Maltose transport system permease protein malG'
4 polymer 'Maltose/maltodextrin import ATP-binding protein MalK'
5 branched alpha-D-glucopyranose-(1-4)-alpha-D-glucopyranose
6 non-polymer '(1R)-2-{[{[(2S)-2,3-DIHYDROXYPROPYL]OXY}(HYDROXY)PHOSPHORYL]OXY}-1-[(PALMITOYLOXY)METHYL]ETHYL (11E)-OCTADEC-11-ENOATE'
7 non-polymer UNDECYL-MALTOSIDE
8 non-polymer 'MAGNESIUM ION'
9 non-polymer "ADENOSINE-5'-DIPHOSPHATE"
10 non-polymer 'VANADATE ION'
11 water water
#
loop_
_entity_poly.entity_id
_entity_poly.type
_entity_poly.pdbx_seq_one_letter_code
_entity_poly.pdbx_strand_id
1 'polypeptide(L)'
;KIEEGKLVIWINGDKGYNGLAEVGKKFEKDTGIKVTVEHPDKLEEKFPQVAATGDGPDIIFWAHDRFGGYAQSGLLAEIT
PDKAFQDKLYPFTWDAVRYNGKLIAYPIAVEALSLIYNKDLLPNPPKTWEEIPALDKELKAKGKSALMFNLQEPYFTWPL
IAADGGYAFKYENGKYDIKDVGVDNAGAKAGLTFLVDLIKNKHMNADTDYSIAEAAFNKGETAMTINGPWAWSNIDTSKV
NYGVTVLPTFKGQPSKPFVGVLSAGINAASPNKELAKEFLENYLLTDEGLEAVNKDKPLGAVALKSYEEELAKDPRIAAT
MENAQKGEIMPNIPQMSAFWYAVRTAVINAASGRQTVDEALKDAQTRITKASASHHHH
;
E
2 'polypeptide(L)'
;MDVIKKKHWWQSDALKWSVLGLLGLLVGYLVVLMYAQGEYLFAITTLILSSAGLYIFANRKAYAWRYVYPGMAGMGLFVL
FPLVCTIAIAFTNYSSTNQLTFERAQEVLLDRSWQAGKTYNFGLYPAGDEWQLALSDGETGKNYLSDAFKFGGEQKLQLK
ETTAQPEGERANLRVITQNRQALSDITAILPDGNKVMMSSLRQFSGTQPLYTLDGDGTLTNNQSGVKYRPNNQIGFYQSI
TADGNWGDEKLSPGYTVTTGWKNFTRVFTDEGIQKPFLAIFVWTVVFSLITVFLTVAVGMVLACLVQWEALRGKAVYRVL
LILPYAVPSFISILIFKGLFNQSFGEINMMLSALFGVKPAWFSDPTTARTMLIIVNTWLGYPYMMILCMGLLKAIPDDLY
EASAMDGAGPFQNFFKITLPLLIKPLTPLMIASFAFNFNNFVLIQLLTNGGPDRLGTTTPAGYTDLLVNYTYRIAFEGGG
GQDFGLAAAIATLIFLLVGALAIVNLKATRMKFD
;
F
3 'polypeptide(L)'
;MAMVQPKSQKARLFITHLLLLLFIAAIMFPLLMVVAISLRQGNFATGSLIPEQISWDHWKLALGFSVEQADGRITPPPFP
VLLWLWNSVKVAGISAIGIVALSTTCAYAFARMRFPGKATLLKGMLIFQMFPAVLSLVALYALFDRLGEYIPFIGLNTHG
GVIFAYLGGIALHVWTIKGYFETIDSSLEEAAALDGATPWQAFRLVLLPLSVPILAVVFILSFIAAITEVPVASLLLRDV
NSYTLAVGMQQYLNPQNYLWGDFAAAAVMSALPITIVFLLAQRWLVNGLTAGGVKG
;
G
4 'polypeptide(L)'
;MASVQLQNVTKAWGEVVVSKDINLDIHEGEFVVFVGPSGCGKSTLLRMIAGLETITSGDLFIGEKRMNDTPPAERGVGMV
FQSYALYPHLSVAENMSFGLKLAGAKKEVINQRVNQVAEVLQLAHLLDRKPKALSGGQRQRVAIGRTLVAEPSVFLLDEP
LSNLDAALRVQMRIEISRLHKRLGRTMIYVTHDQVEAMTLADKIVVLDAGRVAQVGKPLELYHYPADRFVAGFIGSPKMN
FLPVKVTATAIDQVQVELPMPNRQQVWLPVESRDVQVGANMSLGIRPEHLLPSDIADVILEGEVQVVEQLGNETQIHIQI
PSIRQNLVYRQNDVVLVEEGATFAIGLPPERCHLFREDGTACRRLHKEPGVASASHHHHHH
;
A,B
#
loop_
_chem_comp.id
_chem_comp.type
_chem_comp.name
_chem_comp.formula
ADP non-polymer ADENOSINE-5'-DIPHOSPHATE 'C10 H15 N5 O10 P2'
GLC D-saccharide, alpha linking alpha-D-glucopyranose 'C6 H12 O6'
MG non-polymer 'MAGNESIUM ION' 'Mg 2'
PGV non-polymer '(1R)-2-{[{[(2S)-2,3-DIHYDROXYPROPYL]OXY}(HYDROXY)PHOSPHORYL]OXY}-1-[(PALMITOYLOXY)METHYL]ETHYL (11E)-OCTADEC-11-ENOATE' 'C40 H77 O10 P'
UMQ non-polymer UNDECYL-MALTOSIDE 'C23 H44 O11'
VO4 non-polymer 'VANADATE ION' 'O4 V -3'
#
# COMPACT_ATOMS: atom_id res chain seq x y z
N LYS A 1 0.91 -33.65 -27.18
CA LYS A 1 0.33 -34.39 -28.34
C LYS A 1 -0.37 -33.42 -29.30
N ILE A 2 0.22 -33.22 -30.48
CA ILE A 2 -0.41 -32.44 -31.55
C ILE A 2 -1.51 -33.30 -32.17
N GLU A 3 -2.65 -32.68 -32.48
CA GLU A 3 -3.82 -33.40 -32.98
C GLU A 3 -3.67 -33.83 -34.44
N GLU A 4 -4.01 -35.09 -34.71
CA GLU A 4 -3.96 -35.65 -36.06
C GLU A 4 -5.19 -35.26 -36.85
N GLY A 5 -5.01 -35.05 -38.16
CA GLY A 5 -6.15 -34.80 -39.06
C GLY A 5 -6.49 -33.34 -39.25
N LYS A 6 -5.57 -32.46 -38.86
CA LYS A 6 -5.71 -31.02 -39.07
C LYS A 6 -4.32 -30.39 -39.11
N LEU A 7 -4.24 -29.17 -39.65
CA LEU A 7 -2.98 -28.44 -39.66
C LEU A 7 -3.09 -27.13 -38.91
N VAL A 8 -2.24 -26.97 -37.89
CA VAL A 8 -2.12 -25.71 -37.18
C VAL A 8 -0.86 -25.00 -37.69
N ILE A 9 -1.04 -23.75 -38.11
CA ILE A 9 0.05 -22.96 -38.65
C ILE A 9 0.27 -21.70 -37.83
N TRP A 10 1.54 -21.41 -37.54
CA TRP A 10 1.93 -20.16 -36.90
C TRP A 10 2.69 -19.28 -37.88
N ILE A 11 2.23 -18.04 -38.01
CA ILE A 11 2.87 -17.06 -38.88
C ILE A 11 2.79 -15.69 -38.18
N ASN A 12 3.75 -14.81 -38.43
CA ASN A 12 3.77 -13.50 -37.77
C ASN A 12 2.65 -12.59 -38.24
N GLY A 13 2.18 -11.72 -37.35
CA GLY A 13 1.02 -10.88 -37.59
C GLY A 13 1.15 -9.78 -38.64
N ASP A 14 2.33 -9.66 -39.26
CA ASP A 14 2.52 -8.69 -40.34
C ASP A 14 2.64 -9.38 -41.71
N LYS A 15 2.44 -10.69 -41.72
CA LYS A 15 2.33 -11.46 -42.96
C LYS A 15 0.85 -11.61 -43.32
N GLY A 16 0.58 -12.04 -44.54
CA GLY A 16 -0.79 -12.18 -45.02
C GLY A 16 -1.48 -13.44 -44.53
N TYR A 17 -1.79 -13.47 -43.23
CA TYR A 17 -2.36 -14.67 -42.62
C TYR A 17 -3.79 -14.98 -43.08
N ASN A 18 -4.54 -13.93 -43.44
CA ASN A 18 -5.87 -14.10 -44.02
C ASN A 18 -5.81 -14.74 -45.41
N GLY A 19 -4.75 -14.40 -46.16
CA GLY A 19 -4.47 -15.02 -47.44
C GLY A 19 -4.12 -16.48 -47.27
N LEU A 20 -3.28 -16.76 -46.26
CA LEU A 20 -2.83 -18.12 -45.96
C LEU A 20 -3.98 -19.03 -45.54
N ALA A 21 -4.96 -18.44 -44.84
CA ALA A 21 -6.15 -19.17 -44.43
C ALA A 21 -7.01 -19.58 -45.63
N GLU A 22 -7.03 -18.73 -46.65
CA GLU A 22 -7.79 -19.01 -47.88
C GLU A 22 -7.11 -20.07 -48.74
N VAL A 23 -5.78 -20.12 -48.71
CA VAL A 23 -5.02 -21.24 -49.29
C VAL A 23 -5.36 -22.53 -48.52
N GLY A 24 -5.49 -22.42 -47.20
CA GLY A 24 -5.88 -23.55 -46.36
C GLY A 24 -7.33 -23.98 -46.57
N LYS A 25 -8.18 -23.06 -46.99
CA LYS A 25 -9.58 -23.35 -47.29
C LYS A 25 -9.72 -24.14 -48.59
N LYS A 26 -8.79 -23.91 -49.51
CA LYS A 26 -8.71 -24.69 -50.75
C LYS A 26 -8.18 -26.09 -50.44
N PHE A 27 -7.15 -26.15 -49.58
CA PHE A 27 -6.58 -27.42 -49.12
C PHE A 27 -7.65 -28.29 -48.47
N GLU A 28 -8.43 -27.71 -47.57
CA GLU A 28 -9.55 -28.39 -46.93
C GLU A 28 -10.59 -28.90 -47.94
N LYS A 29 -10.87 -28.10 -48.96
CA LYS A 29 -11.84 -28.49 -49.98
C LYS A 29 -11.39 -29.74 -50.75
N ASP A 30 -10.07 -29.89 -50.94
CA ASP A 30 -9.51 -31.02 -51.66
C ASP A 30 -9.09 -32.21 -50.79
N THR A 31 -8.95 -32.00 -49.48
CA THR A 31 -8.43 -33.03 -48.57
C THR A 31 -9.39 -33.40 -47.44
N GLY A 32 -10.23 -32.46 -47.03
CA GLY A 32 -11.08 -32.63 -45.85
C GLY A 32 -10.35 -32.26 -44.57
N ILE A 33 -9.09 -31.88 -44.70
CA ILE A 33 -8.25 -31.50 -43.58
C ILE A 33 -8.36 -29.99 -43.30
N LYS A 34 -8.90 -29.68 -42.13
CA LYS A 34 -9.06 -28.29 -41.69
C LYS A 34 -7.69 -27.67 -41.36
N VAL A 35 -7.48 -26.44 -41.83
CA VAL A 35 -6.24 -25.70 -41.60
C VAL A 35 -6.51 -24.45 -40.79
N THR A 36 -5.86 -24.34 -39.64
CA THR A 36 -6.01 -23.19 -38.75
C THR A 36 -4.70 -22.40 -38.69
N VAL A 37 -4.80 -21.12 -39.05
CA VAL A 37 -3.66 -20.23 -39.06
C VAL A 37 -3.74 -19.31 -37.84
N GLU A 38 -2.64 -19.24 -37.09
CA GLU A 38 -2.56 -18.39 -35.92
C GLU A 38 -1.37 -17.44 -36.03
N HIS A 39 -1.49 -16.30 -35.37
CA HIS A 39 -0.41 -15.32 -35.32
C HIS A 39 -0.19 -14.80 -33.89
N PRO A 40 0.22 -15.70 -32.97
CA PRO A 40 0.40 -15.26 -31.60
C PRO A 40 1.62 -14.36 -31.44
N ASP A 41 1.55 -13.45 -30.48
CA ASP A 41 2.66 -12.59 -30.09
C ASP A 41 3.84 -13.48 -29.72
N LYS A 42 5.03 -13.04 -30.08
CA LYS A 42 6.28 -13.73 -29.74
C LYS A 42 6.25 -15.23 -30.03
N LEU A 43 5.78 -15.57 -31.24
CA LEU A 43 5.68 -16.99 -31.65
C LEU A 43 7.06 -17.64 -31.75
N GLU A 44 8.07 -16.83 -32.07
CA GLU A 44 9.45 -17.30 -32.15
C GLU A 44 10.01 -17.72 -30.79
N GLU A 45 9.43 -17.18 -29.70
CA GLU A 45 9.79 -17.59 -28.35
C GLU A 45 8.87 -18.67 -27.83
N LYS A 46 7.59 -18.58 -28.18
CA LYS A 46 6.58 -19.56 -27.76
C LYS A 46 6.88 -20.95 -28.32
N PHE A 47 7.21 -21.01 -29.60
CA PHE A 47 7.46 -22.27 -30.31
C PHE A 47 8.47 -23.22 -29.64
N PRO A 48 9.70 -22.73 -29.32
CA PRO A 48 10.69 -23.59 -28.67
C PRO A 48 10.16 -24.28 -27.42
N GLN A 49 9.35 -23.56 -26.65
CA GLN A 49 8.83 -24.05 -25.37
C GLN A 49 7.71 -25.07 -25.53
N VAL A 50 6.74 -24.77 -26.39
CA VAL A 50 5.62 -25.69 -26.63
C VAL A 50 6.05 -26.94 -27.40
N ALA A 51 6.94 -26.77 -28.39
CA ALA A 51 7.39 -27.88 -29.23
C ALA A 51 8.30 -28.86 -28.49
N ALA A 52 9.05 -28.36 -27.51
CA ALA A 52 9.92 -29.20 -26.69
C ALA A 52 9.15 -30.32 -26.00
N THR A 53 7.92 -30.03 -25.60
CA THR A 53 7.06 -31.01 -24.95
C THR A 53 6.19 -31.78 -25.96
N GLY A 54 6.48 -31.60 -27.24
CA GLY A 54 5.75 -32.30 -28.30
C GLY A 54 4.40 -31.66 -28.62
N ASP A 55 4.29 -30.35 -28.41
CA ASP A 55 3.08 -29.61 -28.76
C ASP A 55 3.41 -28.54 -29.81
N GLY A 56 2.54 -27.53 -29.89
CA GLY A 56 2.74 -26.43 -30.83
C GLY A 56 2.13 -26.69 -32.20
N PRO A 57 2.36 -25.75 -33.15
CA PRO A 57 1.80 -25.86 -34.48
C PRO A 57 2.51 -26.93 -35.30
N ASP A 58 1.84 -27.43 -36.33
CA ASP A 58 2.45 -28.38 -37.25
C ASP A 58 3.46 -27.67 -38.15
N ILE A 59 3.14 -26.43 -38.54
CA ILE A 59 4.00 -25.63 -39.40
C ILE A 59 4.27 -24.25 -38.76
N ILE A 60 5.54 -23.86 -38.73
CA ILE A 60 5.91 -22.53 -38.27
C ILE A 60 6.56 -21.71 -39.37
N PHE A 61 6.04 -20.48 -39.57
CA PHE A 61 6.63 -19.52 -40.49
C PHE A 61 7.41 -18.44 -39.75
N TRP A 62 8.70 -18.36 -40.05
CA TRP A 62 9.57 -17.32 -39.48
C TRP A 62 10.81 -17.17 -40.38
N ALA A 63 11.66 -16.20 -40.07
CA ALA A 63 12.90 -16.01 -40.81
C ALA A 63 13.89 -17.14 -40.53
N HIS A 64 14.64 -17.52 -41.55
CA HIS A 64 15.51 -18.70 -41.54
C HIS A 64 16.55 -18.75 -40.40
N ASP A 65 17.07 -17.59 -40.03
CA ASP A 65 18.16 -17.50 -39.03
C ASP A 65 17.82 -18.12 -37.68
N ARG A 66 16.54 -18.17 -37.35
CA ARG A 66 16.06 -18.73 -36.09
C ARG A 66 15.91 -20.26 -36.20
N PHE A 67 15.78 -20.75 -37.43
CA PHE A 67 15.53 -22.17 -37.69
C PHE A 67 16.75 -23.06 -37.49
N GLY A 68 17.94 -22.45 -37.52
CA GLY A 68 19.17 -23.16 -37.20
C GLY A 68 19.18 -23.59 -35.74
N GLY A 69 18.68 -22.70 -34.88
CA GLY A 69 18.54 -22.97 -33.45
C GLY A 69 17.50 -24.03 -33.14
N TYR A 70 16.31 -23.91 -33.73
CA TYR A 70 15.24 -24.89 -33.55
C TYR A 70 15.67 -26.30 -33.96
N ALA A 71 16.39 -26.40 -35.07
CA ALA A 71 16.86 -27.69 -35.60
C ALA A 71 17.86 -28.37 -34.67
N GLN A 72 18.78 -27.57 -34.12
CA GLN A 72 19.76 -28.06 -33.15
C GLN A 72 19.06 -28.54 -31.88
N SER A 73 18.01 -27.83 -31.47
CA SER A 73 17.17 -28.23 -30.34
C SER A 73 16.37 -29.51 -30.60
N GLY A 74 16.24 -29.88 -31.87
CA GLY A 74 15.50 -31.07 -32.27
C GLY A 74 14.01 -30.84 -32.36
N LEU A 75 13.63 -29.72 -32.98
CA LEU A 75 12.23 -29.31 -33.05
C LEU A 75 11.67 -29.31 -34.48
N LEU A 76 12.56 -29.39 -35.46
CA LEU A 76 12.13 -29.36 -36.85
C LEU A 76 12.40 -30.68 -37.55
N ALA A 77 11.41 -31.16 -38.28
CA ALA A 77 11.55 -32.35 -39.11
C ALA A 77 12.42 -32.05 -40.33
N GLU A 78 13.22 -33.02 -40.74
CA GLU A 78 14.03 -32.92 -41.94
C GLU A 78 13.13 -33.15 -43.16
N ILE A 79 13.02 -32.12 -44.01
CA ILE A 79 12.14 -32.17 -45.17
C ILE A 79 12.81 -32.84 -46.38
N THR A 80 12.00 -33.43 -47.24
CA THR A 80 12.52 -34.14 -48.41
C THR A 80 11.79 -33.80 -49.72
N PRO A 81 12.01 -32.58 -50.26
CA PRO A 81 11.54 -32.34 -51.62
C PRO A 81 12.53 -32.90 -52.64
N ASP A 82 12.03 -33.39 -53.77
CA ASP A 82 12.86 -33.97 -54.82
C ASP A 82 13.61 -32.90 -55.61
N LYS A 83 14.48 -33.34 -56.52
CA LYS A 83 15.27 -32.45 -57.36
C LYS A 83 14.37 -31.55 -58.23
N ALA A 84 13.24 -32.10 -58.67
CA ALA A 84 12.28 -31.37 -59.49
C ALA A 84 11.62 -30.20 -58.75
N PHE A 85 11.36 -30.36 -57.46
CA PHE A 85 10.79 -29.29 -56.66
C PHE A 85 11.82 -28.20 -56.34
N GLN A 86 13.03 -28.63 -56.01
CA GLN A 86 14.13 -27.71 -55.69
C GLN A 86 14.52 -26.81 -56.88
N ASP A 87 14.22 -27.27 -58.09
CA ASP A 87 14.44 -26.48 -59.31
C ASP A 87 13.55 -25.25 -59.40
N LYS A 88 12.36 -25.33 -58.78
CA LYS A 88 11.38 -24.25 -58.82
C LYS A 88 11.80 -23.02 -58.01
N LEU A 89 12.70 -23.21 -57.05
CA LEU A 89 13.15 -22.09 -56.20
C LEU A 89 14.60 -21.70 -56.49
N TYR A 90 14.95 -20.46 -56.15
CA TYR A 90 16.31 -19.96 -56.30
C TYR A 90 17.28 -20.76 -55.43
N PRO A 91 18.38 -21.27 -56.02
CA PRO A 91 19.29 -22.23 -55.37
C PRO A 91 19.93 -21.70 -54.08
N PHE A 92 20.13 -20.40 -54.00
CA PHE A 92 20.78 -19.78 -52.83
C PHE A 92 19.88 -19.76 -51.59
N THR A 93 18.56 -19.80 -51.81
CA THR A 93 17.61 -19.84 -50.70
C THR A 93 17.62 -21.20 -50.01
N TRP A 94 17.95 -22.25 -50.77
CA TRP A 94 18.09 -23.59 -50.21
C TRP A 94 19.30 -23.70 -49.29
N ASP A 95 20.29 -22.83 -49.50
CA ASP A 95 21.48 -22.77 -48.65
C ASP A 95 21.16 -22.17 -47.29
N ALA A 96 20.15 -21.31 -47.26
CA ALA A 96 19.74 -20.61 -46.04
C ALA A 96 19.05 -21.54 -45.05
N VAL A 97 18.36 -22.54 -45.57
CA VAL A 97 17.55 -23.45 -44.75
C VAL A 97 18.22 -24.82 -44.54
N ARG A 98 19.55 -24.80 -44.41
CA ARG A 98 20.33 -26.02 -44.22
C ARG A 98 21.04 -26.09 -42.87
N TYR A 99 20.59 -27.01 -42.01
CA TYR A 99 21.28 -27.31 -40.76
C TYR A 99 22.02 -28.64 -40.89
N ASN A 100 23.33 -28.59 -40.63
CA ASN A 100 24.23 -29.75 -40.81
C ASN A 100 24.12 -30.41 -42.18
N GLY A 101 24.05 -29.56 -43.22
CA GLY A 101 23.97 -30.03 -44.60
C GLY A 101 22.65 -30.63 -45.01
N LYS A 102 21.63 -30.47 -44.16
CA LYS A 102 20.30 -31.03 -44.41
C LYS A 102 19.24 -29.94 -44.42
N LEU A 103 18.30 -30.06 -45.36
CA LEU A 103 17.19 -29.11 -45.48
C LEU A 103 16.22 -29.27 -44.32
N ILE A 104 15.82 -28.14 -43.73
CA ILE A 104 14.94 -28.15 -42.55
C ILE A 104 13.73 -27.21 -42.65
N ALA A 105 13.58 -26.57 -43.82
CA ALA A 105 12.46 -25.64 -44.05
C ALA A 105 12.29 -25.28 -45.53
N TYR A 106 11.08 -24.90 -45.90
CA TYR A 106 10.76 -24.46 -47.26
C TYR A 106 10.83 -22.94 -47.38
N PRO A 107 11.76 -22.42 -48.21
CA PRO A 107 11.84 -20.97 -48.42
C PRO A 107 10.56 -20.42 -49.04
N ILE A 108 10.16 -19.22 -48.63
CA ILE A 108 8.91 -18.63 -49.08
C ILE A 108 9.18 -17.28 -49.73
N ALA A 109 9.76 -16.36 -48.96
CA ALA A 109 10.05 -15.02 -49.46
C ALA A 109 11.48 -14.60 -49.12
N VAL A 110 11.91 -13.51 -49.75
CA VAL A 110 13.27 -13.00 -49.61
C VAL A 110 13.20 -11.52 -49.24
N GLU A 111 14.08 -11.10 -48.32
CA GLU A 111 14.07 -9.74 -47.80
C GLU A 111 15.50 -9.19 -47.69
N ALA A 112 15.71 -8.01 -48.25
CA ALA A 112 17.01 -7.33 -48.18
C ALA A 112 16.87 -5.81 -48.27
N LEU A 113 17.87 -5.09 -47.76
CA LEU A 113 17.91 -3.62 -47.86
C LEU A 113 18.17 -3.16 -49.29
N SER A 114 17.46 -2.12 -49.70
CA SER A 114 17.64 -1.50 -51.01
C SER A 114 17.83 0.01 -50.91
N LEU A 115 18.33 0.61 -51.98
CA LEU A 115 18.49 2.06 -52.05
C LEU A 115 17.19 2.71 -52.51
N ILE A 116 16.65 3.57 -51.66
CA ILE A 116 15.44 4.32 -51.96
C ILE A 116 15.81 5.78 -52.21
N TYR A 117 15.30 6.36 -53.28
CA TYR A 117 15.63 7.74 -53.66
C TYR A 117 14.39 8.54 -54.07
N ASN A 118 14.46 9.85 -53.87
CA ASN A 118 13.41 10.78 -54.30
C ASN A 118 13.65 11.18 -55.74
N LYS A 119 12.68 10.88 -56.61
CA LYS A 119 12.79 11.17 -58.05
C LYS A 119 12.78 12.66 -58.35
N ASP A 120 12.06 13.43 -57.54
CA ASP A 120 11.91 14.88 -57.74
C ASP A 120 13.18 15.65 -57.40
N LEU A 121 13.93 15.16 -56.40
CA LEU A 121 15.21 15.77 -56.01
C LEU A 121 16.36 15.14 -56.80
N LEU A 122 16.28 13.84 -57.02
CA LEU A 122 17.33 13.10 -57.70
C LEU A 122 16.75 12.19 -58.79
N PRO A 123 16.82 12.65 -60.06
CA PRO A 123 16.27 11.89 -61.19
C PRO A 123 17.05 10.61 -61.47
N ASN A 124 18.38 10.72 -61.46
CA ASN A 124 19.26 9.57 -61.66
C ASN A 124 20.05 9.22 -60.39
N PRO A 125 19.77 8.04 -59.81
CA PRO A 125 20.42 7.62 -58.57
C PRO A 125 21.89 7.21 -58.80
N PRO A 126 22.76 7.46 -57.81
CA PRO A 126 24.19 7.18 -57.96
C PRO A 126 24.51 5.69 -57.87
N LYS A 127 25.54 5.28 -58.60
CA LYS A 127 25.95 3.87 -58.66
C LYS A 127 27.02 3.55 -57.61
N THR A 128 27.66 4.60 -57.10
CA THR A 128 28.78 4.45 -56.16
C THR A 128 28.58 5.25 -54.87
N TRP A 129 29.22 4.79 -53.79
CA TRP A 129 29.26 5.52 -52.53
C TRP A 129 30.13 6.78 -52.63
N GLU A 130 31.19 6.70 -53.44
CA GLU A 130 32.12 7.82 -53.63
C GLU A 130 31.48 9.04 -54.30
N GLU A 131 30.33 8.82 -54.92
CA GLU A 131 29.58 9.84 -55.62
C GLU A 131 28.78 10.73 -54.66
N ILE A 132 28.47 10.18 -53.49
CA ILE A 132 27.64 10.85 -52.48
C ILE A 132 28.22 12.20 -51.98
N PRO A 133 29.48 12.21 -51.50
CA PRO A 133 30.03 13.46 -50.95
C PRO A 133 29.83 14.67 -51.87
N ALA A 134 30.16 14.51 -53.16
CA ALA A 134 29.97 15.57 -54.15
C ALA A 134 28.50 15.92 -54.36
N LEU A 135 27.63 14.90 -54.32
CA LEU A 135 26.19 15.08 -54.52
C LEU A 135 25.52 15.81 -53.35
N ASP A 136 25.98 15.53 -52.13
CA ASP A 136 25.45 16.20 -50.94
C ASP A 136 25.71 17.71 -50.98
N LYS A 137 26.85 18.10 -51.54
CA LYS A 137 27.25 19.51 -51.61
C LYS A 137 26.35 20.37 -52.48
N GLU A 138 25.83 19.80 -53.56
CA GLU A 138 24.92 20.53 -54.44
C GLU A 138 23.47 20.46 -53.97
N LEU A 139 23.18 19.51 -53.09
CA LEU A 139 21.88 19.42 -52.45
C LEU A 139 21.80 20.31 -51.21
N LYS A 140 22.95 20.58 -50.59
CA LYS A 140 23.03 21.47 -49.43
C LYS A 140 22.78 22.93 -49.79
N ALA A 141 23.01 23.29 -51.05
CA ALA A 141 22.75 24.64 -51.56
C ALA A 141 21.26 24.91 -51.67
N LYS A 142 20.46 23.86 -51.87
CA LYS A 142 19.01 23.96 -51.96
C LYS A 142 18.32 23.67 -50.63
N GLY A 143 19.11 23.44 -49.58
CA GLY A 143 18.60 23.18 -48.24
C GLY A 143 18.52 21.71 -47.88
N LYS A 144 18.46 20.86 -48.91
CA LYS A 144 18.30 19.42 -48.74
C LYS A 144 19.63 18.70 -48.45
N SER A 145 19.59 17.37 -48.43
CA SER A 145 20.78 16.55 -48.21
C SER A 145 20.69 15.28 -49.06
N ALA A 146 21.82 14.63 -49.29
CA ALA A 146 21.86 13.43 -50.13
C ALA A 146 21.30 12.19 -49.44
N LEU A 147 22.06 11.67 -48.47
CA LEU A 147 21.79 10.38 -47.87
C LEU A 147 21.57 10.44 -46.36
N MET A 148 20.45 9.85 -45.93
CA MET A 148 20.16 9.69 -44.51
C MET A 148 19.60 8.29 -44.25
N PHE A 149 20.32 7.51 -43.45
CA PHE A 149 19.84 6.20 -43.02
C PHE A 149 20.21 5.90 -41.56
N ASN A 150 19.74 4.76 -41.06
CA ASN A 150 19.97 4.37 -39.67
C ASN A 150 21.42 3.96 -39.41
N LEU A 151 22.17 4.87 -38.79
CA LEU A 151 23.58 4.62 -38.47
C LEU A 151 23.79 3.86 -37.16
N GLN A 152 22.76 3.84 -36.31
CA GLN A 152 22.86 3.23 -34.97
C GLN A 152 22.92 1.70 -35.01
N GLU A 153 22.13 1.10 -35.90
CA GLU A 153 22.03 -0.36 -35.99
C GLU A 153 22.86 -0.93 -37.14
N PRO A 154 23.74 -1.91 -36.84
CA PRO A 154 24.73 -2.46 -37.77
C PRO A 154 24.12 -3.15 -38.99
N TYR A 155 22.87 -3.59 -38.86
CA TYR A 155 22.11 -4.15 -39.96
C TYR A 155 22.06 -3.19 -41.14
N PHE A 156 21.86 -1.91 -40.85
CA PHE A 156 21.75 -0.86 -41.87
C PHE A 156 23.10 -0.38 -42.41
N THR A 157 24.16 -0.50 -41.61
CA THR A 157 25.48 0.00 -41.98
C THR A 157 26.39 -1.08 -42.55
N TRP A 158 26.03 -2.34 -42.30
CA TRP A 158 26.80 -3.49 -42.77
C TRP A 158 27.04 -3.60 -44.28
N PRO A 159 26.03 -3.27 -45.12
CA PRO A 159 26.24 -3.37 -46.57
C PRO A 159 27.51 -2.69 -47.08
N LEU A 160 27.81 -1.50 -46.57
CA LEU A 160 29.00 -0.75 -46.94
C LEU A 160 30.28 -1.35 -46.34
N ILE A 161 30.17 -1.84 -45.10
CA ILE A 161 31.29 -2.44 -44.38
C ILE A 161 31.67 -3.80 -44.97
N ALA A 162 30.71 -4.43 -45.64
CA ALA A 162 30.90 -5.77 -46.20
C ALA A 162 31.35 -5.79 -47.67
N ALA A 163 31.26 -4.61 -48.32
CA ALA A 163 31.52 -4.50 -49.75
C ALA A 163 32.95 -4.87 -50.16
N ASP A 164 33.94 -4.33 -49.44
CA ASP A 164 35.36 -4.53 -49.80
C ASP A 164 35.98 -5.80 -49.19
N GLY A 165 35.16 -6.61 -48.53
CA GLY A 165 35.62 -7.89 -48.01
C GLY A 165 35.28 -8.18 -46.56
N GLY A 166 34.32 -7.44 -46.00
CA GLY A 166 33.83 -7.69 -44.66
C GLY A 166 32.83 -8.82 -44.63
N TYR A 167 32.90 -9.66 -43.60
CA TYR A 167 31.96 -10.77 -43.41
C TYR A 167 31.82 -11.18 -41.95
N ALA A 168 30.70 -11.81 -41.63
CA ALA A 168 30.44 -12.29 -40.27
C ALA A 168 31.28 -13.53 -39.96
N PHE A 169 30.97 -14.62 -40.64
CA PHE A 169 31.72 -15.87 -40.51
C PHE A 169 31.93 -16.45 -41.91
N LYS A 170 33.10 -17.04 -42.13
CA LYS A 170 33.44 -17.59 -43.45
C LYS A 170 32.54 -18.78 -43.80
N TYR A 171 31.68 -18.56 -44.80
CA TYR A 171 30.79 -19.59 -45.30
C TYR A 171 31.48 -20.34 -46.44
N GLU A 172 32.18 -21.41 -46.08
CA GLU A 172 33.00 -22.18 -47.03
C GLU A 172 32.15 -22.91 -48.06
N ASN A 173 31.58 -24.05 -47.65
CA ASN A 173 30.73 -24.87 -48.53
C ASN A 173 29.67 -25.63 -47.73
N GLY A 174 28.77 -24.89 -47.11
CA GLY A 174 27.72 -25.46 -46.26
C GLY A 174 27.99 -25.24 -44.78
N LYS A 175 29.22 -25.52 -44.36
CA LYS A 175 29.60 -25.38 -42.96
C LYS A 175 30.15 -23.98 -42.66
N TYR A 176 29.57 -23.33 -41.65
CA TYR A 176 30.05 -22.04 -41.17
C TYR A 176 31.27 -22.21 -40.28
N ASP A 177 32.37 -21.58 -40.66
CA ASP A 177 33.58 -21.60 -39.86
C ASP A 177 33.44 -20.63 -38.69
N ILE A 178 33.25 -21.19 -37.50
CA ILE A 178 33.05 -20.40 -36.27
C ILE A 178 34.30 -19.63 -35.86
N LYS A 179 35.47 -20.14 -36.24
CA LYS A 179 36.75 -19.54 -35.84
C LYS A 179 37.33 -18.61 -36.92
N ASP A 180 36.52 -18.28 -37.92
CA ASP A 180 36.94 -17.41 -39.02
C ASP A 180 36.00 -16.20 -39.14
N VAL A 181 36.28 -15.17 -38.34
CA VAL A 181 35.48 -13.94 -38.33
C VAL A 181 36.20 -12.86 -39.14
N GLY A 182 35.44 -12.11 -39.94
CA GLY A 182 36.02 -11.10 -40.83
C GLY A 182 35.51 -9.68 -40.64
N VAL A 183 35.57 -9.19 -39.40
CA VAL A 183 35.24 -7.79 -39.12
C VAL A 183 36.50 -6.96 -38.85
N ASP A 184 37.65 -7.61 -38.90
CA ASP A 184 38.94 -6.98 -38.59
C ASP A 184 39.72 -6.61 -39.86
N ASN A 185 39.52 -7.40 -40.92
CA ASN A 185 40.31 -7.26 -42.16
C ASN A 185 40.15 -5.93 -42.89
N ALA A 186 41.02 -5.70 -43.87
CA ALA A 186 41.08 -4.43 -44.62
C ALA A 186 39.77 -4.03 -45.28
N GLY A 187 38.97 -5.02 -45.68
CA GLY A 187 37.67 -4.77 -46.29
C GLY A 187 36.66 -4.10 -45.36
N ALA A 188 36.69 -4.52 -44.09
CA ALA A 188 35.82 -3.94 -43.08
C ALA A 188 36.27 -2.53 -42.68
N LYS A 189 37.58 -2.36 -42.56
CA LYS A 189 38.19 -1.09 -42.16
C LYS A 189 37.85 0.04 -43.14
N ALA A 190 38.02 -0.23 -44.43
CA ALA A 190 37.77 0.76 -45.47
C ALA A 190 36.29 1.12 -45.60
N GLY A 191 35.42 0.15 -45.34
CA GLY A 191 33.98 0.38 -45.33
C GLY A 191 33.55 1.31 -44.22
N LEU A 192 34.08 1.08 -43.03
CA LEU A 192 33.76 1.92 -41.87
C LEU A 192 34.47 3.27 -41.90
N THR A 193 35.66 3.31 -42.51
CA THR A 193 36.41 4.57 -42.67
C THR A 193 35.64 5.55 -43.57
N PHE A 194 35.01 5.02 -44.61
CA PHE A 194 34.22 5.84 -45.53
C PHE A 194 32.95 6.36 -44.87
N LEU A 195 32.34 5.53 -44.02
CA LEU A 195 31.17 5.92 -43.25
C LEU A 195 31.50 7.03 -42.26
N VAL A 196 32.62 6.87 -41.55
CA VAL A 196 33.10 7.86 -40.59
C VAL A 196 33.41 9.20 -41.27
N ASP A 197 34.00 9.13 -42.46
CA ASP A 197 34.37 10.32 -43.23
C ASP A 197 33.16 11.10 -43.76
N LEU A 198 32.05 10.41 -44.00
CA LEU A 198 30.79 11.06 -44.37
C LEU A 198 30.23 11.87 -43.20
N ILE A 199 30.44 11.39 -41.99
CA ILE A 199 30.08 12.12 -40.77
C ILE A 199 31.07 13.25 -40.51
N LYS A 200 32.36 12.97 -40.72
CA LYS A 200 33.43 13.96 -40.57
C LYS A 200 33.24 15.17 -41.47
N ASN A 201 32.74 14.94 -42.68
CA ASN A 201 32.50 16.01 -43.65
C ASN A 201 31.05 16.51 -43.65
N LYS A 202 30.33 16.18 -42.58
CA LYS A 202 28.95 16.65 -42.34
C LYS A 202 27.93 16.30 -43.43
N HIS A 203 28.16 15.18 -44.12
CA HIS A 203 27.19 14.67 -45.09
C HIS A 203 26.16 13.80 -44.38
N MET A 204 26.57 13.23 -43.25
CA MET A 204 25.68 12.48 -42.35
C MET A 204 25.98 12.85 -40.89
N ASN A 205 25.08 12.46 -39.99
CA ASN A 205 25.26 12.72 -38.56
C ASN A 205 25.42 11.42 -37.75
N ALA A 206 26.38 11.43 -36.82
CA ALA A 206 26.76 10.25 -36.04
C ALA A 206 25.62 9.60 -35.27
N ASP A 207 24.67 10.41 -34.80
CA ASP A 207 23.55 9.89 -34.04
C ASP A 207 22.22 9.95 -34.81
N THR A 208 22.28 9.54 -36.08
CA THR A 208 21.08 9.40 -36.90
C THR A 208 20.51 7.99 -36.72
N ASP A 209 19.24 7.89 -36.33
CA ASP A 209 18.60 6.58 -36.13
C ASP A 209 17.49 6.32 -37.15
N TYR A 210 16.77 5.22 -36.96
CA TYR A 210 15.72 4.81 -37.90
C TYR A 210 14.62 5.87 -38.02
N SER A 211 14.13 6.36 -36.88
CA SER A 211 13.02 7.31 -36.84
C SER A 211 13.36 8.62 -37.54
N ILE A 212 14.53 9.17 -37.24
CA ILE A 212 14.99 10.44 -37.81
C ILE A 212 15.20 10.35 -39.33
N ALA A 213 15.74 9.22 -39.79
CA ALA A 213 16.00 9.00 -41.21
C ALA A 213 14.71 8.80 -42.00
N GLU A 214 13.79 8.01 -41.45
CA GLU A 214 12.51 7.73 -42.11
C GLU A 214 11.64 8.98 -42.23
N ALA A 215 11.67 9.82 -41.19
CA ALA A 215 10.92 11.08 -41.20
C ALA A 215 11.50 12.07 -42.22
N ALA A 216 12.83 12.08 -42.33
CA ALA A 216 13.53 12.99 -43.23
C ALA A 216 13.25 12.68 -44.70
N PHE A 217 13.13 11.40 -45.04
CA PHE A 217 12.83 11.02 -46.41
C PHE A 217 11.36 11.25 -46.75
N ASN A 218 10.47 10.90 -45.81
CA ASN A 218 9.03 11.02 -46.04
C ASN A 218 8.53 12.47 -46.11
N LYS A 219 9.30 13.38 -45.52
CA LYS A 219 8.99 14.82 -45.58
C LYS A 219 9.69 15.50 -46.75
N GLY A 220 10.54 14.74 -47.43
CA GLY A 220 11.26 15.23 -48.61
C GLY A 220 12.44 16.12 -48.27
N GLU A 221 13.07 15.86 -47.12
CA GLU A 221 14.23 16.62 -46.68
C GLU A 221 15.54 16.04 -47.22
N THR A 222 15.60 14.72 -47.29
CA THR A 222 16.76 14.04 -47.84
C THR A 222 16.44 13.34 -49.17
N ALA A 223 17.42 13.35 -50.08
CA ALA A 223 17.23 12.84 -51.43
C ALA A 223 17.14 11.33 -51.50
N MET A 224 17.79 10.64 -50.58
CA MET A 224 17.78 9.17 -50.53
C MET A 224 17.94 8.58 -49.15
N THR A 225 17.50 7.33 -49.01
CA THR A 225 17.61 6.57 -47.77
C THR A 225 17.87 5.08 -48.05
N ILE A 226 18.28 4.36 -47.01
CA ILE A 226 18.49 2.92 -47.10
C ILE A 226 17.52 2.23 -46.14
N ASN A 227 16.59 1.46 -46.71
CA ASN A 227 15.57 0.76 -45.91
C ASN A 227 15.00 -0.44 -46.66
N GLY A 228 14.28 -1.30 -45.94
CA GLY A 228 13.68 -2.50 -46.52
C GLY A 228 12.25 -2.32 -46.99
N PRO A 229 11.63 -3.39 -47.52
CA PRO A 229 10.27 -3.37 -48.10
C PRO A 229 9.15 -3.05 -47.11
N TRP A 230 9.44 -3.15 -45.81
CA TRP A 230 8.47 -2.83 -44.77
C TRP A 230 8.17 -1.33 -44.71
N ALA A 231 9.07 -0.52 -45.29
CA ALA A 231 8.98 0.93 -45.21
C ALA A 231 8.26 1.58 -46.40
N TRP A 232 7.82 0.77 -47.35
CA TRP A 232 7.22 1.30 -48.57
C TRP A 232 5.84 1.93 -48.37
N SER A 233 5.01 1.32 -47.53
CA SER A 233 3.65 1.83 -47.30
C SER A 233 3.63 3.21 -46.64
N ASN A 234 4.62 3.48 -45.78
CA ASN A 234 4.81 4.81 -45.21
C ASN A 234 5.05 5.86 -46.29
N ILE A 235 5.90 5.53 -47.26
CA ILE A 235 6.25 6.44 -48.34
C ILE A 235 5.07 6.62 -49.31
N ASP A 236 4.28 5.56 -49.49
CA ASP A 236 3.05 5.62 -50.30
C ASP A 236 2.05 6.63 -49.73
N THR A 237 1.92 6.68 -48.40
CA THR A 237 1.04 7.62 -47.71
C THR A 237 1.58 9.06 -47.81
N SER A 238 2.91 9.17 -47.82
CA SER A 238 3.60 10.46 -47.92
C SER A 238 3.51 11.05 -49.33
N LYS A 239 3.22 10.18 -50.31
CA LYS A 239 3.10 10.55 -51.72
C LYS A 239 4.39 11.12 -52.32
N VAL A 240 5.51 10.81 -51.69
CA VAL A 240 6.84 11.13 -52.21
C VAL A 240 7.09 10.29 -53.45
N ASN A 241 7.33 10.95 -54.58
CA ASN A 241 7.63 10.27 -55.84
C ASN A 241 8.97 9.57 -55.76
N TYR A 242 8.95 8.28 -55.42
CA TYR A 242 10.16 7.55 -55.05
C TYR A 242 10.43 6.33 -55.92
N GLY A 243 11.70 5.96 -55.99
CA GLY A 243 12.14 4.74 -56.66
C GLY A 243 12.95 3.85 -55.72
N VAL A 244 12.87 2.55 -55.94
CA VAL A 244 13.68 1.58 -55.22
C VAL A 244 14.65 0.94 -56.22
N THR A 245 15.94 1.06 -55.94
CA THR A 245 16.97 0.59 -56.86
C THR A 245 18.09 -0.17 -56.15
N VAL A 246 19.06 -0.67 -56.92
CA VAL A 246 20.24 -1.36 -56.40
C VAL A 246 21.06 -0.44 -55.49
N LEU A 247 21.64 -1.01 -54.44
CA LEU A 247 22.51 -0.26 -53.54
C LEU A 247 23.77 0.19 -54.26
N PRO A 248 24.31 1.38 -53.88
CA PRO A 248 25.53 1.86 -54.49
C PRO A 248 26.73 0.95 -54.19
N THR A 249 27.65 0.87 -55.15
CA THR A 249 28.85 0.05 -55.01
C THR A 249 29.92 0.80 -54.24
N PHE A 250 30.81 0.05 -53.57
CA PHE A 250 31.96 0.63 -52.90
C PHE A 250 33.24 0.01 -53.43
N LYS A 251 34.16 0.87 -53.88
CA LYS A 251 35.43 0.45 -54.48
C LYS A 251 35.25 -0.62 -55.56
N GLY A 252 34.24 -0.42 -56.42
CA GLY A 252 33.96 -1.34 -57.53
C GLY A 252 33.09 -2.53 -57.17
N GLN A 253 33.04 -2.86 -55.87
CA GLN A 253 32.31 -4.03 -55.39
C GLN A 253 30.96 -3.65 -54.79
N PRO A 254 29.93 -4.49 -55.03
CA PRO A 254 28.57 -4.20 -54.57
C PRO A 254 28.40 -4.27 -53.06
N SER A 255 27.48 -3.47 -52.52
CA SER A 255 27.08 -3.57 -51.12
C SER A 255 26.56 -4.97 -50.85
N LYS A 256 26.82 -5.47 -49.65
CA LYS A 256 26.37 -6.81 -49.27
C LYS A 256 25.44 -6.77 -48.05
N PRO A 257 24.15 -6.50 -48.30
CA PRO A 257 23.18 -6.49 -47.20
C PRO A 257 22.88 -7.91 -46.74
N PHE A 258 22.48 -8.06 -45.49
CA PHE A 258 22.05 -9.34 -44.98
C PHE A 258 20.73 -9.75 -45.62
N VAL A 259 20.56 -11.05 -45.85
CA VAL A 259 19.38 -11.57 -46.51
C VAL A 259 18.56 -12.38 -45.53
N GLY A 260 17.28 -12.05 -45.44
CA GLY A 260 16.34 -12.78 -44.60
C GLY A 260 15.37 -13.55 -45.46
N VAL A 261 15.37 -14.87 -45.30
CA VAL A 261 14.48 -15.75 -46.06
C VAL A 261 13.36 -16.28 -45.16
N LEU A 262 12.16 -15.76 -45.37
CA LEU A 262 10.97 -16.27 -44.68
C LEU A 262 10.80 -17.74 -45.05
N SER A 263 10.77 -18.60 -44.04
CA SER A 263 10.76 -20.04 -44.27
C SER A 263 9.64 -20.74 -43.52
N ALA A 264 9.31 -21.95 -43.97
CA ALA A 264 8.30 -22.76 -43.32
C ALA A 264 8.90 -24.08 -42.84
N GLY A 265 9.02 -24.23 -41.53
CA GLY A 265 9.48 -25.47 -40.93
C GLY A 265 8.31 -26.34 -40.52
N ILE A 266 8.54 -27.65 -40.50
CA ILE A 266 7.55 -28.59 -39.99
C ILE A 266 8.01 -29.08 -38.62
N ASN A 267 7.12 -28.98 -37.64
CA ASN A 267 7.38 -29.46 -36.29
C ASN A 267 7.78 -30.93 -36.30
N ALA A 268 8.88 -31.24 -35.62
CA ALA A 268 9.41 -32.61 -35.58
C ALA A 268 8.50 -33.60 -34.86
N ALA A 269 7.58 -33.08 -34.05
CA ALA A 269 6.66 -33.89 -33.26
C ALA A 269 5.28 -34.04 -33.89
N SER A 270 5.07 -33.45 -35.07
CA SER A 270 3.77 -33.47 -35.73
C SER A 270 3.43 -34.84 -36.33
N PRO A 271 2.20 -35.32 -36.11
CA PRO A 271 1.75 -36.56 -36.75
C PRO A 271 1.21 -36.31 -38.16
N ASN A 272 1.35 -35.08 -38.65
CA ASN A 272 0.80 -34.68 -39.94
C ASN A 272 1.88 -34.16 -40.91
N LYS A 273 3.05 -34.80 -40.88
CA LYS A 273 4.20 -34.39 -41.71
C LYS A 273 3.87 -34.44 -43.20
N GLU A 274 3.22 -35.53 -43.61
CA GLU A 274 2.87 -35.76 -45.00
C GLU A 274 1.73 -34.84 -45.47
N LEU A 275 0.86 -34.46 -44.53
CA LEU A 275 -0.19 -33.49 -44.81
C LEU A 275 0.41 -32.09 -44.99
N ALA A 276 1.35 -31.75 -44.11
CA ALA A 276 2.07 -30.48 -44.15
C ALA A 276 2.90 -30.35 -45.43
N LYS A 277 3.58 -31.43 -45.78
CA LYS A 277 4.38 -31.50 -47.01
C LYS A 277 3.54 -31.21 -48.25
N GLU A 278 2.36 -31.82 -48.33
CA GLU A 278 1.43 -31.62 -49.44
C GLU A 278 0.94 -30.17 -49.50
N PHE A 279 0.55 -29.63 -48.35
CA PHE A 279 0.10 -28.24 -48.26
C PHE A 279 1.20 -27.27 -48.73
N LEU A 280 2.41 -27.45 -48.21
CA LEU A 280 3.50 -26.53 -48.50
C LEU A 280 3.95 -26.62 -49.97
N GLU A 281 4.18 -27.84 -50.45
CA GLU A 281 4.73 -28.03 -51.79
C GLU A 281 3.73 -27.78 -52.92
N ASN A 282 2.55 -28.37 -52.81
CA ASN A 282 1.58 -28.37 -53.90
C ASN A 282 0.47 -27.34 -53.78
N TYR A 283 0.38 -26.67 -52.63
CA TYR A 283 -0.69 -25.69 -52.42
C TYR A 283 -0.17 -24.27 -52.22
N LEU A 284 0.74 -24.11 -51.26
CA LEU A 284 1.28 -22.78 -50.98
C LEU A 284 2.28 -22.34 -52.05
N LEU A 285 3.30 -23.17 -52.28
CA LEU A 285 4.39 -22.79 -53.16
C LEU A 285 4.06 -22.93 -54.64
N THR A 286 2.91 -22.36 -55.02
CA THR A 286 2.48 -22.24 -56.41
C THR A 286 2.13 -20.78 -56.66
N ASP A 287 2.09 -20.37 -57.93
CA ASP A 287 1.67 -19.02 -58.32
C ASP A 287 0.37 -18.59 -57.63
N GLU A 288 -0.62 -19.48 -57.65
CA GLU A 288 -1.96 -19.19 -57.10
C GLU A 288 -1.92 -19.05 -55.58
N GLY A 289 -1.14 -19.91 -54.93
CA GLY A 289 -1.02 -19.91 -53.48
C GLY A 289 -0.34 -18.66 -52.95
N LEU A 290 0.77 -18.29 -53.57
CA LEU A 290 1.51 -17.11 -53.15
C LEU A 290 0.77 -15.82 -53.49
N GLU A 291 0.00 -15.83 -54.58
CA GLU A 291 -0.83 -14.68 -54.98
C GLU A 291 -1.92 -14.39 -53.94
N ALA A 292 -2.40 -15.44 -53.28
CA ALA A 292 -3.43 -15.32 -52.25
C ALA A 292 -2.91 -14.61 -51.00
N VAL A 293 -1.68 -14.96 -50.60
CA VAL A 293 -1.05 -14.33 -49.44
CA VAL A 293 -1.02 -14.34 -49.44
C VAL A 293 -0.55 -12.92 -49.77
N ASN A 294 0.05 -12.76 -50.95
CA ASN A 294 0.57 -11.46 -51.40
C ASN A 294 -0.51 -10.39 -51.49
N LYS A 295 -1.71 -10.79 -51.91
CA LYS A 295 -2.86 -9.88 -52.05
C LYS A 295 -3.34 -9.38 -50.70
N ASP A 296 -3.24 -10.24 -49.68
CA ASP A 296 -3.60 -9.87 -48.32
C ASP A 296 -2.57 -8.85 -47.81
N LYS A 297 -1.32 -9.30 -47.66
CA LYS A 297 -0.20 -8.41 -47.35
C LYS A 297 0.98 -8.80 -48.24
N PRO A 298 1.58 -7.81 -48.93
CA PRO A 298 2.67 -8.07 -49.87
C PRO A 298 3.85 -8.81 -49.24
N LEU A 299 4.38 -9.78 -49.98
CA LEU A 299 5.48 -10.62 -49.51
C LEU A 299 6.84 -10.07 -49.93
N GLY A 300 6.82 -9.13 -50.87
CA GLY A 300 8.05 -8.61 -51.46
C GLY A 300 8.53 -9.55 -52.54
N ALA A 301 9.78 -9.98 -52.45
CA ALA A 301 10.35 -10.94 -53.39
C ALA A 301 10.17 -12.37 -52.88
N VAL A 302 9.55 -13.21 -53.69
CA VAL A 302 9.34 -14.61 -53.31
C VAL A 302 10.47 -15.52 -53.79
N ALA A 303 10.57 -16.70 -53.19
CA ALA A 303 11.59 -17.69 -53.56
C ALA A 303 11.21 -18.44 -54.84
N LEU A 304 9.92 -18.52 -55.13
CA LEU A 304 9.42 -19.23 -56.31
C LEU A 304 9.78 -18.49 -57.59
N LYS A 305 10.63 -19.12 -58.41
CA LYS A 305 11.10 -18.55 -59.67
C LYS A 305 9.97 -17.98 -60.53
N SER A 306 8.91 -18.78 -60.72
CA SER A 306 7.80 -18.43 -61.62
C SER A 306 7.00 -17.23 -61.14
N TYR A 307 6.69 -17.17 -59.84
CA TYR A 307 5.93 -16.06 -59.29
C TYR A 307 6.78 -14.80 -59.09
N GLU A 308 8.07 -15.00 -58.83
CA GLU A 308 9.02 -13.88 -58.70
C GLU A 308 9.13 -13.09 -60.01
N GLU A 309 9.12 -13.80 -61.13
CA GLU A 309 9.22 -13.17 -62.44
C GLU A 309 8.02 -12.28 -62.76
N GLU A 310 6.84 -12.66 -62.25
CA GLU A 310 5.64 -11.84 -62.39
C GLU A 310 5.69 -10.64 -61.43
N LEU A 311 6.19 -10.88 -60.21
CA LEU A 311 6.33 -9.81 -59.22
C LEU A 311 7.39 -8.78 -59.61
N ALA A 312 8.45 -9.24 -60.27
CA ALA A 312 9.59 -8.39 -60.65
C ALA A 312 9.26 -7.32 -61.69
N LYS A 313 8.05 -7.39 -62.26
CA LYS A 313 7.53 -6.34 -63.14
C LYS A 313 7.42 -5.01 -62.40
N ASP A 314 7.21 -5.10 -61.08
CA ASP A 314 7.36 -4.00 -60.16
C ASP A 314 8.86 -3.81 -59.91
N PRO A 315 9.41 -2.65 -60.31
CA PRO A 315 10.85 -2.35 -60.19
C PRO A 315 11.39 -2.41 -58.77
N ARG A 316 10.51 -2.19 -57.79
CA ARG A 316 10.89 -2.22 -56.38
C ARG A 316 11.19 -3.64 -55.92
N ILE A 317 10.35 -4.58 -56.34
CA ILE A 317 10.51 -5.99 -55.99
C ILE A 317 11.75 -6.58 -56.67
N ALA A 318 11.96 -6.18 -57.92
CA ALA A 318 13.15 -6.55 -58.68
C ALA A 318 14.43 -6.08 -58.00
N ALA A 319 14.41 -4.83 -57.52
CA ALA A 319 15.55 -4.25 -56.81
C ALA A 319 15.85 -4.98 -55.50
N THR A 320 14.80 -5.37 -54.78
CA THR A 320 14.94 -6.16 -53.55
C THR A 320 15.65 -7.48 -53.86
N MET A 321 15.18 -8.16 -54.90
CA MET A 321 15.74 -9.44 -55.34
C MET A 321 17.22 -9.31 -55.75
N GLU A 322 17.55 -8.22 -56.44
CA GLU A 322 18.91 -8.00 -56.90
C GLU A 322 19.89 -7.78 -55.74
N ASN A 323 19.50 -6.92 -54.79
CA ASN A 323 20.32 -6.67 -53.59
C ASN A 323 20.48 -7.89 -52.70
N ALA A 324 19.46 -8.75 -52.68
CA ALA A 324 19.49 -10.00 -51.94
C ALA A 324 20.51 -10.98 -52.53
N GLN A 325 20.53 -11.10 -53.85
CA GLN A 325 21.39 -12.04 -54.54
C GLN A 325 22.86 -11.60 -54.51
N LYS A 326 23.08 -10.28 -54.44
CA LYS A 326 24.43 -9.74 -54.31
C LYS A 326 24.85 -9.61 -52.85
N GLY A 327 23.92 -9.93 -51.95
CA GLY A 327 24.16 -9.83 -50.51
C GLY A 327 24.60 -11.12 -49.86
N GLU A 328 24.60 -11.11 -48.54
CA GLU A 328 25.03 -12.26 -47.74
C GLU A 328 23.83 -12.85 -46.99
N ILE A 329 23.68 -14.17 -47.07
CA ILE A 329 22.68 -14.88 -46.28
C ILE A 329 23.02 -14.73 -44.79
N MET A 330 22.02 -14.41 -43.98
CA MET A 330 22.17 -14.33 -42.54
C MET A 330 22.53 -15.72 -41.99
N PRO A 331 23.68 -15.82 -41.29
CA PRO A 331 24.09 -17.10 -40.72
C PRO A 331 23.12 -17.58 -39.65
N ASN A 332 22.71 -18.84 -39.74
CA ASN A 332 21.75 -19.44 -38.84
C ASN A 332 22.41 -20.13 -37.64
N ILE A 333 23.56 -19.61 -37.23
CA ILE A 333 24.32 -20.18 -36.12
C ILE A 333 24.21 -19.33 -34.85
N PRO A 334 24.22 -19.97 -33.65
CA PRO A 334 24.08 -19.27 -32.37
C PRO A 334 25.13 -18.18 -32.15
N GLN A 335 26.31 -18.35 -32.73
CA GLN A 335 27.42 -17.42 -32.57
C GLN A 335 27.17 -16.02 -33.14
N MET A 336 26.05 -15.86 -33.84
CA MET A 336 25.66 -14.56 -34.39
C MET A 336 25.22 -13.56 -33.32
N SER A 337 24.80 -14.06 -32.16
CA SER A 337 24.42 -13.22 -31.03
C SER A 337 25.55 -12.27 -30.63
N ALA A 338 26.74 -12.83 -30.47
CA ALA A 338 27.93 -12.05 -30.13
C ALA A 338 28.29 -11.05 -31.21
N PHE A 339 28.10 -11.45 -32.47
CA PHE A 339 28.37 -10.60 -33.62
C PHE A 339 27.60 -9.28 -33.53
N TRP A 340 26.30 -9.36 -33.29
CA TRP A 340 25.43 -8.19 -33.34
C TRP A 340 25.79 -7.07 -32.36
N TYR A 341 26.08 -7.42 -31.12
CA TYR A 341 26.46 -6.43 -30.11
C TYR A 341 27.84 -5.85 -30.37
N ALA A 342 28.81 -6.73 -30.62
CA ALA A 342 30.20 -6.32 -30.85
C ALA A 342 30.36 -5.39 -32.04
N VAL A 343 29.60 -5.67 -33.11
CA VAL A 343 29.64 -4.86 -34.32
C VAL A 343 28.89 -3.54 -34.15
N ARG A 344 27.74 -3.58 -33.48
CA ARG A 344 26.97 -2.38 -33.17
C ARG A 344 27.79 -1.39 -32.35
N THR A 345 28.51 -1.92 -31.36
CA THR A 345 29.40 -1.14 -30.50
C THR A 345 30.53 -0.49 -31.30
N ALA A 346 31.14 -1.28 -32.18
CA ALA A 346 32.26 -0.85 -33.01
C ALA A 346 31.96 0.39 -33.84
N VAL A 347 30.77 0.42 -34.45
CA VAL A 347 30.36 1.55 -35.30
C VAL A 347 30.06 2.81 -34.47
N ILE A 348 29.34 2.66 -33.37
CA ILE A 348 29.04 3.77 -32.45
C ILE A 348 30.33 4.42 -31.92
N ASN A 349 31.29 3.58 -31.53
CA ASN A 349 32.61 4.03 -31.08
C ASN A 349 33.37 4.81 -32.15
N ALA A 350 33.27 4.35 -33.40
CA ALA A 350 33.95 4.97 -34.53
C ALA A 350 33.28 6.26 -34.97
N ALA A 351 31.95 6.29 -34.97
CA ALA A 351 31.17 7.45 -35.42
C ALA A 351 31.20 8.62 -34.44
N SER A 352 31.08 8.34 -33.15
CA SER A 352 31.09 9.38 -32.12
C SER A 352 32.49 9.92 -31.86
N GLY A 353 33.51 9.13 -32.21
CA GLY A 353 34.91 9.53 -32.05
C GLY A 353 35.56 8.99 -30.78
N ARG A 354 34.89 8.01 -30.15
CA ARG A 354 35.43 7.36 -28.95
C ARG A 354 36.66 6.51 -29.30
N GLN A 355 36.59 5.84 -30.45
CA GLN A 355 37.71 5.06 -30.98
C GLN A 355 37.91 5.33 -32.46
N THR A 356 39.09 4.98 -32.97
CA THR A 356 39.34 4.99 -34.41
C THR A 356 38.80 3.68 -35.00
N VAL A 357 38.52 3.71 -36.30
CA VAL A 357 38.01 2.53 -37.03
C VAL A 357 38.85 1.28 -36.77
N ASP A 358 40.17 1.44 -36.77
CA ASP A 358 41.12 0.35 -36.57
C ASP A 358 40.86 -0.43 -35.29
N GLU A 359 41.01 0.23 -34.14
CA GLU A 359 40.87 -0.41 -32.84
C GLU A 359 39.42 -0.82 -32.53
N ALA A 360 38.46 -0.03 -33.03
CA ALA A 360 37.04 -0.32 -32.82
C ALA A 360 36.62 -1.66 -33.42
N LEU A 361 37.13 -1.93 -34.62
CA LEU A 361 36.86 -3.21 -35.30
C LEU A 361 37.76 -4.33 -34.80
N LYS A 362 38.96 -3.97 -34.35
CA LYS A 362 39.89 -4.93 -33.76
C LYS A 362 39.30 -5.51 -32.47
N ASP A 363 38.80 -4.64 -31.61
CA ASP A 363 38.15 -5.05 -30.36
C ASP A 363 36.86 -5.83 -30.61
N ALA A 364 36.14 -5.44 -31.66
CA ALA A 364 34.92 -6.13 -32.08
C ALA A 364 35.20 -7.57 -32.49
N GLN A 365 36.28 -7.77 -33.25
CA GLN A 365 36.71 -9.12 -33.63
C GLN A 365 37.19 -9.91 -32.43
N THR A 366 38.00 -9.27 -31.59
CA THR A 366 38.47 -9.88 -30.35
C THR A 366 37.31 -10.38 -29.50
N ARG A 367 36.24 -9.59 -29.44
CA ARG A 367 35.06 -9.93 -28.64
C ARG A 367 34.24 -11.08 -29.21
N ILE A 368 34.12 -11.16 -30.54
CA ILE A 368 33.39 -12.25 -31.19
C ILE A 368 34.21 -13.55 -31.16
N THR A 369 35.48 -13.45 -31.53
CA THR A 369 36.37 -14.62 -31.64
C THR A 369 36.59 -15.35 -30.31
N LYS A 370 36.61 -14.60 -29.22
CA LYS A 370 36.82 -15.18 -27.89
C LYS A 370 35.52 -15.59 -27.20
N ALA A 371 34.40 -15.16 -27.76
CA ALA A 371 33.07 -15.56 -27.30
C ALA A 371 32.55 -16.78 -28.08
N SER A 372 32.95 -16.87 -29.35
CA SER A 372 32.59 -18.01 -30.20
C SER A 372 33.41 -19.24 -29.86
N ALA A 373 34.60 -19.03 -29.31
CA ALA A 373 35.48 -20.11 -28.87
C ALA A 373 35.09 -20.65 -27.50
N SER A 374 34.63 -19.75 -26.63
CA SER A 374 34.19 -20.13 -25.28
C SER A 374 32.72 -20.53 -25.27
N TRP B 10 -30.11 -17.74 11.40
CA TRP B 10 -28.77 -18.32 11.73
C TRP B 10 -28.51 -19.60 10.94
N GLN B 11 -27.32 -19.70 10.37
CA GLN B 11 -26.90 -20.90 9.63
C GLN B 11 -26.54 -22.02 10.59
N SER B 12 -26.93 -23.25 10.23
CA SER B 12 -26.77 -24.42 11.09
C SER B 12 -25.32 -24.82 11.35
N ASP B 13 -25.10 -25.48 12.47
CA ASP B 13 -23.78 -26.01 12.85
C ASP B 13 -23.45 -27.25 12.01
N ALA B 14 -24.50 -28.00 11.66
CA ALA B 14 -24.37 -29.19 10.80
C ALA B 14 -24.02 -28.81 9.36
N LEU B 15 -24.39 -27.60 8.96
CA LEU B 15 -24.08 -27.07 7.63
C LEU B 15 -22.59 -26.87 7.43
N LYS B 16 -21.87 -26.54 8.51
CA LYS B 16 -20.42 -26.36 8.46
C LYS B 16 -19.70 -27.68 8.16
N TRP B 17 -20.06 -28.73 8.90
CA TRP B 17 -19.47 -30.07 8.70
C TRP B 17 -19.92 -30.73 7.39
N SER B 18 -21.06 -30.30 6.86
CA SER B 18 -21.53 -30.75 5.55
C SER B 18 -20.71 -30.12 4.42
N VAL B 19 -20.44 -28.81 4.53
CA VAL B 19 -19.63 -28.09 3.55
C VAL B 19 -18.17 -28.55 3.63
N LEU B 20 -17.65 -28.70 4.85
CA LEU B 20 -16.29 -29.19 5.05
C LEU B 20 -16.15 -30.64 4.62
N GLY B 21 -17.25 -31.39 4.68
CA GLY B 21 -17.30 -32.76 4.19
C GLY B 21 -17.43 -32.83 2.68
N LEU B 22 -18.22 -31.91 2.10
CA LEU B 22 -18.39 -31.81 0.65
C LEU B 22 -17.14 -31.32 -0.07
N LEU B 23 -16.42 -30.39 0.55
CA LEU B 23 -15.14 -29.93 0.02
C LEU B 23 -14.06 -31.00 0.24
N GLY B 24 -14.15 -31.69 1.37
CA GLY B 24 -13.25 -32.81 1.67
C GLY B 24 -13.53 -34.02 0.82
N LEU B 25 -14.60 -33.96 0.04
CA LEU B 25 -14.96 -35.01 -0.91
C LEU B 25 -14.34 -34.75 -2.29
N LEU B 26 -14.39 -33.48 -2.72
CA LEU B 26 -13.75 -33.04 -3.96
C LEU B 26 -12.24 -33.32 -3.93
N VAL B 27 -11.64 -33.10 -2.75
CA VAL B 27 -10.29 -33.54 -2.47
C VAL B 27 -10.35 -35.06 -2.28
N GLY B 28 -9.51 -35.78 -3.03
CA GLY B 28 -9.60 -37.24 -3.08
C GLY B 28 -10.28 -37.67 -4.36
N TYR B 29 -11.34 -36.95 -4.73
CA TYR B 29 -11.98 -37.12 -6.03
C TYR B 29 -11.07 -36.55 -7.12
N LEU B 30 -10.25 -35.56 -6.74
CA LEU B 30 -9.26 -34.98 -7.64
C LEU B 30 -7.85 -35.50 -7.37
N VAL B 31 -7.57 -35.84 -6.11
CA VAL B 31 -6.23 -36.30 -5.70
C VAL B 31 -5.91 -37.70 -6.24
N VAL B 32 -6.81 -38.65 -6.01
CA VAL B 32 -6.66 -40.01 -6.53
C VAL B 32 -6.80 -40.02 -8.06
N LEU B 33 -7.58 -39.05 -8.57
CA LEU B 33 -7.74 -38.84 -10.01
C LEU B 33 -6.46 -38.31 -10.65
N MET B 34 -5.72 -37.49 -9.90
CA MET B 34 -4.39 -37.03 -10.33
C MET B 34 -3.38 -38.17 -10.20
N TYR B 35 -3.60 -39.05 -9.23
CA TYR B 35 -2.75 -40.21 -9.00
C TYR B 35 -2.92 -41.27 -10.09
N ALA B 36 -4.10 -41.27 -10.72
CA ALA B 36 -4.43 -42.25 -11.77
C ALA B 36 -3.54 -42.12 -13.02
N GLN B 37 -3.21 -40.88 -13.37
CA GLN B 37 -2.28 -40.62 -14.48
C GLN B 37 -0.94 -40.07 -13.99
N GLY B 38 -0.02 -39.84 -14.93
CA GLY B 38 1.33 -39.35 -14.60
C GLY B 38 1.37 -37.92 -14.09
N GLU B 39 1.09 -37.77 -12.80
CA GLU B 39 1.15 -36.46 -12.15
C GLU B 39 2.05 -36.52 -10.92
N TYR B 40 1.59 -37.26 -9.89
CA TYR B 40 2.34 -37.52 -8.65
C TYR B 40 2.80 -36.25 -7.92
N LEU B 41 3.77 -35.55 -8.50
CA LEU B 41 4.25 -34.26 -7.99
C LEU B 41 3.10 -33.30 -7.77
N PHE B 42 2.12 -33.34 -8.68
CA PHE B 42 0.93 -32.50 -8.58
C PHE B 42 -0.08 -33.08 -7.59
N ALA B 43 -0.09 -34.40 -7.43
CA ALA B 43 -1.01 -35.09 -6.54
C ALA B 43 -0.60 -34.97 -5.08
N ILE B 44 0.71 -34.95 -4.82
CA ILE B 44 1.24 -34.81 -3.47
C ILE B 44 1.16 -33.36 -3.00
N THR B 45 1.49 -32.43 -3.89
CA THR B 45 1.46 -31.00 -3.57
C THR B 45 0.05 -30.48 -3.27
N THR B 46 -0.94 -31.03 -3.97
CA THR B 46 -2.34 -30.62 -3.79
C THR B 46 -2.95 -31.22 -2.52
N LEU B 47 -2.36 -32.32 -2.04
CA LEU B 47 -2.82 -32.99 -0.84
C LEU B 47 -2.45 -32.20 0.41
N ILE B 48 -1.17 -31.88 0.56
CA ILE B 48 -0.68 -31.12 1.73
C ILE B 48 -1.32 -29.73 1.82
N LEU B 49 -1.63 -29.14 0.67
CA LEU B 49 -2.25 -27.82 0.59
C LEU B 49 -3.73 -27.87 0.99
N SER B 50 -4.44 -28.91 0.54
CA SER B 50 -5.85 -29.09 0.87
C SER B 50 -6.05 -29.54 2.31
N SER B 51 -5.21 -30.47 2.75
CA SER B 51 -5.28 -31.01 4.12
C SER B 51 -5.03 -29.91 5.15
N ALA B 52 -4.14 -28.99 4.83
CA ALA B 52 -3.86 -27.83 5.67
C ALA B 52 -5.09 -26.92 5.75
N GLY B 53 -5.77 -26.74 4.61
CA GLY B 53 -6.95 -25.89 4.52
C GLY B 53 -8.14 -26.43 5.29
N LEU B 54 -8.35 -27.74 5.20
CA LEU B 54 -9.45 -28.39 5.91
C LEU B 54 -9.21 -28.49 7.41
N TYR B 55 -7.94 -28.64 7.80
CA TYR B 55 -7.55 -28.67 9.21
C TYR B 55 -7.68 -27.29 9.85
N ILE B 56 -7.27 -26.26 9.11
CA ILE B 56 -7.30 -24.87 9.58
C ILE B 56 -8.74 -24.40 9.88
N PHE B 57 -9.69 -24.78 9.03
CA PHE B 57 -11.09 -24.42 9.21
C PHE B 57 -11.85 -25.40 10.11
N ALA B 58 -11.21 -26.52 10.44
CA ALA B 58 -11.80 -27.53 11.32
C ALA B 58 -11.81 -27.08 12.79
N ASN B 59 -10.64 -27.11 13.43
CA ASN B 59 -10.51 -26.68 14.82
C ASN B 59 -10.40 -25.16 14.95
N ARG B 60 -11.09 -24.62 15.94
CA ARG B 60 -11.17 -23.17 16.15
C ARG B 60 -9.90 -22.58 16.78
N LYS B 61 -8.93 -23.44 17.08
CA LYS B 61 -7.64 -22.99 17.63
C LYS B 61 -6.69 -22.52 16.52
N ALA B 62 -7.01 -22.92 15.29
CA ALA B 62 -6.27 -22.45 14.11
C ALA B 62 -7.02 -21.32 13.41
N TYR B 63 -7.69 -20.49 14.23
CA TYR B 63 -8.53 -19.40 13.74
C TYR B 63 -7.77 -18.33 12.97
N ALA B 64 -6.64 -17.90 13.51
CA ALA B 64 -5.81 -16.85 12.91
C ALA B 64 -5.34 -17.24 11.51
N TRP B 65 -5.03 -18.52 11.33
CA TRP B 65 -4.55 -19.06 10.05
C TRP B 65 -5.60 -19.02 8.94
N ARG B 66 -6.88 -18.94 9.32
CA ARG B 66 -7.98 -18.78 8.37
C ARG B 66 -7.85 -17.50 7.55
N TYR B 67 -7.21 -16.50 8.13
CA TYR B 67 -7.01 -15.21 7.48
C TYR B 67 -5.78 -15.21 6.59
N VAL B 68 -4.79 -16.04 6.94
CA VAL B 68 -3.50 -16.05 6.26
C VAL B 68 -3.45 -17.11 5.15
N TYR B 69 -4.13 -18.23 5.37
CA TYR B 69 -4.09 -19.38 4.46
C TYR B 69 -4.42 -19.07 3.00
N PRO B 70 -5.56 -18.39 2.73
CA PRO B 70 -5.91 -18.11 1.33
C PRO B 70 -4.81 -17.33 0.62
N GLY B 71 -4.24 -16.34 1.30
CA GLY B 71 -3.18 -15.51 0.75
C GLY B 71 -1.86 -16.23 0.59
N MET B 72 -1.51 -17.07 1.57
CA MET B 72 -0.27 -17.83 1.51
C MET B 72 -0.31 -18.94 0.45
N ALA B 73 -1.49 -19.54 0.27
CA ALA B 73 -1.69 -20.59 -0.73
C ALA B 73 -1.46 -20.06 -2.15
N GLY B 74 -2.03 -18.89 -2.44
CA GLY B 74 -1.82 -18.23 -3.72
C GLY B 74 -0.36 -17.88 -3.94
N MET B 75 0.26 -17.28 -2.93
CA MET B 75 1.68 -16.90 -2.98
C MET B 75 2.62 -18.09 -3.21
N GLY B 76 2.38 -19.19 -2.52
CA GLY B 76 3.18 -20.41 -2.68
C GLY B 76 3.06 -20.96 -4.09
N LEU B 77 1.85 -20.89 -4.63
CA LEU B 77 1.54 -21.43 -5.93
C LEU B 77 2.15 -20.62 -7.07
N PHE B 78 2.15 -19.30 -6.94
CA PHE B 78 2.52 -18.41 -8.04
C PHE B 78 3.78 -17.58 -7.85
N VAL B 79 4.35 -17.59 -6.65
CA VAL B 79 5.60 -16.91 -6.38
C VAL B 79 6.69 -17.90 -5.95
N LEU B 80 6.36 -18.75 -4.99
CA LEU B 80 7.32 -19.70 -4.42
C LEU B 80 7.65 -20.85 -5.38
N PHE B 81 6.63 -21.46 -5.97
CA PHE B 81 6.82 -22.55 -6.92
C PHE B 81 7.72 -22.15 -8.11
N PRO B 82 7.44 -21.00 -8.77
CA PRO B 82 8.34 -20.51 -9.82
C PRO B 82 9.76 -20.23 -9.31
N LEU B 83 9.89 -19.86 -8.05
CA LEU B 83 11.20 -19.61 -7.44
C LEU B 83 12.00 -20.91 -7.30
N VAL B 84 11.32 -21.99 -6.87
CA VAL B 84 11.98 -23.28 -6.66
C VAL B 84 12.48 -23.86 -7.99
N CYS B 85 11.65 -23.77 -9.02
CA CYS B 85 12.00 -24.26 -10.36
C CYS B 85 13.23 -23.59 -10.95
N THR B 86 13.28 -22.26 -10.86
CA THR B 86 14.43 -21.48 -11.31
C THR B 86 15.71 -21.98 -10.65
N ILE B 87 15.66 -22.15 -9.32
CA ILE B 87 16.78 -22.71 -8.56
C ILE B 87 17.07 -24.14 -9.00
N ALA B 88 16.03 -24.94 -9.15
CA ALA B 88 16.17 -26.34 -9.60
C ALA B 88 16.87 -26.43 -10.94
N ILE B 89 16.45 -25.60 -11.89
CA ILE B 89 17.03 -25.55 -13.23
C ILE B 89 18.51 -25.14 -13.22
N ALA B 90 18.91 -24.38 -12.19
CA ALA B 90 20.29 -23.91 -12.06
C ALA B 90 21.32 -25.03 -11.85
N PHE B 91 20.84 -26.20 -11.45
CA PHE B 91 21.71 -27.37 -11.26
C PHE B 91 21.71 -28.29 -12.48
N THR B 92 21.15 -27.81 -13.59
CA THR B 92 21.10 -28.58 -14.85
C THR B 92 21.64 -27.76 -16.02
N ASN B 93 21.90 -28.44 -17.15
CA ASN B 93 22.38 -27.76 -18.36
C ASN B 93 21.25 -27.35 -19.32
N TYR B 94 20.05 -27.14 -18.77
CA TYR B 94 18.88 -26.73 -19.54
C TYR B 94 19.17 -25.47 -20.35
N SER B 95 19.16 -25.60 -21.67
CA SER B 95 19.51 -24.53 -22.60
C SER B 95 18.94 -24.79 -23.99
N SER B 96 19.34 -23.98 -24.96
CA SER B 96 18.94 -24.19 -26.36
C SER B 96 19.54 -25.47 -26.93
N THR B 97 20.79 -25.75 -26.55
CA THR B 97 21.51 -26.94 -27.02
C THR B 97 20.99 -28.20 -26.32
N ASN B 98 20.56 -28.05 -25.07
CA ASN B 98 20.01 -29.14 -24.30
C ASN B 98 18.64 -28.76 -23.74
N GLN B 99 17.61 -28.93 -24.57
CA GLN B 99 16.25 -28.48 -24.20
C GLN B 99 15.27 -29.61 -23.97
N LEU B 100 15.45 -30.72 -24.67
CA LEU B 100 14.55 -31.87 -24.57
C LEU B 100 14.91 -32.77 -23.39
N THR B 101 13.94 -33.53 -22.91
CA THR B 101 14.20 -34.59 -21.95
C THR B 101 14.82 -35.77 -22.71
N PHE B 102 15.44 -36.70 -22.00
CA PHE B 102 16.08 -37.85 -22.65
C PHE B 102 15.10 -38.65 -23.52
N GLU B 103 13.90 -38.88 -23.02
CA GLU B 103 12.85 -39.61 -23.73
C GLU B 103 12.48 -38.94 -25.05
N ARG B 104 12.36 -37.63 -25.03
CA ARG B 104 12.03 -36.83 -26.21
C ARG B 104 13.18 -36.83 -27.21
N ALA B 105 14.41 -36.70 -26.72
CA ALA B 105 15.60 -36.69 -27.57
C ALA B 105 15.78 -38.02 -28.29
N GLN B 106 15.48 -39.11 -27.59
CA GLN B 106 15.49 -40.45 -28.14
C GLN B 106 14.35 -40.61 -29.17
N GLU B 107 13.20 -40.05 -28.84
CA GLU B 107 12.01 -40.10 -29.70
C GLU B 107 12.23 -39.33 -31.01
N VAL B 108 12.91 -38.19 -30.91
CA VAL B 108 13.27 -37.38 -32.07
C VAL B 108 14.24 -38.13 -32.99
N LEU B 109 15.28 -38.73 -32.40
CA LEU B 109 16.28 -39.47 -33.15
C LEU B 109 15.71 -40.72 -33.83
N LEU B 110 14.68 -41.31 -33.22
CA LEU B 110 14.04 -42.51 -33.77
C LEU B 110 13.01 -42.23 -34.87
N ASP B 111 12.68 -40.96 -35.08
CA ASP B 111 11.81 -40.54 -36.18
C ASP B 111 12.62 -40.12 -37.41
N ARG B 112 13.92 -39.88 -37.20
CA ARG B 112 14.84 -39.53 -38.29
C ARG B 112 14.96 -40.66 -39.31
N SER B 113 14.95 -40.30 -40.58
CA SER B 113 14.97 -41.28 -41.67
C SER B 113 15.96 -40.94 -42.78
N TRP B 114 16.17 -41.89 -43.68
CA TRP B 114 17.03 -41.70 -44.85
C TRP B 114 16.51 -42.49 -46.05
N GLN B 115 16.67 -41.90 -47.23
CA GLN B 115 16.23 -42.54 -48.47
C GLN B 115 17.21 -43.63 -48.91
N ALA B 116 16.80 -44.89 -48.73
CA ALA B 116 17.66 -46.04 -48.99
C ALA B 116 17.49 -46.61 -50.39
N GLY B 117 16.28 -46.56 -50.91
CA GLY B 117 15.97 -47.17 -52.21
C GLY B 117 15.45 -46.21 -53.27
N LYS B 118 14.57 -46.73 -54.13
CA LYS B 118 14.01 -45.95 -55.24
C LYS B 118 12.81 -45.12 -54.79
N THR B 119 12.31 -44.27 -55.68
CA THR B 119 11.17 -43.41 -55.38
C THR B 119 10.14 -43.47 -56.50
N TYR B 120 8.97 -44.02 -56.18
CA TYR B 120 7.91 -44.24 -57.15
C TYR B 120 6.70 -43.36 -56.86
N ASN B 121 6.22 -42.67 -57.89
CA ASN B 121 4.93 -41.98 -57.79
C ASN B 121 3.81 -43.01 -57.83
N PHE B 122 2.84 -42.87 -56.92
CA PHE B 122 1.76 -43.85 -56.84
C PHE B 122 0.39 -43.29 -57.19
N GLY B 123 -0.53 -44.20 -57.48
CA GLY B 123 -1.93 -43.87 -57.71
C GLY B 123 -2.82 -44.94 -57.12
N LEU B 124 -4.05 -44.55 -56.78
CA LEU B 124 -5.01 -45.46 -56.18
C LEU B 124 -6.21 -45.64 -57.10
N TYR B 125 -6.57 -46.89 -57.37
CA TYR B 125 -7.58 -47.19 -58.37
C TYR B 125 -8.64 -48.16 -57.86
N PRO B 126 -9.91 -47.70 -57.78
CA PRO B 126 -11.02 -48.56 -57.36
C PRO B 126 -11.21 -49.73 -58.32
N ALA B 127 -11.34 -50.92 -57.76
CA ALA B 127 -11.67 -52.12 -58.53
C ALA B 127 -12.91 -52.75 -57.92
N GLY B 128 -14.08 -52.34 -58.42
CA GLY B 128 -15.36 -52.73 -57.83
C GLY B 128 -15.52 -52.10 -56.45
N ASP B 129 -15.60 -52.96 -55.44
CA ASP B 129 -15.64 -52.52 -54.04
C ASP B 129 -14.24 -52.50 -53.41
N GLU B 130 -13.26 -53.01 -54.14
CA GLU B 130 -11.88 -53.12 -53.63
C GLU B 130 -10.99 -52.02 -54.21
N TRP B 131 -9.67 -52.20 -54.07
CA TRP B 131 -8.71 -51.21 -54.53
C TRP B 131 -7.52 -51.81 -55.29
N GLN B 132 -6.82 -50.96 -56.02
CA GLN B 132 -5.66 -51.36 -56.81
C GLN B 132 -4.59 -50.30 -56.67
N LEU B 133 -3.35 -50.72 -56.45
CA LEU B 133 -2.24 -49.78 -56.28
C LEU B 133 -1.26 -49.84 -57.45
N ALA B 134 -1.03 -48.69 -58.06
CA ALA B 134 -0.09 -48.56 -59.16
C ALA B 134 1.14 -47.74 -58.76
N LEU B 135 2.30 -48.17 -59.22
CA LEU B 135 3.54 -47.42 -59.04
C LEU B 135 4.16 -47.10 -60.38
N SER B 136 4.82 -45.95 -60.47
CA SER B 136 5.49 -45.52 -61.70
C SER B 136 6.96 -45.25 -61.47
N ASP B 137 7.81 -46.00 -62.16
CA ASP B 137 9.25 -45.83 -62.08
C ASP B 137 9.75 -44.87 -63.16
N GLY B 138 10.09 -43.66 -62.74
CA GLY B 138 10.51 -42.60 -63.66
C GLY B 138 11.78 -42.88 -64.44
N GLU B 139 12.82 -43.36 -63.75
CA GLU B 139 14.14 -43.52 -64.35
C GLU B 139 14.28 -44.71 -65.31
N THR B 140 13.30 -45.60 -65.34
CA THR B 140 13.28 -46.71 -66.30
C THR B 140 12.08 -46.65 -67.24
N GLY B 141 11.04 -45.91 -66.84
CA GLY B 141 9.80 -45.83 -67.60
C GLY B 141 8.98 -47.10 -67.51
N LYS B 142 9.11 -47.79 -66.37
CA LYS B 142 8.38 -49.03 -66.10
C LYS B 142 7.23 -48.78 -65.14
N ASN B 143 6.11 -49.46 -65.37
CA ASN B 143 4.94 -49.33 -64.51
C ASN B 143 4.53 -50.65 -63.87
N TYR B 144 4.11 -50.58 -62.61
CA TYR B 144 3.77 -51.76 -61.83
C TYR B 144 2.39 -51.60 -61.23
N LEU B 145 1.68 -52.72 -61.07
CA LEU B 145 0.30 -52.71 -60.63
C LEU B 145 0.00 -53.96 -59.80
N SER B 146 -0.75 -53.77 -58.71
CA SER B 146 -1.05 -54.87 -57.79
C SER B 146 -2.40 -55.53 -58.07
N ASP B 147 -2.68 -56.63 -57.38
CA ASP B 147 -3.98 -57.28 -57.42
C ASP B 147 -4.99 -56.49 -56.60
N ALA B 148 -6.27 -56.86 -56.73
CA ALA B 148 -7.34 -56.24 -55.94
C ALA B 148 -7.16 -56.55 -54.46
N PHE B 149 -7.15 -55.50 -53.64
CA PHE B 149 -6.93 -55.63 -52.20
C PHE B 149 -7.95 -54.86 -51.36
N LYS B 150 -7.96 -55.15 -50.06
CA LYS B 150 -8.87 -54.53 -49.11
C LYS B 150 -8.07 -53.72 -48.10
N PHE B 151 -8.56 -52.53 -47.77
CA PHE B 151 -7.94 -51.69 -46.74
C PHE B 151 -8.11 -52.29 -45.35
N GLY B 152 -7.12 -52.10 -44.49
CA GLY B 152 -7.20 -52.54 -43.10
C GLY B 152 -5.98 -53.26 -42.57
N GLY B 153 -5.23 -52.57 -41.71
CA GLY B 153 -4.07 -53.15 -41.02
C GLY B 153 -2.86 -53.36 -41.91
N GLU B 154 -1.81 -53.94 -41.33
CA GLU B 154 -0.57 -54.23 -42.06
C GLU B 154 -0.77 -55.38 -43.04
N GLN B 155 -0.30 -55.17 -44.27
CA GLN B 155 -0.38 -56.16 -45.34
C GLN B 155 0.68 -55.92 -46.40
N LYS B 156 1.05 -56.97 -47.13
CA LYS B 156 2.06 -56.86 -48.18
C LYS B 156 1.47 -57.19 -49.54
N LEU B 157 1.77 -56.33 -50.52
CA LEU B 157 1.22 -56.47 -51.88
C LEU B 157 2.30 -56.76 -52.90
N GLN B 158 2.09 -57.82 -53.68
CA GLN B 158 2.97 -58.15 -54.79
C GLN B 158 2.60 -57.32 -56.01
N LEU B 159 3.59 -56.62 -56.55
CA LEU B 159 3.40 -55.78 -57.72
C LEU B 159 3.94 -56.50 -58.96
N LYS B 160 3.18 -56.42 -60.05
CA LYS B 160 3.59 -57.04 -61.30
C LYS B 160 3.73 -55.98 -62.38
N GLU B 161 4.77 -56.12 -63.20
CA GLU B 161 5.04 -55.18 -64.28
C GLU B 161 3.93 -55.25 -65.32
N THR B 162 3.43 -54.08 -65.72
CA THR B 162 2.29 -54.01 -66.63
C THR B 162 2.45 -52.98 -67.73
N THR B 163 1.72 -53.19 -68.83
CA THR B 163 1.67 -52.27 -69.97
C THR B 163 0.27 -51.65 -70.04
N ALA B 164 -0.70 -52.35 -69.48
CA ALA B 164 -2.10 -51.91 -69.47
C ALA B 164 -2.37 -50.88 -68.38
N GLN B 165 -3.43 -50.11 -68.59
CA GLN B 165 -3.94 -49.18 -67.59
C GLN B 165 -4.92 -49.90 -66.67
N PRO B 166 -4.97 -49.49 -65.39
CA PRO B 166 -6.00 -50.03 -64.50
C PRO B 166 -7.39 -49.63 -64.95
N GLU B 167 -8.38 -50.49 -64.71
CA GLU B 167 -9.75 -50.26 -65.17
C GLU B 167 -10.46 -49.13 -64.44
N GLY B 168 -10.12 -48.93 -63.17
CA GLY B 168 -10.71 -47.87 -62.36
C GLY B 168 -10.20 -46.48 -62.70
N GLU B 169 -10.98 -45.48 -62.31
CA GLU B 169 -10.59 -44.07 -62.48
C GLU B 169 -9.76 -43.62 -61.28
N ARG B 170 -8.68 -42.88 -61.56
CA ARG B 170 -7.74 -42.45 -60.53
C ARG B 170 -8.42 -41.71 -59.37
N ALA B 171 -8.09 -42.12 -58.15
CA ALA B 171 -8.70 -41.57 -56.95
C ALA B 171 -8.22 -40.15 -56.64
N ASN B 172 -9.11 -39.38 -56.02
CA ASN B 172 -8.83 -38.02 -55.51
C ASN B 172 -7.71 -37.99 -54.48
N LEU B 173 -7.21 -36.79 -54.20
CA LEU B 173 -6.38 -36.55 -53.04
C LEU B 173 -7.22 -36.76 -51.77
N ARG B 174 -8.50 -36.41 -51.85
CA ARG B 174 -9.45 -36.60 -50.75
C ARG B 174 -9.58 -38.07 -50.34
N VAL B 175 -9.65 -38.96 -51.33
CA VAL B 175 -9.77 -40.39 -51.09
C VAL B 175 -8.46 -40.97 -50.55
N ILE B 176 -7.35 -40.53 -51.12
CA ILE B 176 -6.01 -40.90 -50.63
C ILE B 176 -5.83 -40.47 -49.18
N THR B 177 -6.21 -39.24 -48.87
CA THR B 177 -6.10 -38.68 -47.52
C THR B 177 -6.97 -39.41 -46.49
N GLN B 178 -8.22 -39.68 -46.85
CA GLN B 178 -9.14 -40.41 -45.95
C GLN B 178 -8.58 -41.79 -45.59
N ASN B 179 -7.95 -42.44 -46.57
CA ASN B 179 -7.42 -43.79 -46.39
C ASN B 179 -5.91 -43.83 -46.14
N ARG B 180 -5.35 -42.72 -45.65
CA ARG B 180 -3.90 -42.58 -45.50
C ARG B 180 -3.27 -43.54 -44.48
N GLN B 181 -3.95 -43.77 -43.36
CA GLN B 181 -3.44 -44.66 -42.31
C GLN B 181 -3.25 -46.08 -42.85
N ALA B 182 -4.31 -46.64 -43.43
CA ALA B 182 -4.28 -47.97 -44.02
C ALA B 182 -3.29 -48.04 -45.19
N LEU B 183 -3.10 -46.90 -45.85
CA LEU B 183 -2.17 -46.79 -46.97
C LEU B 183 -0.72 -46.73 -46.50
N SER B 184 -0.51 -46.27 -45.27
CA SER B 184 0.82 -46.17 -44.68
C SER B 184 1.27 -47.47 -44.00
N ASP B 185 0.40 -48.48 -44.04
CA ASP B 185 0.71 -49.78 -43.46
C ASP B 185 0.98 -50.84 -44.53
N ILE B 186 0.82 -50.46 -45.80
CA ILE B 186 1.06 -51.36 -46.92
C ILE B 186 2.54 -51.36 -47.30
N THR B 187 3.13 -52.55 -47.38
CA THR B 187 4.49 -52.71 -47.87
C THR B 187 4.43 -53.30 -49.29
N ALA B 188 4.64 -52.43 -50.28
CA ALA B 188 4.63 -52.84 -51.68
C ALA B 188 5.94 -53.54 -52.05
N ILE B 189 5.83 -54.64 -52.78
CA ILE B 189 6.99 -55.43 -53.16
C ILE B 189 7.16 -55.50 -54.67
N LEU B 190 8.30 -54.99 -55.15
CA LEU B 190 8.62 -55.00 -56.57
C LEU B 190 9.02 -56.40 -57.06
N PRO B 191 8.96 -56.64 -58.38
CA PRO B 191 9.39 -57.94 -58.94
C PRO B 191 10.85 -58.27 -58.63
N ASP B 192 11.68 -57.24 -58.49
CA ASP B 192 13.12 -57.41 -58.22
C ASP B 192 13.43 -57.68 -56.75
N GLY B 193 12.40 -57.66 -55.91
CA GLY B 193 12.55 -57.99 -54.48
C GLY B 193 12.66 -56.79 -53.55
N ASN B 194 12.52 -55.59 -54.10
CA ASN B 194 12.60 -54.36 -53.30
C ASN B 194 11.32 -54.06 -52.53
N LYS B 195 11.48 -53.72 -51.26
CA LYS B 195 10.36 -53.35 -50.40
C LYS B 195 10.20 -51.83 -50.44
N VAL B 196 8.96 -51.37 -50.55
CA VAL B 196 8.68 -49.95 -50.70
C VAL B 196 7.41 -49.58 -49.91
N MET B 197 7.48 -48.47 -49.17
CA MET B 197 6.37 -47.99 -48.35
C MET B 197 6.06 -46.52 -48.65
N MET B 198 4.88 -46.07 -48.19
CA MET B 198 4.43 -44.69 -48.43
C MET B 198 5.27 -43.66 -47.67
N SER B 199 5.82 -42.71 -48.41
CA SER B 199 6.65 -41.64 -47.84
C SER B 199 5.92 -40.30 -47.85
N SER B 200 5.02 -40.13 -48.81
CA SER B 200 4.21 -38.93 -48.93
C SER B 200 2.82 -39.29 -49.46
N LEU B 201 1.98 -38.29 -49.70
CA LEU B 201 0.65 -38.53 -50.24
C LEU B 201 0.68 -38.79 -51.74
N ARG B 202 1.84 -38.61 -52.35
CA ARG B 202 2.00 -38.78 -53.79
C ARG B 202 3.01 -39.86 -54.15
N GLN B 203 3.82 -40.29 -53.17
CA GLN B 203 4.94 -41.19 -53.46
C GLN B 203 5.05 -42.40 -52.53
N PHE B 204 5.53 -43.51 -53.09
CA PHE B 204 5.99 -44.67 -52.35
C PHE B 204 7.49 -44.76 -52.56
N SER B 205 8.24 -44.97 -51.49
CA SER B 205 9.70 -45.03 -51.59
C SER B 205 10.35 -45.98 -50.58
N GLY B 206 11.66 -46.15 -50.69
CA GLY B 206 12.42 -47.02 -49.80
C GLY B 206 13.00 -46.29 -48.61
N THR B 207 12.16 -45.49 -47.95
CA THR B 207 12.56 -44.73 -46.77
C THR B 207 12.68 -45.68 -45.58
N GLN B 208 13.70 -45.47 -44.77
CA GLN B 208 13.96 -46.32 -43.60
C GLN B 208 14.51 -45.53 -42.40
N PRO B 209 14.29 -46.04 -41.17
CA PRO B 209 14.79 -45.40 -39.95
C PRO B 209 16.33 -45.33 -39.91
N LEU B 210 16.85 -44.13 -39.64
CA LEU B 210 18.29 -43.89 -39.59
C LEU B 210 18.96 -44.60 -38.42
N TYR B 211 18.24 -44.71 -37.30
CA TYR B 211 18.74 -45.39 -36.10
C TYR B 211 17.80 -46.49 -35.65
N THR B 212 18.34 -47.50 -34.99
CA THR B 212 17.55 -48.56 -34.37
C THR B 212 17.97 -48.76 -32.92
N LEU B 213 17.00 -48.77 -32.01
CA LEU B 213 17.25 -48.95 -30.59
C LEU B 213 17.53 -50.41 -30.24
N ASP B 214 18.70 -50.67 -29.67
CA ASP B 214 19.15 -52.02 -29.34
C ASP B 214 18.36 -52.61 -28.17
N GLY B 215 18.26 -51.86 -27.08
CA GLY B 215 17.57 -52.31 -25.88
C GLY B 215 18.29 -51.93 -24.61
N ASP B 216 19.61 -52.12 -24.60
CA ASP B 216 20.44 -51.73 -23.46
C ASP B 216 20.62 -50.22 -23.38
N GLY B 217 20.38 -49.53 -24.49
CA GLY B 217 20.42 -48.07 -24.55
C GLY B 217 21.21 -47.49 -25.71
N THR B 218 21.80 -48.37 -26.52
CA THR B 218 22.66 -47.92 -27.63
C THR B 218 21.92 -47.80 -28.97
N LEU B 219 22.12 -46.65 -29.62
CA LEU B 219 21.57 -46.39 -30.94
C LEU B 219 22.64 -46.56 -32.01
N THR B 220 22.40 -47.49 -32.92
CA THR B 220 23.30 -47.72 -34.05
C THR B 220 22.70 -47.15 -35.34
N ASN B 221 23.53 -46.44 -36.10
CA ASN B 221 23.11 -45.85 -37.37
C ASN B 221 23.10 -46.89 -38.49
N ASN B 222 21.96 -47.02 -39.16
CA ASN B 222 21.77 -48.01 -40.22
C ASN B 222 22.44 -47.64 -41.54
N GLN B 223 22.88 -46.38 -41.66
CA GLN B 223 23.52 -45.88 -42.88
C GLN B 223 25.05 -45.91 -42.78
N SER B 224 25.58 -45.52 -41.63
CA SER B 224 27.04 -45.41 -41.44
C SER B 224 27.66 -46.62 -40.74
N GLY B 225 26.90 -47.23 -39.83
CA GLY B 225 27.39 -48.36 -39.05
C GLY B 225 28.04 -47.93 -37.75
N VAL B 226 27.97 -46.62 -37.46
CA VAL B 226 28.52 -46.03 -36.25
C VAL B 226 27.54 -46.24 -35.09
N LYS B 227 28.06 -46.68 -33.95
CA LYS B 227 27.26 -46.91 -32.75
C LYS B 227 27.39 -45.75 -31.76
N TYR B 228 26.26 -45.38 -31.16
CA TYR B 228 26.19 -44.26 -30.22
C TYR B 228 25.61 -44.72 -28.89
N ARG B 229 26.08 -44.10 -27.80
CA ARG B 229 25.58 -44.37 -26.45
C ARG B 229 25.33 -43.07 -25.69
N PRO B 230 24.38 -43.08 -24.73
CA PRO B 230 24.07 -41.88 -23.96
C PRO B 230 25.21 -41.44 -23.04
N ASN B 231 25.68 -40.22 -23.23
CA ASN B 231 26.68 -39.61 -22.34
C ASN B 231 25.99 -38.58 -21.44
N ASN B 232 25.69 -39.00 -20.22
CA ASN B 232 24.93 -38.16 -19.28
C ASN B 232 25.77 -37.09 -18.57
N GLN B 233 27.07 -37.07 -18.82
CA GLN B 233 27.95 -36.05 -18.24
C GLN B 233 27.83 -34.71 -18.97
N ILE B 234 27.57 -34.78 -20.28
CA ILE B 234 27.40 -33.58 -21.10
C ILE B 234 25.99 -33.45 -21.69
N GLY B 235 25.29 -34.57 -21.82
CA GLY B 235 23.88 -34.58 -22.24
C GLY B 235 23.66 -34.78 -23.74
N PHE B 236 24.51 -35.60 -24.36
CA PHE B 236 24.39 -35.91 -25.78
C PHE B 236 24.56 -37.40 -26.01
N TYR B 237 24.03 -37.90 -27.13
CA TYR B 237 24.43 -39.19 -27.67
C TYR B 237 25.79 -39.03 -28.32
N GLN B 238 26.75 -39.85 -27.90
CA GLN B 238 28.11 -39.76 -28.41
C GLN B 238 28.57 -41.11 -28.96
N SER B 239 29.37 -41.07 -30.02
CA SER B 239 29.91 -42.27 -30.66
C SER B 239 30.83 -43.05 -29.73
N ILE B 240 30.89 -44.37 -29.94
CA ILE B 240 31.72 -45.26 -29.11
C ILE B 240 32.81 -45.98 -29.91
N ASN B 245 36.40 -44.60 -24.12
CA ASN B 245 35.72 -45.36 -25.17
C ASN B 245 34.90 -44.46 -26.11
N TRP B 246 34.69 -43.21 -25.69
CA TRP B 246 33.94 -42.24 -26.48
C TRP B 246 34.69 -41.78 -27.73
N GLY B 247 33.94 -41.41 -28.76
CA GLY B 247 34.52 -40.91 -30.00
C GLY B 247 34.38 -39.40 -30.15
N ASP B 248 34.73 -38.90 -31.33
CA ASP B 248 34.69 -37.47 -31.61
C ASP B 248 33.30 -36.92 -31.91
N GLU B 249 32.47 -37.74 -32.58
CA GLU B 249 31.15 -37.29 -33.04
C GLU B 249 30.10 -37.26 -31.94
N LYS B 250 29.33 -36.18 -31.90
CA LYS B 250 28.24 -35.99 -30.95
C LYS B 250 26.93 -35.69 -31.66
N LEU B 251 25.86 -36.39 -31.28
CA LEU B 251 24.57 -36.25 -31.93
C LEU B 251 23.67 -35.19 -31.29
N SER B 252 23.05 -34.38 -32.14
CA SER B 252 22.00 -33.46 -31.73
C SER B 252 20.65 -34.02 -32.22
N PRO B 253 19.56 -33.75 -31.48
CA PRO B 253 19.42 -32.90 -30.31
C PRO B 253 20.00 -33.48 -29.02
N GLY B 254 20.52 -32.61 -28.18
CA GLY B 254 20.95 -32.99 -26.83
C GLY B 254 19.79 -33.00 -25.87
N TYR B 255 20.02 -33.56 -24.68
CA TYR B 255 18.99 -33.66 -23.66
C TYR B 255 19.41 -33.01 -22.35
N THR B 256 18.43 -32.62 -21.54
CA THR B 256 18.67 -31.97 -20.25
C THR B 256 19.23 -32.96 -19.25
N VAL B 257 20.25 -32.53 -18.51
CA VAL B 257 20.91 -33.37 -17.52
C VAL B 257 21.47 -32.54 -16.36
N THR B 258 21.57 -33.17 -15.18
CA THR B 258 22.10 -32.50 -13.99
C THR B 258 23.61 -32.22 -14.13
N THR B 259 24.02 -31.04 -13.69
CA THR B 259 25.41 -30.61 -13.79
C THR B 259 26.02 -30.20 -12.45
N GLY B 260 25.20 -30.15 -11.40
CA GLY B 260 25.66 -29.79 -10.06
C GLY B 260 26.01 -28.32 -9.94
N TRP B 261 27.22 -28.04 -9.44
CA TRP B 261 27.68 -26.67 -9.20
C TRP B 261 28.31 -26.00 -10.43
N LYS B 262 28.35 -26.74 -11.56
CA LYS B 262 28.99 -26.27 -12.79
C LYS B 262 28.57 -24.86 -13.24
N ASN B 263 27.28 -24.57 -13.16
CA ASN B 263 26.75 -23.26 -13.53
C ASN B 263 27.13 -22.16 -12.54
N PHE B 264 27.21 -22.51 -11.26
CA PHE B 264 27.60 -21.57 -10.21
C PHE B 264 29.09 -21.25 -10.25
N THR B 265 29.92 -22.28 -10.45
CA THR B 265 31.37 -22.12 -10.56
C THR B 265 31.77 -21.36 -11.82
N ARG B 266 31.00 -21.53 -12.90
CA ARG B 266 31.25 -20.85 -14.18
C ARG B 266 31.25 -19.32 -14.02
N VAL B 267 30.55 -18.84 -12.98
CA VAL B 267 30.50 -17.42 -12.65
C VAL B 267 31.69 -17.05 -11.76
N PHE B 268 32.16 -18.00 -10.96
CA PHE B 268 33.29 -17.76 -10.04
C PHE B 268 34.66 -18.03 -10.68
N THR B 269 34.74 -19.07 -11.50
CA THR B 269 36.01 -19.49 -12.13
C THR B 269 36.47 -18.52 -13.20
N ASP B 270 35.54 -18.09 -14.05
CA ASP B 270 35.85 -17.30 -15.24
C ASP B 270 36.30 -15.87 -14.92
N GLU B 271 37.62 -15.63 -15.05
CA GLU B 271 38.16 -14.28 -15.06
C GLU B 271 37.94 -13.68 -16.45
N GLY B 272 37.46 -12.44 -16.49
CA GLY B 272 37.05 -11.82 -17.75
C GLY B 272 35.58 -11.44 -17.72
N ILE B 273 34.77 -12.29 -17.11
CA ILE B 273 33.38 -11.95 -16.80
C ILE B 273 33.30 -11.31 -15.42
N GLN B 274 34.46 -11.20 -14.77
CA GLN B 274 34.59 -10.61 -13.43
C GLN B 274 35.27 -9.25 -13.44
N LYS B 275 35.98 -8.94 -14.54
CA LYS B 275 36.72 -7.68 -14.65
C LYS B 275 35.87 -6.42 -14.40
N PRO B 276 34.70 -6.31 -15.05
CA PRO B 276 33.88 -5.12 -14.81
C PRO B 276 32.79 -5.30 -13.73
N PHE B 277 32.81 -6.45 -13.04
CA PHE B 277 31.76 -6.79 -12.08
C PHE B 277 31.54 -5.73 -10.99
N LEU B 278 32.62 -5.32 -10.33
CA LEU B 278 32.53 -4.36 -9.23
C LEU B 278 32.05 -2.99 -9.69
N ALA B 279 32.63 -2.50 -10.79
CA ALA B 279 32.31 -1.17 -11.32
C ALA B 279 30.85 -1.05 -11.76
N ILE B 280 30.31 -2.16 -12.29
CA ILE B 280 28.90 -2.24 -12.67
C ILE B 280 28.02 -2.36 -11.43
N PHE B 281 28.43 -3.21 -10.49
CA PHE B 281 27.73 -3.41 -9.22
C PHE B 281 27.53 -2.09 -8.46
N VAL B 282 28.57 -1.26 -8.41
CA VAL B 282 28.49 0.04 -7.75
C VAL B 282 27.44 0.93 -8.43
N TRP B 283 27.46 0.97 -9.76
CA TRP B 283 26.47 1.74 -10.52
C TRP B 283 25.04 1.24 -10.31
N THR B 284 24.85 -0.07 -10.23
CA THR B 284 23.51 -0.64 -9.99
C THR B 284 22.95 -0.19 -8.63
N VAL B 285 23.78 -0.27 -7.59
CA VAL B 285 23.40 0.17 -6.25
C VAL B 285 23.06 1.66 -6.26
N VAL B 286 23.95 2.46 -6.85
CA VAL B 286 23.76 3.92 -6.92
C VAL B 286 22.51 4.30 -7.72
N PHE B 287 22.34 3.71 -8.90
CA PHE B 287 21.15 3.94 -9.72
C PHE B 287 19.88 3.60 -8.95
N SER B 288 19.90 2.50 -8.21
CA SER B 288 18.75 2.05 -7.43
C SER B 288 18.48 2.99 -6.25
N LEU B 289 19.52 3.33 -5.51
CA LEU B 289 19.41 4.25 -4.37
C LEU B 289 18.84 5.61 -4.78
N ILE B 290 19.43 6.20 -5.81
CA ILE B 290 19.00 7.52 -6.29
C ILE B 290 17.55 7.50 -6.81
N THR B 291 17.18 6.43 -7.52
CA THR B 291 15.81 6.28 -8.01
C THR B 291 14.81 6.28 -6.86
N VAL B 292 15.04 5.41 -5.87
CA VAL B 292 14.14 5.26 -4.73
C VAL B 292 14.01 6.57 -3.96
N PHE B 293 15.15 7.20 -3.67
CA PHE B 293 15.18 8.51 -3.02
C PHE B 293 14.36 9.55 -3.78
N LEU B 294 14.63 9.69 -5.07
CA LEU B 294 13.99 10.71 -5.90
C LEU B 294 12.51 10.45 -6.15
N THR B 295 12.14 9.18 -6.31
CA THR B 295 10.72 8.82 -6.53
C THR B 295 9.91 9.00 -5.25
N VAL B 296 10.49 8.63 -4.11
CA VAL B 296 9.85 8.86 -2.81
C VAL B 296 9.72 10.36 -2.53
N ALA B 297 10.80 11.11 -2.73
CA ALA B 297 10.81 12.56 -2.49
C ALA B 297 9.74 13.28 -3.31
N VAL B 298 9.84 13.18 -4.63
CA VAL B 298 8.89 13.80 -5.56
C VAL B 298 7.45 13.34 -5.30
N GLY B 299 7.26 12.04 -5.15
CA GLY B 299 5.94 11.46 -4.91
C GLY B 299 5.28 11.95 -3.63
N MET B 300 6.05 12.00 -2.54
CA MET B 300 5.54 12.45 -1.25
C MET B 300 5.13 13.91 -1.27
N VAL B 301 5.99 14.77 -1.82
CA VAL B 301 5.72 16.20 -1.94
C VAL B 301 4.45 16.46 -2.75
N LEU B 302 4.35 15.80 -3.91
CA LEU B 302 3.19 15.95 -4.77
C LEU B 302 1.90 15.49 -4.09
N ALA B 303 2.00 14.36 -3.38
CA ALA B 303 0.86 13.86 -2.61
C ALA B 303 0.44 14.84 -1.51
N CYS B 304 1.41 15.46 -0.86
CA CYS B 304 1.16 16.46 0.18
C CYS B 304 0.43 17.68 -0.38
N LEU B 305 0.96 18.22 -1.48
CA LEU B 305 0.42 19.42 -2.12
C LEU B 305 -0.99 19.21 -2.65
N VAL B 306 -1.25 18.01 -3.15
CA VAL B 306 -2.51 17.73 -3.85
C VAL B 306 -3.68 17.39 -2.90
N GLN B 307 -3.38 17.20 -1.61
CA GLN B 307 -4.41 17.02 -0.59
C GLN B 307 -4.62 18.30 0.22
N TRP B 308 -3.84 19.32 -0.10
CA TRP B 308 -3.90 20.63 0.55
C TRP B 308 -5.16 21.37 0.07
N GLU B 309 -6.09 21.58 1.00
CA GLU B 309 -7.44 22.07 0.66
C GLU B 309 -7.48 23.52 0.15
N ALA B 310 -6.43 24.29 0.45
CA ALA B 310 -6.31 25.66 -0.06
C ALA B 310 -6.09 25.67 -1.57
N LEU B 311 -5.46 24.63 -2.08
CA LEU B 311 -5.18 24.50 -3.52
C LEU B 311 -6.47 24.15 -4.27
N ARG B 312 -6.97 25.12 -5.04
CA ARG B 312 -8.33 25.04 -5.57
C ARG B 312 -8.52 24.11 -6.78
N GLY B 313 -7.44 23.80 -7.48
CA GLY B 313 -7.53 22.93 -8.66
C GLY B 313 -7.05 21.50 -8.47
N LYS B 314 -6.80 21.12 -7.22
CA LYS B 314 -6.11 19.86 -6.88
C LYS B 314 -6.63 18.60 -7.58
N ALA B 315 -7.95 18.49 -7.75
CA ALA B 315 -8.58 17.32 -8.36
C ALA B 315 -8.07 17.03 -9.77
N VAL B 316 -7.83 18.10 -10.53
CA VAL B 316 -7.34 17.99 -11.91
C VAL B 316 -5.84 17.65 -11.93
N TYR B 317 -5.07 18.30 -11.06
CA TYR B 317 -3.63 18.05 -10.94
C TYR B 317 -3.35 16.59 -10.63
N ARG B 318 -4.12 16.06 -9.67
CA ARG B 318 -4.00 14.70 -9.18
C ARG B 318 -4.04 13.64 -10.28
N VAL B 319 -4.97 13.83 -11.22
CA VAL B 319 -5.17 12.91 -12.34
C VAL B 319 -4.02 13.03 -13.35
N LEU B 320 -3.64 14.27 -13.65
CA LEU B 320 -2.60 14.53 -14.63
C LEU B 320 -1.23 14.07 -14.16
N LEU B 321 -1.03 14.04 -12.84
CA LEU B 321 0.26 13.65 -12.26
C LEU B 321 0.53 12.15 -12.30
N ILE B 322 -0.53 11.34 -12.37
CA ILE B 322 -0.37 9.88 -12.39
C ILE B 322 -0.39 9.27 -13.79
N LEU B 323 -0.54 10.12 -14.80
CA LEU B 323 -0.63 9.67 -16.21
C LEU B 323 0.63 8.98 -16.76
N PRO B 324 1.84 9.39 -16.30
CA PRO B 324 3.06 8.64 -16.67
C PRO B 324 3.02 7.16 -16.28
N TYR B 325 2.13 6.80 -15.37
CA TYR B 325 2.01 5.43 -14.88
C TYR B 325 0.78 4.76 -15.50
N ALA B 326 -0.12 5.56 -16.07
CA ALA B 326 -1.35 5.06 -16.69
C ALA B 326 -1.13 4.54 -18.10
N VAL B 327 -0.16 5.15 -18.80
CA VAL B 327 0.24 4.72 -20.14
C VAL B 327 1.33 3.65 -19.98
N PRO B 328 1.25 2.55 -20.76
CA PRO B 328 2.30 1.52 -20.71
C PRO B 328 3.69 2.11 -21.00
N SER B 329 4.66 1.74 -20.17
CA SER B 329 5.97 2.38 -20.15
C SER B 329 6.83 2.12 -21.38
N PHE B 330 6.58 1.02 -22.08
CA PHE B 330 7.36 0.60 -23.25
C PHE B 330 7.49 1.70 -24.31
N ILE B 331 6.35 2.26 -24.72
CA ILE B 331 6.35 3.35 -25.70
C ILE B 331 7.01 4.62 -25.15
N SER B 332 6.77 4.89 -23.86
CA SER B 332 7.34 6.07 -23.19
C SER B 332 8.86 6.05 -23.19
N ILE B 333 9.44 4.90 -22.90
CA ILE B 333 10.89 4.75 -22.85
C ILE B 333 11.52 5.02 -24.22
N LEU B 334 10.89 4.54 -25.29
CA LEU B 334 11.39 4.75 -26.64
C LEU B 334 11.20 6.20 -27.09
N ILE B 335 10.08 6.79 -26.70
CA ILE B 335 9.83 8.22 -26.95
C ILE B 335 10.90 9.10 -26.29
N PHE B 336 11.24 8.78 -25.04
CA PHE B 336 12.36 9.42 -24.35
C PHE B 336 13.67 9.25 -25.13
N LYS B 337 13.91 8.04 -25.62
CA LYS B 337 15.09 7.76 -26.47
C LYS B 337 15.17 8.72 -27.64
N GLY B 338 14.01 9.03 -28.23
CA GLY B 338 13.91 10.07 -29.25
C GLY B 338 14.17 11.47 -28.72
N LEU B 339 13.53 11.82 -27.60
CA LEU B 339 13.64 13.15 -27.01
C LEU B 339 15.07 13.51 -26.58
N PHE B 340 15.84 12.47 -26.23
CA PHE B 340 17.19 12.65 -25.72
C PHE B 340 18.29 12.51 -26.78
N ASN B 341 17.90 12.22 -28.03
CA ASN B 341 18.85 12.18 -29.15
C ASN B 341 19.76 13.42 -29.09
N GLN B 342 21.05 13.22 -29.31
CA GLN B 342 22.03 14.28 -29.13
C GLN B 342 21.90 15.43 -30.14
N SER B 343 21.84 15.09 -31.43
CA SER B 343 21.76 16.11 -32.49
C SER B 343 20.32 16.49 -32.83
N PHE B 344 19.42 15.53 -32.68
CA PHE B 344 17.99 15.74 -32.93
C PHE B 344 17.27 15.56 -31.60
N GLY B 345 15.94 15.56 -31.61
CA GLY B 345 15.19 15.41 -30.36
C GLY B 345 15.08 16.72 -29.63
N GLU B 346 13.85 17.04 -29.23
CA GLU B 346 13.46 18.38 -28.79
C GLU B 346 14.19 18.95 -27.56
N ILE B 347 14.62 18.08 -26.65
CA ILE B 347 15.32 18.52 -25.42
C ILE B 347 16.61 19.29 -25.74
N ASN B 348 17.51 18.68 -26.52
CA ASN B 348 18.75 19.35 -26.92
C ASN B 348 18.54 20.49 -27.93
N MET B 349 17.41 20.47 -28.63
CA MET B 349 17.04 21.56 -29.53
C MET B 349 16.55 22.76 -28.74
N MET B 350 15.95 22.49 -27.57
CA MET B 350 15.49 23.52 -26.64
C MET B 350 16.66 24.08 -25.81
N LEU B 351 17.51 23.19 -25.31
CA LEU B 351 18.69 23.55 -24.52
C LEU B 351 19.72 24.35 -25.33
N SER B 352 19.72 24.15 -26.64
CA SER B 352 20.59 24.91 -27.53
C SER B 352 20.05 26.31 -27.78
N ALA B 353 18.74 26.48 -27.62
CA ALA B 353 18.07 27.76 -27.87
C ALA B 353 18.09 28.67 -26.63
N LEU B 354 17.65 28.13 -25.49
CA LEU B 354 17.65 28.87 -24.23
C LEU B 354 19.09 29.08 -23.73
N PHE B 355 19.73 27.98 -23.34
CA PHE B 355 21.15 27.99 -22.95
C PHE B 355 22.01 27.75 -24.20
N GLY B 356 23.29 27.45 -24.02
CA GLY B 356 24.19 27.23 -25.15
C GLY B 356 24.83 25.85 -25.23
N VAL B 357 24.18 24.86 -24.63
CA VAL B 357 24.78 23.53 -24.48
C VAL B 357 23.95 22.40 -25.11
N LYS B 358 24.66 21.36 -25.58
CA LYS B 358 24.03 20.13 -26.06
C LYS B 358 24.63 18.92 -25.34
N PRO B 359 24.07 18.55 -24.18
CA PRO B 359 24.60 17.42 -23.39
C PRO B 359 24.65 16.12 -24.17
N ALA B 360 25.76 15.39 -24.02
CA ALA B 360 25.96 14.12 -24.68
C ALA B 360 25.24 12.99 -23.93
N TRP B 361 23.90 13.00 -24.00
CA TRP B 361 23.04 12.09 -23.26
C TRP B 361 23.31 10.59 -23.46
N PHE B 362 23.99 10.24 -24.54
CA PHE B 362 24.30 8.84 -24.86
C PHE B 362 25.80 8.57 -24.91
N SER B 363 26.56 9.55 -25.43
CA SER B 363 28.00 9.43 -25.58
C SER B 363 28.74 9.48 -24.25
N ASP B 364 28.36 10.43 -23.38
CA ASP B 364 29.07 10.63 -22.12
C ASP B 364 28.46 9.82 -20.97
N PRO B 365 29.28 8.97 -20.33
CA PRO B 365 28.86 8.07 -19.26
C PRO B 365 28.02 8.73 -18.15
N THR B 366 28.50 9.85 -17.62
CA THR B 366 27.81 10.51 -16.51
C THR B 366 26.48 11.14 -16.94
N THR B 367 26.47 11.80 -18.09
CA THR B 367 25.23 12.43 -18.60
C THR B 367 24.20 11.40 -19.01
N ALA B 368 24.67 10.24 -19.48
CA ALA B 368 23.81 9.09 -19.80
C ALA B 368 23.15 8.57 -18.53
N ARG B 369 23.96 8.48 -17.46
CA ARG B 369 23.49 8.01 -16.16
C ARG B 369 22.43 8.96 -15.58
N THR B 370 22.63 10.25 -15.82
CA THR B 370 21.67 11.29 -15.45
C THR B 370 20.36 11.13 -16.21
N MET B 371 20.45 10.89 -17.52
CA MET B 371 19.29 10.66 -18.37
C MET B 371 18.46 9.47 -17.90
N LEU B 372 19.16 8.41 -17.50
CA LEU B 372 18.56 7.17 -17.03
C LEU B 372 17.77 7.40 -15.73
N ILE B 373 18.32 8.24 -14.86
CA ILE B 373 17.70 8.58 -13.59
C ILE B 373 16.51 9.52 -13.79
N ILE B 374 16.60 10.40 -14.78
CA ILE B 374 15.49 11.32 -15.11
C ILE B 374 14.29 10.55 -15.61
N VAL B 375 14.50 9.64 -16.57
CA VAL B 375 13.43 8.84 -17.13
C VAL B 375 12.81 7.93 -16.07
N ASN B 376 13.66 7.37 -15.20
CA ASN B 376 13.21 6.43 -14.19
C ASN B 376 12.39 7.08 -13.08
N THR B 377 12.76 8.30 -12.71
CA THR B 377 12.00 9.12 -11.77
C THR B 377 10.64 9.48 -12.38
N TRP B 378 10.63 9.76 -13.68
CA TRP B 378 9.41 10.03 -14.43
C TRP B 378 8.51 8.81 -14.41
N LEU B 379 9.11 7.64 -14.60
CA LEU B 379 8.37 6.38 -14.60
C LEU B 379 7.85 6.03 -13.20
N GLY B 380 8.65 6.35 -12.18
CA GLY B 380 8.43 5.83 -10.83
C GLY B 380 7.77 6.71 -9.78
N TYR B 381 7.65 8.01 -10.05
CA TYR B 381 7.06 8.90 -9.04
C TYR B 381 5.55 8.67 -8.76
N PRO B 382 4.75 8.31 -9.79
CA PRO B 382 3.32 8.13 -9.49
C PRO B 382 3.04 6.96 -8.56
N TYR B 383 3.86 5.91 -8.63
CA TYR B 383 3.75 4.78 -7.72
C TYR B 383 3.85 5.24 -6.26
N MET B 384 4.92 5.97 -5.96
CA MET B 384 5.17 6.47 -4.61
C MET B 384 4.15 7.52 -4.19
N MET B 385 3.73 8.34 -5.14
CA MET B 385 2.70 9.35 -4.90
C MET B 385 1.35 8.74 -4.54
N ILE B 386 0.96 7.67 -5.25
CA ILE B 386 -0.29 6.99 -4.98
C ILE B 386 -0.25 6.34 -3.58
N LEU B 387 0.89 5.73 -3.25
CA LEU B 387 1.10 5.19 -1.91
C LEU B 387 0.95 6.27 -0.86
N CYS B 388 1.62 7.40 -1.06
CA CYS B 388 1.56 8.50 -0.10
C CYS B 388 0.18 9.13 0.03
N MET B 389 -0.54 9.24 -1.09
CA MET B 389 -1.92 9.74 -1.10
C MET B 389 -2.79 9.01 -0.09
N GLY B 390 -2.59 7.71 0.02
CA GLY B 390 -3.32 6.87 0.96
C GLY B 390 -2.74 6.89 2.35
N LEU B 391 -1.41 6.77 2.43
CA LEU B 391 -0.71 6.73 3.72
C LEU B 391 -0.84 8.02 4.53
N LEU B 392 -0.95 9.16 3.82
CA LEU B 392 -1.17 10.45 4.46
C LEU B 392 -2.48 10.54 5.23
N LYS B 393 -3.46 9.73 4.83
CA LYS B 393 -4.78 9.78 5.45
C LYS B 393 -4.80 9.16 6.85
N ALA B 394 -3.72 8.45 7.19
CA ALA B 394 -3.56 7.85 8.52
C ALA B 394 -3.13 8.85 9.58
N ILE B 395 -2.66 10.02 9.15
CA ILE B 395 -2.21 11.07 10.07
C ILE B 395 -3.37 11.97 10.46
N PRO B 396 -3.66 12.06 11.78
CA PRO B 396 -4.72 12.91 12.31
C PRO B 396 -4.49 14.41 12.09
N ASP B 397 -5.57 15.17 11.99
CA ASP B 397 -5.50 16.61 11.76
C ASP B 397 -5.03 17.38 13.00
N ASP B 398 -5.33 16.86 14.19
CA ASP B 398 -5.00 17.55 15.44
C ASP B 398 -3.50 17.64 15.71
N LEU B 399 -2.72 16.75 15.08
CA LEU B 399 -1.26 16.81 15.18
C LEU B 399 -0.73 18.09 14.53
N TYR B 400 -1.43 18.53 13.48
CA TYR B 400 -1.09 19.80 12.81
C TYR B 400 -1.68 21.00 13.53
N GLU B 401 -2.76 20.79 14.29
CA GLU B 401 -3.29 21.81 15.17
C GLU B 401 -2.34 22.06 16.32
N ALA B 402 -1.75 20.99 16.85
CA ALA B 402 -0.75 21.07 17.90
C ALA B 402 0.51 21.76 17.43
N SER B 403 0.92 21.49 16.19
CA SER B 403 2.12 22.09 15.61
C SER B 403 1.92 23.57 15.34
N ALA B 404 0.69 23.94 14.96
CA ALA B 404 0.32 25.34 14.79
C ALA B 404 0.39 26.09 16.11
N MET B 405 0.03 25.42 17.21
CA MET B 405 0.13 26.00 18.54
C MET B 405 1.57 26.01 19.07
N ASP B 406 2.43 25.19 18.47
CA ASP B 406 3.84 25.16 18.83
C ASP B 406 4.67 26.08 17.93
N GLY B 407 4.00 26.72 16.97
CA GLY B 407 4.63 27.71 16.08
C GLY B 407 5.29 27.13 14.85
N ALA B 408 4.70 26.09 14.27
CA ALA B 408 5.26 25.45 13.08
C ALA B 408 4.64 25.97 11.78
N GLY B 409 5.45 26.00 10.72
CA GLY B 409 4.99 26.36 9.39
C GLY B 409 4.87 25.15 8.48
N PRO B 410 4.70 25.36 7.17
CA PRO B 410 4.52 24.26 6.23
C PRO B 410 5.75 23.36 6.11
N PHE B 411 6.94 23.98 6.06
CA PHE B 411 8.19 23.23 5.93
C PHE B 411 8.52 22.44 7.19
N GLN B 412 8.33 23.08 8.34
CA GLN B 412 8.54 22.47 9.64
C GLN B 412 7.59 21.29 9.88
N ASN B 413 6.33 21.46 9.49
CA ASN B 413 5.34 20.38 9.53
C ASN B 413 5.83 19.14 8.79
N PHE B 414 6.30 19.33 7.57
CA PHE B 414 6.77 18.24 6.72
C PHE B 414 7.93 17.43 7.34
N PHE B 415 8.96 18.12 7.80
CA PHE B 415 10.17 17.44 8.27
C PHE B 415 10.12 16.88 9.70
N LYS B 416 9.26 17.46 10.53
CA LYS B 416 9.18 17.09 11.94
C LYS B 416 7.99 16.18 12.27
N ILE B 417 6.99 16.15 11.39
CA ILE B 417 5.79 15.36 11.61
C ILE B 417 5.47 14.45 10.41
N THR B 418 5.24 15.05 9.24
CA THR B 418 4.77 14.33 8.05
C THR B 418 5.77 13.25 7.57
N LEU B 419 7.04 13.62 7.47
CA LEU B 419 8.07 12.69 7.00
C LEU B 419 8.31 11.51 7.96
N PRO B 420 8.54 11.78 9.27
CA PRO B 420 8.78 10.68 10.20
C PRO B 420 7.58 9.73 10.40
N LEU B 421 6.37 10.24 10.20
CA LEU B 421 5.16 9.43 10.31
C LEU B 421 4.87 8.62 9.05
N LEU B 422 5.64 8.89 7.99
CA LEU B 422 5.50 8.17 6.74
C LEU B 422 6.63 7.20 6.45
N ILE B 423 7.85 7.50 6.90
CA ILE B 423 9.02 6.65 6.58
C ILE B 423 8.91 5.21 7.06
N LYS B 424 8.27 5.00 8.22
CA LYS B 424 8.12 3.67 8.80
C LYS B 424 7.26 2.73 7.92
N PRO B 425 6.03 3.16 7.54
CA PRO B 425 5.29 2.33 6.58
C PRO B 425 5.95 2.28 5.19
N LEU B 426 6.65 3.35 4.81
CA LEU B 426 7.36 3.39 3.54
C LEU B 426 8.59 2.48 3.47
N THR B 427 9.20 2.19 4.63
CA THR B 427 10.44 1.40 4.67
C THR B 427 10.39 0.08 3.89
N PRO B 428 9.38 -0.79 4.15
CA PRO B 428 9.27 -2.03 3.37
C PRO B 428 9.06 -1.78 1.89
N LEU B 429 8.36 -0.70 1.54
CA LEU B 429 8.10 -0.35 0.15
C LEU B 429 9.35 0.22 -0.52
N MET B 430 10.16 0.93 0.25
CA MET B 430 11.40 1.51 -0.25
C MET B 430 12.48 0.45 -0.49
N ILE B 431 12.51 -0.57 0.38
CA ILE B 431 13.40 -1.70 0.23
C ILE B 431 13.00 -2.52 -0.99
N ALA B 432 11.70 -2.68 -1.20
CA ALA B 432 11.18 -3.40 -2.35
C ALA B 432 11.49 -2.66 -3.64
N SER B 433 11.27 -1.35 -3.63
CA SER B 433 11.58 -0.48 -4.77
C SER B 433 13.06 -0.49 -5.10
N PHE B 434 13.89 -0.74 -4.10
CA PHE B 434 15.33 -0.90 -4.30
C PHE B 434 15.66 -2.18 -5.04
N ALA B 435 15.05 -3.29 -4.61
CA ALA B 435 15.27 -4.60 -5.22
C ALA B 435 14.74 -4.66 -6.64
N PHE B 436 13.59 -4.02 -6.89
CA PHE B 436 12.98 -3.98 -8.21
C PHE B 436 13.87 -3.19 -9.17
N ASN B 437 14.32 -2.01 -8.75
CA ASN B 437 15.18 -1.18 -9.58
C ASN B 437 16.61 -1.69 -9.69
N PHE B 438 16.99 -2.59 -8.79
CA PHE B 438 18.26 -3.31 -8.90
C PHE B 438 18.26 -4.21 -10.13
N ASN B 439 17.09 -4.77 -10.45
CA ASN B 439 16.95 -5.71 -11.57
C ASN B 439 16.25 -5.11 -12.79
N ASN B 440 16.22 -3.78 -12.88
CA ASN B 440 15.46 -3.08 -13.91
C ASN B 440 16.04 -3.24 -15.32
N PHE B 441 16.07 -4.49 -15.79
CA PHE B 441 16.61 -4.88 -17.09
C PHE B 441 16.06 -4.05 -18.25
N VAL B 442 14.73 -3.93 -18.31
CA VAL B 442 14.04 -3.36 -19.46
C VAL B 442 14.40 -1.89 -19.75
N LEU B 443 14.49 -1.09 -18.69
CA LEU B 443 14.79 0.33 -18.85
C LEU B 443 16.12 0.57 -19.58
N ILE B 444 17.15 -0.15 -19.14
CA ILE B 444 18.51 0.04 -19.67
C ILE B 444 18.61 -0.44 -21.11
N GLN B 445 18.06 -1.61 -21.39
CA GLN B 445 18.05 -2.20 -22.73
C GLN B 445 17.41 -1.26 -23.74
N LEU B 446 16.19 -0.82 -23.45
CA LEU B 446 15.42 0.00 -24.36
C LEU B 446 16.01 1.38 -24.57
N LEU B 447 16.61 1.95 -23.53
CA LEU B 447 17.09 3.32 -23.58
C LEU B 447 18.55 3.46 -24.03
N THR B 448 19.45 2.66 -23.45
CA THR B 448 20.89 2.85 -23.68
C THR B 448 21.60 1.62 -24.27
N ASN B 449 21.04 0.44 -24.02
CA ASN B 449 21.74 -0.84 -24.26
C ASN B 449 23.03 -0.98 -23.46
N GLY B 450 23.11 -0.25 -22.34
CA GLY B 450 24.31 -0.21 -21.53
C GLY B 450 25.30 0.84 -21.98
N GLY B 451 25.02 1.46 -23.13
CA GLY B 451 25.88 2.50 -23.69
C GLY B 451 26.07 3.71 -22.78
N PRO B 452 27.25 4.35 -22.84
CA PRO B 452 28.34 4.04 -23.77
C PRO B 452 29.17 2.83 -23.37
N ASP B 453 30.03 2.38 -24.27
CA ASP B 453 30.82 1.16 -24.12
C ASP B 453 32.01 1.32 -23.16
N ARG B 454 32.17 0.33 -22.28
CA ARG B 454 33.37 0.23 -21.46
C ARG B 454 34.50 -0.41 -22.27
N LEU B 455 35.54 0.38 -22.52
CA LEU B 455 36.65 -0.07 -23.37
C LEU B 455 37.54 -1.08 -22.67
N GLY B 456 37.93 -2.12 -23.41
CA GLY B 456 38.84 -3.15 -22.90
C GLY B 456 38.15 -4.30 -22.18
N THR B 457 36.82 -4.30 -22.18
CA THR B 457 36.05 -5.38 -21.57
C THR B 457 35.93 -6.58 -22.51
N THR B 458 36.58 -7.68 -22.11
CA THR B 458 36.62 -8.92 -22.89
C THR B 458 35.22 -9.47 -23.19
N THR B 459 34.38 -9.54 -22.16
CA THR B 459 32.96 -9.83 -22.35
C THR B 459 32.17 -8.53 -22.26
N PRO B 460 31.54 -8.12 -23.38
CA PRO B 460 30.84 -6.86 -23.59
C PRO B 460 30.15 -6.26 -22.35
N ALA B 461 30.68 -5.13 -21.89
CA ALA B 461 30.14 -4.39 -20.76
C ALA B 461 30.08 -2.90 -21.06
N GLY B 462 29.04 -2.24 -20.53
CA GLY B 462 28.83 -0.81 -20.76
C GLY B 462 28.72 -0.02 -19.46
N TYR B 463 28.81 1.30 -19.57
CA TYR B 463 28.80 2.18 -18.40
C TYR B 463 27.46 2.20 -17.66
N THR B 464 26.36 2.22 -18.42
CA THR B 464 25.02 2.30 -17.83
C THR B 464 24.35 0.93 -17.68
N ASP B 465 25.08 -0.12 -18.06
CA ASP B 465 24.66 -1.50 -17.82
C ASP B 465 24.43 -1.76 -16.34
N LEU B 466 23.27 -2.33 -16.00
CA LEU B 466 23.05 -2.88 -14.67
C LEU B 466 23.69 -4.26 -14.59
N LEU B 467 23.56 -4.91 -13.43
CA LEU B 467 24.15 -6.23 -13.23
C LEU B 467 23.33 -7.27 -13.99
N VAL B 468 22.01 -7.04 -14.05
CA VAL B 468 21.10 -7.90 -14.79
C VAL B 468 21.35 -7.81 -16.31
N ASN B 469 21.68 -6.62 -16.79
CA ASN B 469 21.90 -6.36 -18.22
C ASN B 469 23.17 -7.02 -18.76
N TYR B 470 24.26 -6.87 -18.02
CA TYR B 470 25.55 -7.44 -18.38
C TYR B 470 25.54 -8.96 -18.24
N THR B 471 24.78 -9.46 -17.27
CA THR B 471 24.66 -10.89 -17.00
C THR B 471 23.87 -11.66 -18.05
N TYR B 472 22.67 -11.17 -18.41
CA TYR B 472 21.83 -11.88 -19.37
C TYR B 472 22.34 -11.71 -20.80
N ARG B 473 23.34 -10.86 -20.97
CA ARG B 473 24.06 -10.76 -22.23
C ARG B 473 25.02 -11.95 -22.37
N ILE B 474 25.57 -12.39 -21.25
CA ILE B 474 26.45 -13.57 -21.22
C ILE B 474 25.63 -14.85 -21.44
N ALA B 475 24.48 -14.93 -20.77
CA ALA B 475 23.63 -16.13 -20.83
C ALA B 475 22.90 -16.32 -22.16
N PHE B 476 22.21 -15.28 -22.62
CA PHE B 476 21.32 -15.39 -23.78
C PHE B 476 21.96 -14.99 -25.10
N GLU B 477 22.72 -13.89 -25.08
CA GLU B 477 23.55 -13.53 -26.22
C GLU B 477 24.92 -14.21 -26.06
N GLY B 478 25.98 -13.55 -26.48
CA GLY B 478 27.34 -14.07 -26.28
C GLY B 478 27.74 -15.22 -27.19
N GLY B 479 26.81 -15.74 -27.98
CA GLY B 479 27.13 -16.70 -29.04
C GLY B 479 26.99 -18.19 -28.75
N GLY B 480 26.66 -18.54 -27.51
CA GLY B 480 26.52 -19.95 -27.12
C GLY B 480 25.09 -20.44 -27.03
N GLY B 481 24.18 -19.77 -27.73
CA GLY B 481 22.76 -20.06 -27.63
C GLY B 481 22.17 -19.48 -26.35
N GLN B 482 20.95 -19.88 -26.03
CA GLN B 482 20.29 -19.41 -24.81
C GLN B 482 20.49 -20.41 -23.67
N ASP B 483 21.39 -20.06 -22.75
CA ASP B 483 21.69 -20.91 -21.60
C ASP B 483 20.81 -20.52 -20.41
N PHE B 484 19.73 -21.27 -20.21
CA PHE B 484 18.78 -21.03 -19.13
C PHE B 484 19.35 -21.46 -17.79
N GLY B 485 20.20 -22.49 -17.80
CA GLY B 485 20.86 -22.98 -16.60
C GLY B 485 21.83 -21.95 -16.02
N LEU B 486 22.55 -21.27 -16.90
CA LEU B 486 23.47 -20.20 -16.50
C LEU B 486 22.70 -19.00 -15.94
N ALA B 487 21.65 -18.59 -16.64
CA ALA B 487 20.83 -17.45 -16.23
C ALA B 487 20.09 -17.69 -14.92
N ALA B 488 19.73 -18.95 -14.67
CA ALA B 488 19.06 -19.33 -13.43
C ALA B 488 20.02 -19.29 -12.24
N ALA B 489 21.26 -19.72 -12.47
CA ALA B 489 22.30 -19.72 -11.45
C ALA B 489 22.70 -18.31 -11.04
N ILE B 490 22.81 -17.42 -12.03
CA ILE B 490 23.15 -16.02 -11.76
C ILE B 490 21.96 -15.29 -11.13
N ALA B 491 20.75 -15.71 -11.47
CA ALA B 491 19.54 -15.18 -10.82
C ALA B 491 19.50 -15.52 -9.34
N THR B 492 19.97 -16.72 -8.99
CA THR B 492 20.07 -17.16 -7.61
C THR B 492 21.17 -16.40 -6.87
N LEU B 493 22.32 -16.21 -7.52
CA LEU B 493 23.47 -15.53 -6.92
C LEU B 493 23.18 -14.06 -6.57
N ILE B 494 22.61 -13.32 -7.53
CA ILE B 494 22.27 -11.91 -7.30
C ILE B 494 21.13 -11.74 -6.30
N PHE B 495 20.30 -12.78 -6.16
CA PHE B 495 19.25 -12.82 -5.15
C PHE B 495 19.85 -12.97 -3.75
N LEU B 496 20.85 -13.84 -3.65
CA LEU B 496 21.60 -14.01 -2.40
C LEU B 496 22.48 -12.79 -2.11
N LEU B 497 22.80 -12.03 -3.15
CA LEU B 497 23.57 -10.79 -3.02
C LEU B 497 22.68 -9.64 -2.54
N VAL B 498 21.49 -9.51 -3.12
CA VAL B 498 20.53 -8.48 -2.70
C VAL B 498 19.88 -8.85 -1.36
N GLY B 499 19.82 -10.15 -1.07
CA GLY B 499 19.37 -10.64 0.23
C GLY B 499 20.38 -10.31 1.33
N ALA B 500 21.67 -10.42 0.99
CA ALA B 500 22.76 -10.04 1.89
C ALA B 500 22.87 -8.51 2.02
N LEU B 501 22.45 -7.79 0.99
CA LEU B 501 22.39 -6.33 1.03
C LEU B 501 21.36 -5.83 2.04
N ALA B 502 20.16 -6.40 2.00
CA ALA B 502 19.12 -6.10 2.98
C ALA B 502 19.52 -6.68 4.34
N ILE B 503 20.31 -5.91 5.08
CA ILE B 503 20.91 -6.35 6.33
C ILE B 503 20.86 -5.24 7.39
N GLN C 9 -0.06 35.31 3.99
CA GLN C 9 0.64 35.36 2.67
C GLN C 9 0.10 34.29 1.70
N LYS C 10 -0.60 34.76 0.66
CA LYS C 10 -1.14 33.88 -0.37
C LYS C 10 -0.28 33.89 -1.64
N ALA C 11 1.00 34.23 -1.47
CA ALA C 11 2.00 34.11 -2.53
C ALA C 11 2.46 32.65 -2.64
N ARG C 12 2.17 31.87 -1.59
CA ARG C 12 2.49 30.44 -1.55
C ARG C 12 1.61 29.62 -2.47
N LEU C 13 0.33 29.99 -2.56
CA LEU C 13 -0.59 29.34 -3.51
C LEU C 13 -0.19 29.64 -4.95
N PHE C 14 0.13 30.90 -5.22
CA PHE C 14 0.53 31.35 -6.56
C PHE C 14 1.80 30.64 -7.03
N ILE C 15 2.80 30.54 -6.15
CA ILE C 15 4.07 29.90 -6.48
C ILE C 15 3.93 28.38 -6.63
N THR C 16 2.98 27.79 -5.89
CA THR C 16 2.69 26.37 -6.01
C THR C 16 1.93 26.09 -7.30
N HIS C 17 0.89 26.88 -7.56
CA HIS C 17 0.14 26.81 -8.82
C HIS C 17 1.08 26.93 -10.03
N LEU C 18 2.05 27.84 -9.92
CA LEU C 18 3.01 28.08 -10.99
C LEU C 18 3.97 26.91 -11.16
N LEU C 19 4.53 26.41 -10.06
CA LEU C 19 5.48 25.30 -10.12
C LEU C 19 4.85 23.96 -10.51
N LEU C 20 3.58 23.76 -10.13
CA LEU C 20 2.84 22.57 -10.55
C LEU C 20 2.57 22.61 -12.05
N LEU C 21 2.13 23.77 -12.55
CA LEU C 21 1.88 23.95 -13.98
C LEU C 21 3.11 23.68 -14.85
N LEU C 22 4.27 24.17 -14.41
CA LEU C 22 5.54 23.91 -15.09
C LEU C 22 5.96 22.44 -14.96
N PHE C 23 5.65 21.83 -13.82
CA PHE C 23 5.92 20.41 -13.61
C PHE C 23 5.00 19.53 -14.45
N ILE C 24 3.70 19.88 -14.49
CA ILE C 24 2.71 19.17 -15.30
C ILE C 24 3.11 19.21 -16.77
N ALA C 25 3.35 20.41 -17.30
CA ALA C 25 3.77 20.59 -18.69
C ALA C 25 4.98 19.71 -19.04
N ALA C 26 5.97 19.66 -18.15
CA ALA C 26 7.17 18.87 -18.36
C ALA C 26 6.88 17.37 -18.42
N ILE C 27 6.11 16.86 -17.47
CA ILE C 27 5.78 15.44 -17.42
C ILE C 27 4.72 15.02 -18.46
N MET C 28 3.93 16.00 -18.91
CA MET C 28 2.92 15.75 -19.94
C MET C 28 3.52 15.65 -21.33
N PHE C 29 4.61 16.37 -21.56
CA PHE C 29 5.24 16.45 -22.88
C PHE C 29 5.49 15.09 -23.56
N PRO C 30 6.10 14.12 -22.83
CA PRO C 30 6.30 12.81 -23.45
C PRO C 30 4.98 12.12 -23.82
N LEU C 31 3.96 12.28 -22.98
CA LEU C 31 2.63 11.68 -23.23
C LEU C 31 1.92 12.35 -24.41
N LEU C 32 2.16 13.65 -24.58
CA LEU C 32 1.59 14.40 -25.69
C LEU C 32 2.21 13.98 -27.02
N MET C 33 3.44 13.49 -26.97
CA MET C 33 4.10 12.95 -28.16
C MET C 33 3.48 11.63 -28.61
N VAL C 34 2.95 10.86 -27.65
CA VAL C 34 2.24 9.62 -27.94
C VAL C 34 0.94 9.94 -28.68
N VAL C 35 0.19 10.91 -28.15
CA VAL C 35 -1.05 11.39 -28.78
C VAL C 35 -0.77 11.91 -30.19
N ALA C 36 0.37 12.59 -30.36
CA ALA C 36 0.82 13.04 -31.67
C ALA C 36 1.07 11.88 -32.64
N ILE C 37 1.71 10.83 -32.14
CA ILE C 37 1.97 9.62 -32.94
C ILE C 37 0.65 8.97 -33.37
N SER C 38 -0.30 8.92 -32.45
CA SER C 38 -1.61 8.29 -32.71
C SER C 38 -2.46 9.04 -33.73
N LEU C 39 -2.14 10.31 -33.98
CA LEU C 39 -2.90 11.15 -34.90
C LEU C 39 -2.12 11.50 -36.17
N ARG C 40 -0.92 10.94 -36.30
CA ARG C 40 -0.05 11.21 -37.44
C ARG C 40 -0.26 10.16 -38.54
N GLN C 41 -0.33 10.62 -39.79
CA GLN C 41 -0.54 9.69 -40.92
C GLN C 41 0.69 8.82 -41.18
N GLY C 42 0.44 7.55 -41.45
CA GLY C 42 1.50 6.56 -41.53
C GLY C 42 1.93 6.14 -40.14
N ASN C 43 3.08 5.49 -40.05
CA ASN C 43 3.60 5.00 -38.78
C ASN C 43 5.00 5.54 -38.49
N PHE C 44 5.04 6.64 -37.74
CA PHE C 44 6.28 7.36 -37.45
C PHE C 44 6.42 7.67 -35.96
N ALA C 45 7.57 7.33 -35.39
CA ALA C 45 7.84 7.52 -33.96
C ALA C 45 8.14 8.98 -33.61
N THR C 46 8.45 9.78 -34.64
CA THR C 46 8.90 11.15 -34.46
C THR C 46 8.17 12.14 -35.38
N GLY C 47 8.27 13.42 -35.02
CA GLY C 47 7.64 14.50 -35.78
C GLY C 47 7.26 15.67 -34.89
N SER C 48 6.44 16.57 -35.42
CA SER C 48 6.01 17.76 -34.68
C SER C 48 4.91 17.40 -33.69
N LEU C 49 4.82 18.18 -32.61
CA LEU C 49 3.79 18.00 -31.58
C LEU C 49 2.39 18.04 -32.18
N ILE C 50 2.13 19.01 -33.05
CA ILE C 50 0.94 19.03 -33.87
C ILE C 50 1.33 18.49 -35.25
N PRO C 51 0.93 17.24 -35.56
CA PRO C 51 1.34 16.58 -36.80
C PRO C 51 1.05 17.44 -38.04
N GLU C 52 2.03 17.52 -38.93
CA GLU C 52 1.90 18.28 -40.18
C GLU C 52 0.81 17.67 -41.04
N GLN C 53 0.73 16.34 -41.04
CA GLN C 53 -0.32 15.61 -41.73
C GLN C 53 -1.10 14.75 -40.74
N ILE C 54 -2.24 15.27 -40.30
CA ILE C 54 -3.08 14.59 -39.31
C ILE C 54 -3.95 13.53 -39.97
N SER C 55 -4.13 12.41 -39.28
CA SER C 55 -4.93 11.29 -39.76
C SER C 55 -5.78 10.71 -38.63
N TRP C 56 -7.03 10.37 -38.96
CA TRP C 56 -7.94 9.76 -38.00
C TRP C 56 -7.96 8.23 -38.13
N ASP C 57 -7.23 7.72 -39.13
CA ASP C 57 -7.22 6.29 -39.47
C ASP C 57 -6.87 5.36 -38.32
N HIS C 58 -5.86 5.72 -37.54
CA HIS C 58 -5.42 4.89 -36.42
C HIS C 58 -6.48 4.79 -35.33
N TRP C 59 -7.16 5.91 -35.05
CA TRP C 59 -8.24 5.93 -34.08
C TRP C 59 -9.52 5.31 -34.63
N LYS C 60 -9.74 5.44 -35.94
CA LYS C 60 -10.89 4.84 -36.60
C LYS C 60 -10.87 3.31 -36.46
N LEU C 61 -9.73 2.70 -36.79
CA LEU C 61 -9.58 1.25 -36.74
C LEU C 61 -9.60 0.73 -35.30
N ALA C 62 -9.11 1.53 -34.36
CA ALA C 62 -9.15 1.16 -32.95
C ALA C 62 -10.57 1.20 -32.39
N LEU C 63 -11.36 2.16 -32.87
CA LEU C 63 -12.75 2.30 -32.45
C LEU C 63 -13.69 1.41 -33.27
N GLY C 64 -13.14 0.72 -34.26
CA GLY C 64 -13.88 -0.29 -35.00
C GLY C 64 -14.38 0.12 -36.38
N PHE C 65 -14.03 1.34 -36.80
CA PHE C 65 -14.47 1.87 -38.08
C PHE C 65 -13.69 1.30 -39.25
N SER C 66 -14.34 1.27 -40.41
CA SER C 66 -13.69 0.91 -41.66
C SER C 66 -13.05 2.15 -42.27
N VAL C 67 -11.91 1.95 -42.94
CA VAL C 67 -11.16 3.06 -43.52
C VAL C 67 -11.04 2.92 -45.05
N GLU C 68 -11.55 3.92 -45.77
CA GLU C 68 -11.34 4.01 -47.21
C GLU C 68 -9.98 4.67 -47.47
N GLN C 69 -9.20 4.06 -48.36
CA GLN C 69 -7.85 4.55 -48.64
C GLN C 69 -7.70 5.23 -50.00
N ALA C 70 -6.47 5.57 -50.35
CA ALA C 70 -6.15 6.36 -51.55
C ALA C 70 -6.61 5.72 -52.88
N ASP C 71 -6.48 4.40 -52.98
CA ASP C 71 -6.82 3.68 -54.21
C ASP C 71 -8.31 3.32 -54.36
N GLY C 72 -9.07 3.48 -53.28
CA GLY C 72 -10.53 3.28 -53.33
C GLY C 72 -11.05 2.16 -52.45
N ARG C 73 -10.24 1.12 -52.23
CA ARG C 73 -10.63 -0.04 -51.43
C ARG C 73 -10.78 0.27 -49.95
N ILE C 74 -11.70 -0.43 -49.31
CA ILE C 74 -12.02 -0.24 -47.90
C ILE C 74 -11.28 -1.26 -47.05
N THR C 75 -10.60 -0.77 -46.01
CA THR C 75 -9.88 -1.61 -45.06
C THR C 75 -10.72 -1.82 -43.80
N PRO C 76 -11.21 -3.04 -43.57
CA PRO C 76 -11.92 -3.35 -42.33
C PRO C 76 -10.93 -3.41 -41.16
N PRO C 77 -11.40 -3.15 -39.92
CA PRO C 77 -10.49 -3.19 -38.79
C PRO C 77 -9.92 -4.59 -38.61
N PRO C 78 -8.57 -4.73 -38.60
CA PRO C 78 -7.98 -6.05 -38.48
C PRO C 78 -8.21 -6.66 -37.09
N PHE C 79 -8.31 -5.80 -36.08
CA PHE C 79 -8.39 -6.24 -34.68
C PHE C 79 -9.54 -5.62 -33.90
N PRO C 80 -10.16 -6.40 -32.98
CA PRO C 80 -11.16 -5.87 -32.07
C PRO C 80 -10.50 -5.21 -30.85
N VAL C 81 -10.03 -3.98 -31.06
CA VAL C 81 -9.33 -3.24 -30.01
C VAL C 81 -10.23 -2.93 -28.82
N LEU C 82 -11.50 -2.65 -29.08
CA LEU C 82 -12.46 -2.31 -28.01
C LEU C 82 -12.80 -3.52 -27.14
N LEU C 83 -12.95 -4.68 -27.76
CA LEU C 83 -13.13 -5.93 -27.04
C LEU C 83 -11.90 -6.25 -26.17
N TRP C 84 -10.72 -6.04 -26.74
CA TRP C 84 -9.46 -6.15 -26.00
C TRP C 84 -9.46 -5.28 -24.75
N LEU C 85 -9.91 -4.03 -24.89
CA LEU C 85 -10.01 -3.10 -23.78
C LEU C 85 -10.97 -3.61 -22.71
N TRP C 86 -12.12 -4.09 -23.13
CA TRP C 86 -13.13 -4.65 -22.22
C TRP C 86 -12.58 -5.86 -21.49
N ASN C 87 -11.81 -6.69 -22.21
CA ASN C 87 -11.10 -7.82 -21.62
C ASN C 87 -10.09 -7.38 -20.56
N SER C 88 -9.48 -6.21 -20.77
CA SER C 88 -8.52 -5.65 -19.83
C SER C 88 -9.20 -5.18 -18.53
N VAL C 89 -10.32 -4.49 -18.68
CA VAL C 89 -11.14 -4.04 -17.55
C VAL C 89 -11.58 -5.24 -16.69
N LYS C 90 -12.14 -6.26 -17.35
CA LYS C 90 -12.57 -7.49 -16.67
C LYS C 90 -11.44 -8.15 -15.89
N VAL C 91 -10.32 -8.42 -16.55
CA VAL C 91 -9.18 -9.08 -15.90
C VAL C 91 -8.62 -8.21 -14.77
N ALA C 92 -8.44 -6.92 -15.04
CA ALA C 92 -7.89 -6.00 -14.04
C ALA C 92 -8.87 -5.70 -12.91
N GLY C 93 -10.16 -5.72 -13.22
CA GLY C 93 -11.22 -5.45 -12.24
C GLY C 93 -11.33 -6.55 -11.20
N ILE C 94 -11.60 -7.77 -11.66
CA ILE C 94 -11.72 -8.94 -10.78
C ILE C 94 -10.39 -9.23 -10.08
N SER C 95 -9.30 -9.12 -10.83
CA SER C 95 -7.95 -9.32 -10.30
C SER C 95 -7.67 -8.40 -9.13
N ALA C 96 -8.03 -7.12 -9.27
CA ALA C 96 -7.84 -6.15 -8.20
C ALA C 96 -8.71 -6.48 -6.98
N ILE C 97 -10.00 -6.73 -7.21
CA ILE C 97 -10.92 -7.10 -6.13
C ILE C 97 -10.37 -8.30 -5.35
N GLY C 98 -9.86 -9.28 -6.08
CA GLY C 98 -9.24 -10.46 -5.48
C GLY C 98 -8.00 -10.15 -4.66
N ILE C 99 -7.12 -9.31 -5.19
CA ILE C 99 -5.87 -8.94 -4.49
C ILE C 99 -6.16 -8.10 -3.24
N VAL C 100 -7.12 -7.19 -3.35
CA VAL C 100 -7.59 -6.42 -2.19
C VAL C 100 -8.09 -7.34 -1.09
N ALA C 101 -9.01 -8.25 -1.44
CA ALA C 101 -9.65 -9.15 -0.49
C ALA C 101 -8.66 -10.10 0.17
N LEU C 102 -7.71 -10.62 -0.60
CA LEU C 102 -6.72 -11.56 -0.08
C LEU C 102 -5.67 -10.90 0.81
N SER C 103 -5.20 -9.71 0.42
CA SER C 103 -4.15 -9.02 1.17
C SER C 103 -4.65 -8.31 2.43
N THR C 104 -5.93 -7.92 2.42
CA THR C 104 -6.57 -7.28 3.58
C THR C 104 -6.78 -8.27 4.72
N THR C 105 -7.34 -9.44 4.40
CA THR C 105 -7.57 -10.48 5.40
C THR C 105 -6.25 -10.95 6.00
N CYS C 106 -5.25 -11.15 5.13
CA CYS C 106 -3.92 -11.54 5.54
C CYS C 106 -3.26 -10.50 6.47
N ALA C 107 -3.37 -9.22 6.09
CA ALA C 107 -2.81 -8.12 6.87
C ALA C 107 -3.45 -8.02 8.25
N TYR C 108 -4.77 -8.23 8.30
CA TYR C 108 -5.52 -8.21 9.55
C TYR C 108 -4.92 -9.16 10.57
N ALA C 109 -4.65 -10.39 10.16
CA ALA C 109 -4.04 -11.39 11.03
C ALA C 109 -2.62 -11.00 11.45
N PHE C 110 -1.88 -10.39 10.53
CA PHE C 110 -0.51 -9.93 10.83
C PHE C 110 -0.49 -8.71 11.73
N ALA C 111 -1.53 -7.89 11.66
CA ALA C 111 -1.58 -6.63 12.41
C ALA C 111 -2.32 -6.70 13.75
N ARG C 112 -3.17 -7.72 13.93
CA ARG C 112 -4.06 -7.78 15.10
C ARG C 112 -4.00 -9.09 15.87
N MET C 113 -3.58 -10.16 15.20
CA MET C 113 -3.53 -11.48 15.81
C MET C 113 -2.09 -11.95 16.02
N ARG C 114 -1.93 -12.99 16.81
CA ARG C 114 -0.61 -13.57 17.08
C ARG C 114 -0.58 -15.06 16.77
N PHE C 115 0.52 -15.49 16.14
CA PHE C 115 0.73 -16.89 15.79
C PHE C 115 2.23 -17.15 15.57
N PRO C 116 2.70 -18.38 15.90
CA PRO C 116 4.11 -18.73 15.77
C PRO C 116 4.69 -18.45 14.38
N GLY C 117 5.82 -17.74 14.34
CA GLY C 117 6.49 -17.41 13.10
C GLY C 117 5.84 -16.29 12.30
N LYS C 118 5.16 -15.38 13.01
CA LYS C 118 4.54 -14.21 12.38
C LYS C 118 5.59 -13.30 11.75
N ALA C 119 6.67 -13.06 12.49
CA ALA C 119 7.77 -12.19 12.05
C ALA C 119 8.61 -12.82 10.93
N THR C 120 8.73 -14.15 10.96
CA THR C 120 9.46 -14.88 9.93
C THR C 120 8.70 -14.88 8.59
N LEU C 121 7.39 -15.14 8.66
CA LEU C 121 6.56 -15.22 7.46
C LEU C 121 6.44 -13.91 6.71
N LEU C 122 6.27 -12.81 7.44
CA LEU C 122 6.18 -11.48 6.82
C LEU C 122 7.45 -11.09 6.09
N LYS C 123 8.60 -11.37 6.70
CA LYS C 123 9.90 -11.08 6.10
C LYS C 123 10.25 -12.08 5.00
N GLY C 124 9.71 -13.29 5.11
CA GLY C 124 9.82 -14.29 4.07
C GLY C 124 9.06 -13.89 2.83
N MET C 125 7.86 -13.33 3.04
CA MET C 125 7.02 -12.83 1.96
C MET C 125 7.69 -11.72 1.16
N LEU C 126 8.34 -10.80 1.88
CA LEU C 126 9.04 -9.68 1.25
C LEU C 126 10.28 -10.15 0.50
N ILE C 127 10.96 -11.17 1.03
CA ILE C 127 12.18 -11.70 0.42
C ILE C 127 11.89 -12.53 -0.84
N PHE C 128 10.97 -13.49 -0.73
CA PHE C 128 10.69 -14.42 -1.82
C PHE C 128 10.00 -13.77 -3.02
N GLN C 129 9.32 -12.64 -2.80
CA GLN C 129 8.73 -11.90 -3.91
C GLN C 129 9.77 -11.02 -4.59
N MET C 130 10.86 -10.72 -3.89
CA MET C 130 11.95 -9.93 -4.46
C MET C 130 12.97 -10.81 -5.19
N PHE C 131 12.50 -11.98 -5.64
CA PHE C 131 13.29 -12.88 -6.47
C PHE C 131 13.09 -12.53 -7.95
N PRO C 132 14.17 -12.60 -8.75
CA PRO C 132 14.10 -12.30 -10.18
C PRO C 132 13.19 -13.28 -10.95
N ALA C 133 12.12 -12.76 -11.54
CA ALA C 133 11.17 -13.55 -12.32
C ALA C 133 11.67 -13.82 -13.75
N VAL C 134 12.82 -14.49 -13.85
CA VAL C 134 13.46 -14.73 -15.15
C VAL C 134 13.03 -16.04 -15.82
N LEU C 135 13.00 -17.12 -15.04
CA LEU C 135 12.60 -18.44 -15.54
C LEU C 135 11.23 -18.85 -15.00
N SER C 136 10.43 -17.86 -14.65
CA SER C 136 9.12 -18.08 -14.04
C SER C 136 8.06 -18.54 -15.04
N LEU C 137 8.11 -18.00 -16.25
CA LEU C 137 7.13 -18.32 -17.30
C LEU C 137 7.18 -19.79 -17.73
N VAL C 138 8.36 -20.39 -17.67
CA VAL C 138 8.54 -21.83 -17.89
C VAL C 138 7.73 -22.61 -16.85
N ALA C 139 7.84 -22.19 -15.58
CA ALA C 139 7.17 -22.84 -14.47
C ALA C 139 5.66 -22.59 -14.48
N LEU C 140 5.26 -21.38 -14.87
CA LEU C 140 3.85 -20.98 -14.90
C LEU C 140 3.04 -21.73 -15.96
N TYR C 141 3.60 -21.87 -17.16
CA TYR C 141 2.96 -22.58 -18.25
C TYR C 141 2.72 -24.03 -17.87
N ALA C 142 3.73 -24.66 -17.29
CA ALA C 142 3.67 -26.05 -16.84
C ALA C 142 2.59 -26.25 -15.77
N LEU C 143 2.34 -25.22 -14.97
CA LEU C 143 1.33 -25.27 -13.92
C LEU C 143 -0.08 -25.22 -14.50
N PHE C 144 -0.35 -24.21 -15.32
CA PHE C 144 -1.68 -24.01 -15.90
C PHE C 144 -2.06 -25.06 -16.94
N ASP C 145 -1.06 -25.65 -17.58
CA ASP C 145 -1.29 -26.73 -18.51
C ASP C 145 -1.80 -27.96 -17.76
N ARG C 146 -1.21 -28.23 -16.60
CA ARG C 146 -1.64 -29.31 -15.73
C ARG C 146 -2.99 -29.01 -15.09
N LEU C 147 -3.19 -27.75 -14.71
CA LEU C 147 -4.41 -27.33 -14.03
C LEU C 147 -5.63 -27.41 -14.95
N GLY C 148 -5.42 -27.09 -16.23
CA GLY C 148 -6.48 -26.99 -17.22
C GLY C 148 -7.34 -28.23 -17.40
N GLU C 149 -6.73 -29.40 -17.24
CA GLU C 149 -7.46 -30.66 -17.44
C GLU C 149 -8.29 -31.10 -16.23
N TYR C 150 -8.20 -30.35 -15.13
CA TYR C 150 -9.02 -30.62 -13.95
C TYR C 150 -10.04 -29.52 -13.71
N ILE C 151 -9.58 -28.27 -13.61
CA ILE C 151 -10.47 -27.11 -13.62
C ILE C 151 -10.21 -26.33 -14.92
N PRO C 152 -11.04 -26.58 -15.96
CA PRO C 152 -10.87 -25.91 -17.26
C PRO C 152 -11.08 -24.40 -17.20
N PHE C 153 -11.89 -23.96 -16.24
CA PHE C 153 -12.24 -22.55 -16.06
C PHE C 153 -11.03 -21.66 -15.75
N ILE C 154 -9.99 -22.26 -15.18
CA ILE C 154 -8.78 -21.52 -14.82
C ILE C 154 -7.50 -22.11 -15.45
N GLY C 155 -7.65 -22.70 -16.63
CA GLY C 155 -6.51 -23.26 -17.36
C GLY C 155 -5.96 -22.30 -18.41
N LEU C 156 -5.23 -22.84 -19.37
CA LEU C 156 -4.68 -22.03 -20.48
C LEU C 156 -5.81 -21.49 -21.35
N ASN C 157 -5.57 -20.31 -21.93
CA ASN C 157 -6.52 -19.64 -22.82
C ASN C 157 -7.84 -19.25 -22.14
N THR C 158 -7.76 -18.88 -20.86
CA THR C 158 -8.92 -18.45 -20.08
C THR C 158 -8.61 -17.18 -19.30
N HIS C 159 -9.62 -16.35 -19.07
CA HIS C 159 -9.47 -15.17 -18.24
C HIS C 159 -9.29 -15.53 -16.77
N GLY C 160 -9.97 -16.59 -16.35
CA GLY C 160 -9.85 -17.12 -14.99
C GLY C 160 -8.41 -17.42 -14.62
N GLY C 161 -7.71 -18.10 -15.51
CA GLY C 161 -6.30 -18.43 -15.32
C GLY C 161 -5.41 -17.22 -15.16
N VAL C 162 -5.67 -16.18 -15.96
CA VAL C 162 -4.90 -14.94 -15.90
C VAL C 162 -5.12 -14.23 -14.57
N ILE C 163 -6.39 -14.13 -14.17
CA ILE C 163 -6.78 -13.55 -12.88
C ILE C 163 -6.16 -14.35 -11.74
N PHE C 164 -6.27 -15.67 -11.80
CA PHE C 164 -5.71 -16.57 -10.81
C PHE C 164 -4.19 -16.38 -10.67
N ALA C 165 -3.52 -16.17 -11.80
CA ALA C 165 -2.07 -15.98 -11.84
C ALA C 165 -1.58 -14.73 -11.09
N TYR C 166 -2.42 -13.68 -11.04
CA TYR C 166 -2.03 -12.43 -10.39
C TYR C 166 -2.23 -12.46 -8.89
N LEU C 167 -3.19 -13.25 -8.43
CA LEU C 167 -3.54 -13.30 -7.00
C LEU C 167 -2.38 -13.74 -6.10
N GLY C 168 -1.27 -14.13 -6.70
CA GLY C 168 -0.05 -14.47 -5.97
C GLY C 168 0.82 -13.28 -5.62
N GLY C 169 0.59 -12.15 -6.30
CA GLY C 169 1.40 -10.94 -6.08
C GLY C 169 0.85 -10.00 -5.02
N ILE C 170 0.70 -10.52 -3.79
CA ILE C 170 0.07 -9.76 -2.70
C ILE C 170 1.04 -9.32 -1.60
N ALA C 171 2.22 -9.95 -1.55
CA ALA C 171 3.18 -9.74 -0.46
C ALA C 171 3.30 -8.28 -0.04
N LEU C 172 3.63 -7.42 -1.00
CA LEU C 172 3.81 -6.00 -0.72
C LEU C 172 2.53 -5.32 -0.26
N HIS C 173 1.40 -5.67 -0.87
CA HIS C 173 0.10 -5.12 -0.50
C HIS C 173 -0.28 -5.50 0.93
N VAL C 174 0.10 -6.71 1.35
CA VAL C 174 -0.06 -7.13 2.74
C VAL C 174 0.70 -6.19 3.68
N TRP C 175 1.97 -5.92 3.37
CA TRP C 175 2.79 -4.98 4.14
C TRP C 175 2.18 -3.59 4.20
N THR C 176 1.70 -3.10 3.05
CA THR C 176 1.09 -1.78 2.97
C THR C 176 -0.18 -1.66 3.81
N ILE C 177 -1.05 -2.67 3.75
CA ILE C 177 -2.29 -2.65 4.53
C ILE C 177 -2.02 -2.87 6.02
N LYS C 178 -1.13 -3.82 6.33
CA LYS C 178 -0.70 -4.08 7.71
C LYS C 178 -0.17 -2.82 8.37
N GLY C 179 0.64 -2.06 7.63
CA GLY C 179 1.18 -0.79 8.10
C GLY C 179 0.11 0.23 8.45
N TYR C 180 -0.89 0.35 7.58
CA TYR C 180 -2.00 1.28 7.78
C TYR C 180 -2.85 0.85 8.97
N PHE C 181 -3.15 -0.45 9.05
CA PHE C 181 -3.90 -1.03 10.15
C PHE C 181 -3.29 -0.65 11.50
N GLU C 182 -1.96 -0.61 11.54
CA GLU C 182 -1.21 -0.36 12.78
C GLU C 182 -1.26 1.10 13.26
N THR C 183 -1.64 2.01 12.36
CA THR C 183 -1.81 3.43 12.72
C THR C 183 -3.13 3.68 13.43
N ILE C 184 -4.12 2.84 13.17
CA ILE C 184 -5.45 2.96 13.77
C ILE C 184 -5.41 2.45 15.21
N ASP C 185 -6.01 3.23 16.12
CA ASP C 185 -5.97 2.93 17.55
C ASP C 185 -6.72 1.64 17.86
N SER C 186 -6.08 0.78 18.65
CA SER C 186 -6.54 -0.57 18.92
C SER C 186 -7.80 -0.60 19.78
N SER C 187 -8.00 0.47 20.56
CA SER C 187 -9.12 0.55 21.49
C SER C 187 -10.48 0.54 20.82
N LEU C 188 -10.52 0.86 19.53
CA LEU C 188 -11.75 0.83 18.74
C LEU C 188 -12.25 -0.59 18.54
N GLU C 189 -11.32 -1.49 18.26
CA GLU C 189 -11.65 -2.91 18.09
C GLU C 189 -11.81 -3.59 19.43
N GLU C 190 -11.08 -3.11 20.43
CA GLU C 190 -11.24 -3.56 21.81
C GLU C 190 -12.65 -3.25 22.30
N ALA C 191 -13.10 -2.03 22.09
CA ALA C 191 -14.46 -1.62 22.40
C ALA C 191 -15.47 -2.52 21.68
N ALA C 192 -15.20 -2.81 20.42
CA ALA C 192 -16.04 -3.69 19.62
C ALA C 192 -16.13 -5.10 20.21
N ALA C 193 -14.98 -5.68 20.54
CA ALA C 193 -14.92 -7.00 21.14
C ALA C 193 -15.71 -7.07 22.45
N LEU C 194 -15.67 -5.98 23.22
CA LEU C 194 -16.45 -5.87 24.46
C LEU C 194 -17.96 -5.73 24.20
N ASP C 195 -18.32 -5.15 23.06
CA ASP C 195 -19.71 -5.14 22.62
C ASP C 195 -20.15 -6.52 22.11
N GLY C 196 -19.23 -7.48 22.14
CA GLY C 196 -19.53 -8.86 21.77
C GLY C 196 -19.17 -9.23 20.33
N ALA C 197 -18.39 -8.38 19.68
CA ALA C 197 -18.01 -8.60 18.29
C ALA C 197 -16.95 -9.69 18.14
N THR C 198 -17.20 -10.60 17.20
CA THR C 198 -16.21 -11.59 16.80
C THR C 198 -15.05 -10.88 16.11
N PRO C 199 -13.88 -11.54 16.01
CA PRO C 199 -12.75 -10.95 15.30
C PRO C 199 -13.07 -10.58 13.84
N TRP C 200 -13.97 -11.33 13.21
CA TRP C 200 -14.44 -10.97 11.87
C TRP C 200 -15.30 -9.71 11.87
N GLN C 201 -16.24 -9.63 12.81
CA GLN C 201 -17.15 -8.49 12.93
C GLN C 201 -16.38 -7.18 13.20
N ALA C 202 -15.42 -7.24 14.12
CA ALA C 202 -14.53 -6.10 14.40
C ALA C 202 -13.76 -5.69 13.15
N PHE C 203 -13.32 -6.69 12.40
CA PHE C 203 -12.64 -6.50 11.12
C PHE C 203 -13.53 -5.79 10.09
N ARG C 204 -14.71 -6.36 9.83
CA ARG C 204 -15.62 -5.82 8.81
C ARG C 204 -16.27 -4.48 9.19
N LEU C 205 -16.75 -4.38 10.43
CA LEU C 205 -17.62 -3.26 10.83
C LEU C 205 -16.90 -2.06 11.46
N VAL C 206 -15.68 -2.28 11.96
CA VAL C 206 -14.91 -1.21 12.58
C VAL C 206 -13.64 -0.87 11.81
N LEU C 207 -12.75 -1.85 11.66
CA LEU C 207 -11.41 -1.59 11.10
C LEU C 207 -11.42 -1.22 9.62
N LEU C 208 -12.21 -1.92 8.81
CA LEU C 208 -12.24 -1.68 7.36
C LEU C 208 -12.78 -0.31 6.93
N PRO C 209 -13.87 0.17 7.57
CA PRO C 209 -14.38 1.50 7.19
C PRO C 209 -13.40 2.64 7.50
N LEU C 210 -12.46 2.41 8.42
CA LEU C 210 -11.44 3.39 8.75
C LEU C 210 -10.17 3.18 7.92
N SER C 211 -10.09 2.04 7.24
CA SER C 211 -8.93 1.67 6.45
C SER C 211 -9.16 1.92 4.97
N VAL C 212 -10.35 2.42 4.67
CA VAL C 212 -10.83 2.66 3.32
C VAL C 212 -9.89 3.42 2.36
N PRO C 213 -9.08 4.38 2.87
CA PRO C 213 -8.10 5.01 1.97
C PRO C 213 -7.04 4.06 1.42
N ILE C 214 -6.49 3.17 2.26
CA ILE C 214 -5.42 2.28 1.81
C ILE C 214 -5.95 1.12 0.95
N LEU C 215 -7.23 0.81 1.09
CA LEU C 215 -7.87 -0.19 0.25
C LEU C 215 -7.99 0.33 -1.18
N ALA C 216 -8.27 1.63 -1.32
CA ALA C 216 -8.31 2.27 -2.61
C ALA C 216 -6.93 2.26 -3.26
N VAL C 217 -5.90 2.57 -2.48
CA VAL C 217 -4.51 2.52 -2.94
C VAL C 217 -4.15 1.15 -3.49
N VAL C 218 -4.43 0.10 -2.72
CA VAL C 218 -4.13 -1.26 -3.16
C VAL C 218 -4.93 -1.64 -4.42
N PHE C 219 -6.20 -1.23 -4.47
CA PHE C 219 -7.03 -1.47 -5.66
C PHE C 219 -6.44 -0.80 -6.90
N ILE C 220 -6.09 0.48 -6.75
CA ILE C 220 -5.49 1.26 -7.82
C ILE C 220 -4.20 0.61 -8.32
N LEU C 221 -3.27 0.33 -7.39
CA LEU C 221 -1.99 -0.25 -7.75
C LEU C 221 -2.11 -1.59 -8.46
N SER C 222 -3.14 -2.36 -8.10
CA SER C 222 -3.41 -3.65 -8.72
C SER C 222 -4.08 -3.52 -10.09
N PHE C 223 -4.98 -2.56 -10.22
CA PHE C 223 -5.68 -2.33 -11.48
C PHE C 223 -4.71 -1.89 -12.57
N ILE C 224 -3.80 -0.98 -12.23
CA ILE C 224 -2.72 -0.55 -13.13
C ILE C 224 -1.83 -1.73 -13.51
N ALA C 225 -1.36 -2.46 -12.50
CA ALA C 225 -0.53 -3.64 -12.69
C ALA C 225 -1.14 -4.60 -13.72
N ALA C 226 -2.44 -4.87 -13.57
CA ALA C 226 -3.13 -5.80 -14.45
C ALA C 226 -3.38 -5.26 -15.85
N ILE C 227 -3.65 -3.95 -15.96
CA ILE C 227 -3.90 -3.33 -17.25
C ILE C 227 -2.66 -3.33 -18.14
N THR C 228 -1.50 -3.10 -17.55
CA THR C 228 -0.27 -2.92 -18.30
C THR C 228 0.53 -4.22 -18.46
N GLU C 229 0.07 -5.29 -17.81
CA GLU C 229 0.80 -6.56 -17.76
C GLU C 229 0.79 -7.27 -19.10
N VAL C 230 1.98 -7.68 -19.56
CA VAL C 230 2.11 -8.36 -20.86
C VAL C 230 2.53 -9.84 -20.79
N PRO C 231 3.73 -10.15 -20.23
CA PRO C 231 4.32 -11.48 -20.38
C PRO C 231 3.39 -12.64 -20.00
N VAL C 232 2.84 -12.61 -18.78
CA VAL C 232 2.02 -13.70 -18.26
C VAL C 232 0.72 -13.86 -19.05
N ALA C 233 0.04 -12.75 -19.33
CA ALA C 233 -1.21 -12.76 -20.07
C ALA C 233 -1.00 -13.22 -21.51
N SER C 234 0.12 -12.81 -22.11
CA SER C 234 0.48 -13.24 -23.46
C SER C 234 0.80 -14.73 -23.49
N LEU C 235 1.36 -15.23 -22.40
CA LEU C 235 1.76 -16.63 -22.27
C LEU C 235 0.55 -17.55 -22.12
N LEU C 236 -0.49 -17.06 -21.46
CA LEU C 236 -1.67 -17.87 -21.17
C LEU C 236 -2.78 -17.78 -22.22
N LEU C 237 -2.95 -16.61 -22.82
CA LEU C 237 -4.04 -16.38 -23.77
C LEU C 237 -3.67 -16.72 -25.22
N ARG C 238 -4.51 -17.49 -25.89
CA ARG C 238 -4.30 -17.92 -27.28
C ARG C 238 -5.28 -17.25 -28.26
N ASP C 239 -6.56 -17.20 -27.90
CA ASP C 239 -7.61 -16.67 -28.75
C ASP C 239 -7.59 -15.14 -28.85
N VAL C 240 -7.57 -14.66 -30.09
CA VAL C 240 -7.52 -13.21 -30.39
C VAL C 240 -8.64 -12.45 -29.66
N ASN C 241 -9.85 -13.00 -29.66
CA ASN C 241 -10.99 -12.36 -29.03
C ASN C 241 -10.97 -12.38 -27.50
N SER C 242 -10.02 -13.12 -26.93
CA SER C 242 -9.85 -13.17 -25.48
C SER C 242 -8.62 -12.37 -25.03
N TYR C 243 -7.88 -11.82 -26.00
CA TYR C 243 -6.72 -10.99 -25.67
C TYR C 243 -7.12 -9.79 -24.81
N THR C 244 -6.28 -9.48 -23.83
CA THR C 244 -6.35 -8.18 -23.17
C THR C 244 -5.72 -7.16 -24.13
N LEU C 245 -5.89 -5.87 -23.80
CA LEU C 245 -5.35 -4.81 -24.66
C LEU C 245 -3.83 -4.81 -24.71
N ALA C 246 -3.18 -5.10 -23.59
CA ALA C 246 -1.71 -5.18 -23.55
C ALA C 246 -1.17 -6.32 -24.43
N VAL C 247 -1.85 -7.46 -24.41
CA VAL C 247 -1.48 -8.59 -25.28
C VAL C 247 -1.75 -8.25 -26.74
N GLY C 248 -2.94 -7.72 -27.01
CA GLY C 248 -3.35 -7.40 -28.36
C GLY C 248 -2.46 -6.42 -29.11
N MET C 249 -2.00 -5.38 -28.42
CA MET C 249 -1.19 -4.34 -29.07
C MET C 249 0.23 -4.79 -29.41
N GLN C 250 0.61 -5.97 -28.93
CA GLN C 250 1.88 -6.59 -29.31
C GLN C 250 1.91 -6.97 -30.80
N GLN C 251 0.72 -7.11 -31.40
CA GLN C 251 0.59 -7.43 -32.82
C GLN C 251 1.09 -6.30 -33.72
N TYR C 252 1.26 -5.12 -33.14
CA TYR C 252 1.75 -3.95 -33.87
C TYR C 252 3.28 -3.89 -33.86
N LEU C 253 3.91 -4.88 -33.23
CA LEU C 253 5.36 -4.90 -33.09
C LEU C 253 6.01 -6.02 -33.90
N ASN C 254 6.85 -5.64 -34.85
CA ASN C 254 7.52 -6.60 -35.73
C ASN C 254 9.04 -6.45 -35.67
N PRO C 255 9.78 -7.53 -36.01
CA PRO C 255 11.26 -7.53 -35.89
C PRO C 255 11.97 -6.34 -36.54
N GLN C 256 11.38 -5.77 -37.59
CA GLN C 256 12.04 -4.70 -38.35
C GLN C 256 11.40 -3.31 -38.25
N ASN C 257 10.10 -3.27 -37.92
CA ASN C 257 9.38 -2.00 -37.81
C ASN C 257 8.16 -2.13 -36.92
N TYR C 258 7.68 -1.00 -36.40
CA TYR C 258 6.48 -0.99 -35.57
C TYR C 258 5.36 -0.21 -36.24
N LEU C 259 4.12 -0.65 -36.07
CA LEU C 259 2.97 0.16 -36.48
C LEU C 259 2.66 1.19 -35.39
N TRP C 260 3.54 2.18 -35.27
CA TRP C 260 3.52 3.17 -34.18
C TRP C 260 2.16 3.83 -33.98
N GLY C 261 1.52 4.20 -35.08
CA GLY C 261 0.23 4.89 -35.04
C GLY C 261 -0.83 4.08 -34.32
N ASP C 262 -0.90 2.80 -34.63
CA ASP C 262 -1.88 1.90 -34.02
C ASP C 262 -1.48 1.54 -32.59
N PHE C 263 -0.18 1.40 -32.34
CA PHE C 263 0.34 1.11 -31.01
C PHE C 263 0.05 2.25 -30.04
N ALA C 264 0.25 3.48 -30.52
CA ALA C 264 0.05 4.68 -29.72
C ALA C 264 -1.42 4.85 -29.33
N ALA C 265 -2.32 4.60 -30.29
CA ALA C 265 -3.75 4.69 -30.02
C ALA C 265 -4.17 3.66 -28.97
N ALA C 266 -3.56 2.49 -29.03
CA ALA C 266 -3.79 1.43 -28.05
C ALA C 266 -3.26 1.81 -26.67
N ALA C 267 -2.12 2.50 -26.65
CA ALA C 267 -1.50 2.96 -25.42
C ALA C 267 -2.35 4.02 -24.71
N VAL C 268 -2.78 5.02 -25.45
CA VAL C 268 -3.65 6.09 -24.92
C VAL C 268 -4.97 5.51 -24.41
N MET C 269 -5.51 4.54 -25.13
CA MET C 269 -6.75 3.86 -24.75
C MET C 269 -6.63 3.11 -23.43
N SER C 270 -5.48 2.47 -23.21
CA SER C 270 -5.27 1.67 -22.00
C SER C 270 -5.14 2.54 -20.74
N ALA C 271 -4.77 3.81 -20.94
CA ALA C 271 -4.66 4.77 -19.85
C ALA C 271 -6.01 5.27 -19.37
N LEU C 272 -7.03 5.09 -20.21
CA LEU C 272 -8.39 5.58 -19.91
C LEU C 272 -9.07 4.89 -18.71
N PRO C 273 -9.10 3.54 -18.68
CA PRO C 273 -9.69 2.86 -17.53
C PRO C 273 -8.93 3.12 -16.22
N ILE C 274 -7.62 3.32 -16.30
CA ILE C 274 -6.81 3.74 -15.14
C ILE C 274 -7.36 5.04 -14.58
N THR C 275 -7.51 6.05 -15.44
CA THR C 275 -8.03 7.37 -15.09
C THR C 275 -9.42 7.31 -14.44
N ILE C 276 -10.30 6.51 -15.03
CA ILE C 276 -11.67 6.37 -14.54
C ILE C 276 -11.68 5.78 -13.13
N VAL C 277 -10.95 4.69 -12.95
CA VAL C 277 -10.84 4.02 -11.65
C VAL C 277 -10.17 4.95 -10.63
N PHE C 278 -9.13 5.66 -11.08
CA PHE C 278 -8.43 6.60 -10.20
C PHE C 278 -9.37 7.69 -9.70
N LEU C 279 -10.20 8.21 -10.60
CA LEU C 279 -11.21 9.21 -10.25
C LEU C 279 -12.26 8.66 -9.27
N LEU C 280 -12.75 7.45 -9.53
CA LEU C 280 -13.77 6.83 -8.70
C LEU C 280 -13.28 6.49 -7.29
N ALA C 281 -11.99 6.14 -7.20
CA ALA C 281 -11.37 5.77 -5.92
C ALA C 281 -11.25 6.94 -4.95
N GLN C 282 -11.23 8.16 -5.50
CA GLN C 282 -11.04 9.37 -4.69
C GLN C 282 -12.04 9.53 -3.56
N ARG C 283 -13.26 9.02 -3.77
CA ARG C 283 -14.31 9.07 -2.76
C ARG C 283 -13.93 8.32 -1.47
N TRP C 284 -12.99 7.38 -1.60
CA TRP C 284 -12.50 6.61 -0.45
C TRP C 284 -11.15 7.13 0.07
N LEU C 285 -10.59 8.13 -0.60
CA LEU C 285 -9.36 8.78 -0.15
C LEU C 285 -9.70 10.05 0.63
N VAL C 286 -10.19 9.86 1.86
CA VAL C 286 -10.65 10.97 2.69
C VAL C 286 -9.80 11.17 3.95
N ASN C 287 -9.75 12.39 4.45
CA ASN C 287 -9.00 12.71 5.67
C ASN C 287 -9.85 12.60 6.93
N GLY C 288 -9.16 12.39 8.06
CA GLY C 288 -9.77 12.43 9.38
C GLY C 288 -10.91 11.46 9.61
N LEU C 289 -10.65 10.19 9.28
CA LEU C 289 -11.63 9.14 9.51
C LEU C 289 -11.68 8.71 10.97
N THR C 290 -10.55 8.83 11.67
CA THR C 290 -10.46 8.43 13.07
C THR C 290 -10.66 9.60 14.06
N ALA C 291 -11.06 10.75 13.52
CA ALA C 291 -11.23 11.97 14.30
C ALA C 291 -12.44 11.91 15.22
N GLY C 292 -12.20 12.16 16.51
CA GLY C 292 -13.27 12.20 17.51
C GLY C 292 -13.47 10.88 18.24
N GLY C 293 -12.72 9.86 17.84
CA GLY C 293 -12.88 8.52 18.40
C GLY C 293 -12.10 8.28 19.67
N VAL C 294 -10.81 8.61 19.65
CA VAL C 294 -9.90 8.33 20.76
C VAL C 294 -9.25 9.61 21.29
N LYS C 295 -9.44 9.85 22.59
CA LYS C 295 -8.79 10.93 23.31
C LYS C 295 -7.30 10.60 23.51
N GLY C 296 -6.44 11.57 23.20
CA GLY C 296 -4.99 11.38 23.31
C GLY C 296 -4.16 12.30 22.44
N ALA D 2 -21.82 -10.35 37.87
CA ALA D 2 -21.07 -11.49 38.48
C ALA D 2 -20.06 -11.03 39.51
N SER D 3 -19.59 -11.95 40.35
CA SER D 3 -18.53 -11.66 41.29
C SER D 3 -17.20 -11.54 40.54
N VAL D 4 -16.35 -10.65 40.99
CA VAL D 4 -15.01 -10.51 40.42
C VAL D 4 -13.96 -10.55 41.52
N GLN D 5 -13.08 -11.54 41.43
CA GLN D 5 -12.07 -11.79 42.46
C GLN D 5 -10.68 -11.85 41.85
N LEU D 6 -9.76 -11.09 42.44
CA LEU D 6 -8.39 -11.05 41.97
C LEU D 6 -7.46 -11.59 43.06
N GLN D 7 -6.71 -12.64 42.72
CA GLN D 7 -5.79 -13.27 43.66
C GLN D 7 -4.35 -13.17 43.18
N ASN D 8 -3.51 -12.51 43.96
CA ASN D 8 -2.08 -12.33 43.67
C ASN D 8 -1.79 -11.85 42.26
N VAL D 9 -2.62 -10.94 41.76
CA VAL D 9 -2.50 -10.43 40.40
C VAL D 9 -1.30 -9.49 40.30
N THR D 10 -0.40 -9.80 39.37
CA THR D 10 0.78 -9.00 39.11
C THR D 10 0.85 -8.64 37.63
N LYS D 11 1.15 -7.38 37.34
CA LYS D 11 1.39 -6.93 35.98
C LYS D 11 2.75 -6.24 35.88
N ALA D 12 3.55 -6.66 34.91
CA ALA D 12 4.86 -6.08 34.69
C ALA D 12 5.08 -5.73 33.22
N TRP D 13 5.60 -4.51 32.98
CA TRP D 13 6.05 -4.09 31.66
C TRP D 13 7.57 -4.17 31.65
N GLY D 14 8.10 -5.36 31.40
CA GLY D 14 9.53 -5.61 31.53
C GLY D 14 9.89 -5.68 33.00
N GLU D 15 10.92 -4.92 33.38
CA GLU D 15 11.35 -4.88 34.79
C GLU D 15 10.49 -3.93 35.63
N VAL D 16 9.77 -3.03 34.96
CA VAL D 16 8.83 -2.11 35.62
C VAL D 16 7.55 -2.86 36.00
N VAL D 17 7.26 -2.92 37.30
CA VAL D 17 6.09 -3.64 37.81
C VAL D 17 5.01 -2.64 38.21
N VAL D 18 3.96 -2.55 37.39
CA VAL D 18 2.90 -1.55 37.59
C VAL D 18 1.73 -2.08 38.43
N SER D 19 1.72 -3.38 38.69
CA SER D 19 0.77 -4.02 39.59
C SER D 19 1.48 -5.11 40.39
N LYS D 20 1.42 -5.02 41.72
CA LYS D 20 2.07 -5.99 42.59
C LYS D 20 1.11 -6.66 43.55
N ASP D 21 1.06 -7.99 43.49
CA ASP D 21 0.33 -8.83 44.45
C ASP D 21 -1.02 -8.26 44.89
N ILE D 22 -1.86 -7.88 43.94
CA ILE D 22 -3.15 -7.27 44.31
C ILE D 22 -4.20 -8.34 44.63
N ASN D 23 -4.82 -8.20 45.80
CA ASN D 23 -5.85 -9.13 46.26
C ASN D 23 -7.17 -8.40 46.51
N LEU D 24 -8.16 -8.66 45.66
CA LEU D 24 -9.48 -8.05 45.80
C LEU D 24 -10.60 -9.06 45.72
N ASP D 25 -11.65 -8.82 46.50
CA ASP D 25 -12.81 -9.70 46.52
C ASP D 25 -14.09 -8.89 46.35
N ILE D 26 -14.46 -8.64 45.09
CA ILE D 26 -15.69 -7.92 44.80
C ILE D 26 -16.86 -8.91 44.60
N HIS D 27 -17.78 -8.91 45.56
CA HIS D 27 -18.95 -9.79 45.53
C HIS D 27 -19.98 -9.30 44.51
N GLU D 28 -20.95 -10.15 44.19
CA GLU D 28 -22.03 -9.81 43.25
C GLU D 28 -22.84 -8.59 43.72
N GLY D 29 -23.18 -7.73 42.76
CA GLY D 29 -24.03 -6.57 43.02
C GLY D 29 -23.39 -5.47 43.83
N GLU D 30 -22.08 -5.58 44.05
CA GLU D 30 -21.32 -4.62 44.86
C GLU D 30 -20.84 -3.45 43.99
N PHE D 31 -20.98 -2.23 44.51
CA PHE D 31 -20.47 -1.04 43.86
C PHE D 31 -19.11 -0.68 44.47
N VAL D 32 -18.04 -0.91 43.71
CA VAL D 32 -16.69 -0.71 44.22
C VAL D 32 -15.99 0.41 43.46
N VAL D 33 -15.55 1.42 44.20
CA VAL D 33 -14.84 2.55 43.62
C VAL D 33 -13.33 2.41 43.80
N PHE D 34 -12.60 2.56 42.69
CA PHE D 34 -11.14 2.58 42.71
C PHE D 34 -10.69 4.03 42.73
N VAL D 35 -9.89 4.39 43.72
CA VAL D 35 -9.22 5.69 43.77
C VAL D 35 -7.72 5.52 43.98
N GLY D 36 -6.95 6.55 43.62
CA GLY D 36 -5.50 6.52 43.76
C GLY D 36 -4.83 7.60 42.92
N PRO D 37 -3.54 7.87 43.19
CA PRO D 37 -2.78 8.88 42.45
C PRO D 37 -2.69 8.56 40.96
N SER D 38 -2.56 9.62 40.15
CA SER D 38 -2.41 9.50 38.71
C SER D 38 -1.25 8.54 38.37
N GLY D 39 -1.55 7.55 37.53
CA GLY D 39 -0.57 6.58 37.08
C GLY D 39 -0.19 5.48 38.07
N CYS D 40 -1.07 5.20 39.02
CA CYS D 40 -0.83 4.16 40.02
C CYS D 40 -1.23 2.76 39.55
N GLY D 41 -2.14 2.69 38.58
CA GLY D 41 -2.55 1.41 37.99
C GLY D 41 -4.04 1.11 38.02
N LYS D 42 -4.87 2.14 38.07
CA LYS D 42 -6.32 1.97 38.11
C LYS D 42 -6.90 1.40 36.81
N SER D 43 -6.43 1.93 35.67
CA SER D 43 -6.84 1.43 34.35
C SER D 43 -6.24 0.07 34.05
N THR D 44 -4.97 -0.11 34.41
CA THR D 44 -4.29 -1.40 34.23
C THR D 44 -5.11 -2.53 34.84
N LEU D 45 -5.65 -2.29 36.04
CA LEU D 45 -6.53 -3.25 36.71
C LEU D 45 -7.78 -3.52 35.90
N LEU D 46 -8.46 -2.46 35.46
CA LEU D 46 -9.65 -2.57 34.64
C LEU D 46 -9.39 -3.31 33.33
N ARG D 47 -8.24 -3.05 32.71
CA ARG D 47 -7.89 -3.65 31.42
C ARG D 47 -7.57 -5.13 31.54
N MET D 48 -7.06 -5.53 32.70
CA MET D 48 -6.79 -6.93 32.99
C MET D 48 -8.10 -7.68 33.25
N ILE D 49 -9.04 -7.01 33.90
CA ILE D 49 -10.38 -7.56 34.13
C ILE D 49 -11.12 -7.73 32.81
N ALA D 50 -11.05 -6.72 31.95
CA ALA D 50 -11.73 -6.76 30.64
C ALA D 50 -11.08 -7.74 29.65
N GLY D 51 -9.80 -8.02 29.86
CA GLY D 51 -9.04 -8.93 28.99
C GLY D 51 -8.28 -8.20 27.90
N LEU D 52 -8.07 -6.90 28.10
CA LEU D 52 -7.38 -6.08 27.10
C LEU D 52 -5.87 -6.06 27.36
N GLU D 53 -5.49 -6.46 28.56
CA GLU D 53 -4.09 -6.58 28.94
C GLU D 53 -3.87 -7.94 29.58
N THR D 54 -2.72 -8.56 29.29
CA THR D 54 -2.38 -9.86 29.85
C THR D 54 -1.98 -9.75 31.32
N ILE D 55 -2.04 -10.87 32.04
CA ILE D 55 -1.61 -10.94 33.44
C ILE D 55 -0.26 -11.64 33.52
N THR D 56 0.72 -10.99 34.16
CA THR D 56 2.07 -11.55 34.31
C THR D 56 2.05 -12.80 35.18
N SER D 57 1.52 -12.67 36.39
CA SER D 57 1.31 -13.81 37.29
C SER D 57 0.06 -13.57 38.15
N GLY D 58 -0.53 -14.65 38.63
CA GLY D 58 -1.74 -14.57 39.45
C GLY D 58 -2.99 -14.92 38.68
N ASP D 59 -4.12 -14.97 39.39
CA ASP D 59 -5.36 -15.47 38.84
C ASP D 59 -6.49 -14.45 38.96
N LEU D 60 -7.35 -14.42 37.94
CA LEU D 60 -8.54 -13.59 37.94
C LEU D 60 -9.77 -14.48 37.81
N PHE D 61 -10.77 -14.24 38.63
CA PHE D 61 -12.02 -15.00 38.58
C PHE D 61 -13.21 -14.09 38.36
N ILE D 62 -14.02 -14.41 37.36
CA ILE D 62 -15.30 -13.73 37.16
C ILE D 62 -16.41 -14.77 37.20
N GLY D 63 -17.28 -14.64 38.21
CA GLY D 63 -18.33 -15.62 38.45
C GLY D 63 -17.75 -16.98 38.76
N GLU D 64 -16.67 -16.98 39.55
CA GLU D 64 -15.95 -18.19 39.95
C GLU D 64 -15.42 -19.04 38.79
N LYS D 65 -15.00 -18.37 37.73
CA LYS D 65 -14.39 -19.02 36.58
C LYS D 65 -13.10 -18.28 36.26
N ARG D 66 -11.98 -19.02 36.18
CA ARG D 66 -10.69 -18.41 35.88
C ARG D 66 -10.69 -17.81 34.47
N MET D 67 -10.51 -16.50 34.39
CA MET D 67 -10.69 -15.75 33.15
C MET D 67 -9.40 -15.29 32.48
N ASN D 68 -8.25 -15.62 33.09
CA ASN D 68 -6.93 -15.19 32.58
C ASN D 68 -6.75 -15.28 31.06
N ASP D 69 -7.16 -16.41 30.47
CA ASP D 69 -6.93 -16.65 29.04
C ASP D 69 -8.21 -16.63 28.20
N THR D 70 -9.27 -16.04 28.75
CA THR D 70 -10.54 -15.91 28.03
C THR D 70 -10.53 -14.61 27.21
N PRO D 71 -10.87 -14.70 25.91
CA PRO D 71 -11.04 -13.51 25.08
C PRO D 71 -12.07 -12.53 25.66
N PRO D 72 -11.82 -11.21 25.54
CA PRO D 72 -12.68 -10.13 26.05
C PRO D 72 -14.18 -10.32 25.78
N ALA D 73 -14.52 -10.84 24.60
CA ALA D 73 -15.90 -11.00 24.18
C ALA D 73 -16.70 -11.95 25.06
N GLU D 74 -16.01 -12.93 25.66
CA GLU D 74 -16.64 -13.99 26.45
C GLU D 74 -16.50 -13.77 27.96
N ARG D 75 -16.30 -12.52 28.38
CA ARG D 75 -16.08 -12.21 29.79
C ARG D 75 -17.31 -11.69 30.53
N GLY D 76 -18.29 -11.21 29.78
CA GLY D 76 -19.50 -10.62 30.35
C GLY D 76 -19.20 -9.27 30.98
N VAL D 77 -18.21 -8.58 30.41
CA VAL D 77 -17.71 -7.31 30.93
C VAL D 77 -17.92 -6.19 29.92
N GLY D 78 -18.44 -5.06 30.40
CA GLY D 78 -18.52 -3.85 29.61
C GLY D 78 -17.67 -2.75 30.23
N MET D 79 -17.07 -1.90 29.39
CA MET D 79 -16.22 -0.83 29.91
C MET D 79 -16.48 0.52 29.26
N VAL D 80 -16.50 1.57 30.08
CA VAL D 80 -16.50 2.93 29.59
C VAL D 80 -15.04 3.38 29.58
N PHE D 81 -14.43 3.32 28.40
CA PHE D 81 -13.02 3.63 28.22
C PHE D 81 -12.67 5.05 28.69
N GLN D 82 -11.47 5.20 29.24
CA GLN D 82 -10.99 6.51 29.66
C GLN D 82 -10.80 7.44 28.46
N SER D 83 -10.38 6.87 27.32
N SER D 83 -10.38 6.87 27.32
CA SER D 83 -10.23 7.61 26.08
CA SER D 83 -10.23 7.61 26.08
C SER D 83 -11.50 7.59 25.24
C SER D 83 -11.50 7.58 25.23
N TYR D 84 -12.61 7.16 25.86
CA TYR D 84 -13.93 7.01 25.21
C TYR D 84 -14.00 5.90 24.15
N ALA D 85 -13.02 5.89 23.24
CA ALA D 85 -12.91 4.90 22.17
C ALA D 85 -14.20 4.71 21.39
N LEU D 86 -14.80 5.82 20.97
CA LEU D 86 -16.02 5.81 20.17
C LEU D 86 -15.72 5.41 18.73
N TYR D 87 -16.70 4.81 18.06
CA TYR D 87 -16.56 4.44 16.66
C TYR D 87 -16.76 5.68 15.81
N PRO D 88 -15.66 6.27 15.32
CA PRO D 88 -15.69 7.60 14.69
C PRO D 88 -16.40 7.64 13.34
N HIS D 89 -16.68 6.46 12.77
CA HIS D 89 -17.35 6.36 11.48
C HIS D 89 -18.84 6.11 11.62
N LEU D 90 -19.30 6.04 12.86
CA LEU D 90 -20.72 5.81 13.17
C LEU D 90 -21.25 6.91 14.07
N SER D 91 -22.53 7.23 13.92
CA SER D 91 -23.17 8.28 14.69
C SER D 91 -23.39 7.86 16.15
N VAL D 92 -23.78 8.82 16.98
CA VAL D 92 -24.13 8.57 18.38
C VAL D 92 -25.09 7.40 18.50
N ALA D 93 -26.23 7.49 17.81
CA ALA D 93 -27.24 6.42 17.82
C ALA D 93 -26.64 5.08 17.43
N GLU D 94 -25.87 5.05 16.35
CA GLU D 94 -25.20 3.84 15.87
C GLU D 94 -24.15 3.32 16.87
N ASN D 95 -23.42 4.22 17.51
CA ASN D 95 -22.48 3.85 18.57
C ASN D 95 -23.18 3.14 19.74
N MET D 96 -24.33 3.68 20.15
CA MET D 96 -25.07 3.16 21.29
C MET D 96 -25.88 1.90 20.97
N SER D 97 -26.12 1.67 19.68
CA SER D 97 -26.93 0.54 19.24
C SER D 97 -26.09 -0.57 18.61
N PHE D 98 -24.78 -0.38 18.63
CA PHE D 98 -23.84 -1.28 17.95
C PHE D 98 -23.81 -2.69 18.54
N GLY D 99 -23.79 -2.77 19.87
CA GLY D 99 -23.72 -4.05 20.57
C GLY D 99 -24.96 -4.91 20.38
N LEU D 100 -26.11 -4.24 20.30
CA LEU D 100 -27.39 -4.93 20.11
C LEU D 100 -27.58 -5.42 18.68
N LYS D 101 -27.04 -4.68 17.72
CA LYS D 101 -27.11 -5.08 16.30
C LYS D 101 -26.32 -6.35 16.02
N LEU D 102 -25.29 -6.61 16.82
CA LEU D 102 -24.51 -7.84 16.71
C LEU D 102 -25.31 -9.07 17.12
N ALA D 103 -26.17 -8.91 18.12
CA ALA D 103 -27.19 -9.92 18.45
C ALA D 103 -28.36 -9.77 17.48
N GLY D 104 -29.25 -10.76 17.45
CA GLY D 104 -30.42 -10.72 16.58
C GLY D 104 -31.54 -9.89 17.16
N ALA D 105 -31.23 -8.63 17.50
CA ALA D 105 -32.19 -7.74 18.16
C ALA D 105 -33.06 -6.97 17.17
N LYS D 106 -34.34 -6.83 17.51
CA LYS D 106 -35.30 -6.09 16.68
C LYS D 106 -34.96 -4.61 16.61
N LYS D 107 -35.33 -3.96 15.51
CA LYS D 107 -35.08 -2.54 15.31
C LYS D 107 -35.85 -1.68 16.34
N GLU D 108 -37.10 -2.05 16.61
CA GLU D 108 -37.94 -1.33 17.58
C GLU D 108 -37.48 -1.55 19.01
N VAL D 109 -36.97 -2.76 19.28
CA VAL D 109 -36.35 -3.08 20.58
C VAL D 109 -35.10 -2.23 20.79
N ILE D 110 -34.30 -2.11 19.73
CA ILE D 110 -33.09 -1.27 19.75
C ILE D 110 -33.43 0.21 19.99
N ASN D 111 -34.36 0.74 19.19
CA ASN D 111 -34.75 2.15 19.28
C ASN D 111 -35.37 2.55 20.62
N GLN D 112 -36.12 1.63 21.22
CA GLN D 112 -36.81 1.89 22.48
C GLN D 112 -35.83 2.10 23.64
N ARG D 113 -34.80 1.27 23.69
CA ARG D 113 -33.82 1.32 24.79
C ARG D 113 -32.58 2.14 24.49
N VAL D 114 -32.49 2.69 23.28
CA VAL D 114 -31.41 3.62 22.94
C VAL D 114 -31.86 5.05 23.20
N ASN D 115 -33.08 5.37 22.77
CA ASN D 115 -33.68 6.68 23.02
C ASN D 115 -33.89 6.96 24.51
N GLN D 116 -34.26 5.91 25.24
CA GLN D 116 -34.47 5.98 26.68
C GLN D 116 -33.18 6.35 27.41
N VAL D 117 -32.10 5.65 27.09
CA VAL D 117 -30.77 5.91 27.68
C VAL D 117 -30.21 7.26 27.23
N ALA D 118 -30.44 7.62 25.98
CA ALA D 118 -29.96 8.89 25.42
C ALA D 118 -30.67 10.10 26.04
N GLU D 119 -31.94 9.93 26.41
CA GLU D 119 -32.72 11.03 26.99
C GLU D 119 -32.34 11.33 28.45
N VAL D 120 -31.86 10.32 29.17
CA VAL D 120 -31.40 10.51 30.55
C VAL D 120 -29.97 11.07 30.60
N LEU D 121 -29.25 10.97 29.48
CA LEU D 121 -27.91 11.52 29.36
C LEU D 121 -27.90 12.87 28.63
N GLN D 122 -29.09 13.34 28.27
CA GLN D 122 -29.27 14.61 27.54
C GLN D 122 -28.54 14.58 26.19
N LEU D 123 -28.78 13.53 25.41
CA LEU D 123 -28.15 13.33 24.11
C LEU D 123 -29.19 13.14 23.00
N ALA D 124 -30.44 13.47 23.31
CA ALA D 124 -31.57 13.26 22.40
C ALA D 124 -31.49 14.12 21.13
N HIS D 125 -30.84 15.27 21.24
CA HIS D 125 -30.70 16.21 20.12
C HIS D 125 -29.41 15.98 19.31
N LEU D 126 -28.60 15.02 19.74
CA LEU D 126 -27.30 14.77 19.12
C LEU D 126 -27.20 13.37 18.51
N LEU D 127 -28.36 12.73 18.34
CA LEU D 127 -28.46 11.34 17.93
C LEU D 127 -27.82 11.04 16.57
N ASP D 128 -27.97 12.00 15.63
CA ASP D 128 -27.45 11.86 14.27
C ASP D 128 -25.98 12.24 14.13
N ARG D 129 -25.43 12.91 15.13
CA ARG D 129 -24.06 13.44 15.09
C ARG D 129 -22.98 12.37 15.13
N LYS D 130 -21.92 12.59 14.36
CA LYS D 130 -20.72 11.77 14.43
C LYS D 130 -19.79 12.31 15.53
N PRO D 131 -18.97 11.42 16.14
CA PRO D 131 -18.10 11.77 17.26
C PRO D 131 -17.21 13.00 17.06
N LYS D 132 -16.84 13.27 15.81
CA LYS D 132 -16.05 14.45 15.47
C LYS D 132 -16.84 15.75 15.69
N ALA D 133 -18.15 15.69 15.47
CA ALA D 133 -19.03 16.83 15.63
C ALA D 133 -19.64 16.93 17.04
N LEU D 134 -18.85 16.51 18.03
CA LEU D 134 -19.27 16.57 19.44
C LEU D 134 -18.20 17.20 20.32
N SER D 135 -18.61 17.73 21.46
CA SER D 135 -17.69 18.22 22.49
C SER D 135 -17.15 17.05 23.32
N GLY D 136 -16.12 17.32 24.12
CA GLY D 136 -15.45 16.29 24.92
C GLY D 136 -16.36 15.68 25.99
N GLY D 137 -17.24 16.51 26.54
CA GLY D 137 -18.22 16.04 27.53
C GLY D 137 -19.37 15.29 26.88
N GLN D 138 -19.63 15.58 25.60
CA GLN D 138 -20.69 14.90 24.86
C GLN D 138 -20.23 13.53 24.41
N ARG D 139 -18.98 13.44 23.94
CA ARG D 139 -18.36 12.17 23.58
C ARG D 139 -18.34 11.20 24.75
N GLN D 140 -18.05 11.74 25.94
CA GLN D 140 -17.99 10.96 27.17
C GLN D 140 -19.35 10.38 27.55
N ARG D 141 -20.41 11.16 27.41
CA ARG D 141 -21.77 10.69 27.64
C ARG D 141 -22.20 9.62 26.64
N VAL D 142 -21.67 9.70 25.42
CA VAL D 142 -21.89 8.68 24.40
C VAL D 142 -21.22 7.38 24.83
N ALA D 143 -19.98 7.48 25.31
CA ALA D 143 -19.22 6.32 25.77
C ALA D 143 -19.93 5.57 26.90
N ILE D 144 -20.48 6.31 27.86
CA ILE D 144 -21.27 5.75 28.95
C ILE D 144 -22.54 5.13 28.37
N GLY D 145 -23.19 5.87 27.47
CA GLY D 145 -24.46 5.46 26.88
C GLY D 145 -24.38 4.16 26.10
N ARG D 146 -23.20 3.91 25.53
CA ARG D 146 -22.94 2.67 24.80
C ARG D 146 -22.94 1.49 25.76
N THR D 147 -22.31 1.66 26.91
CA THR D 147 -22.21 0.59 27.91
C THR D 147 -23.52 0.39 28.67
N LEU D 148 -24.25 1.48 28.93
CA LEU D 148 -25.54 1.41 29.62
C LEU D 148 -26.57 0.60 28.84
N VAL D 149 -26.61 0.80 27.53
CA VAL D 149 -27.49 0.04 26.64
C VAL D 149 -27.18 -1.46 26.71
N ALA D 150 -25.89 -1.79 26.70
CA ALA D 150 -25.41 -3.17 26.71
C ALA D 150 -25.77 -3.94 27.98
N GLU D 151 -25.86 -3.24 29.11
CA GLU D 151 -26.16 -3.84 30.42
C GLU D 151 -25.37 -5.13 30.67
N PRO D 152 -24.04 -5.03 30.83
CA PRO D 152 -23.23 -6.24 31.07
C PRO D 152 -23.36 -6.76 32.51
N SER D 153 -22.80 -7.95 32.75
CA SER D 153 -22.74 -8.54 34.09
C SER D 153 -21.85 -7.70 35.00
N VAL D 154 -20.75 -7.20 34.45
CA VAL D 154 -19.80 -6.35 35.17
C VAL D 154 -19.64 -5.03 34.42
N PHE D 155 -19.91 -3.93 35.12
CA PHE D 155 -19.69 -2.59 34.60
C PHE D 155 -18.32 -2.08 35.01
N LEU D 156 -17.54 -1.64 34.03
CA LEU D 156 -16.29 -0.93 34.32
C LEU D 156 -16.38 0.49 33.78
N LEU D 157 -16.10 1.46 34.64
CA LEU D 157 -16.16 2.87 34.25
C LEU D 157 -14.85 3.55 34.63
N ASP D 158 -14.07 3.94 33.63
CA ASP D 158 -12.81 4.62 33.86
C ASP D 158 -13.00 6.15 33.80
N GLU D 159 -13.02 6.78 34.98
CA GLU D 159 -13.18 8.24 35.11
C GLU D 159 -14.28 8.79 34.21
N PRO D 160 -15.51 8.27 34.34
CA PRO D 160 -16.57 8.50 33.35
C PRO D 160 -17.23 9.88 33.40
N LEU D 161 -16.89 10.71 34.37
CA LEU D 161 -17.54 12.02 34.53
C LEU D 161 -16.54 13.18 34.49
N SER D 162 -15.26 12.84 34.35
CA SER D 162 -14.14 13.79 34.43
C SER D 162 -14.31 15.08 33.61
N ASN D 163 -15.03 15.00 32.50
CA ASN D 163 -15.16 16.14 31.60
C ASN D 163 -16.57 16.73 31.52
N LEU D 164 -17.27 16.72 32.66
CA LEU D 164 -18.63 17.26 32.72
C LEU D 164 -18.71 18.41 33.73
N ASP D 165 -19.67 19.32 33.51
CA ASP D 165 -19.91 20.40 34.46
C ASP D 165 -20.44 19.85 35.77
N ALA D 166 -20.25 20.61 36.85
CA ALA D 166 -20.61 20.18 38.19
C ALA D 166 -22.09 19.79 38.34
N ALA D 167 -22.96 20.54 37.68
CA ALA D 167 -24.41 20.29 37.74
C ALA D 167 -24.80 19.00 37.01
N LEU D 168 -24.25 18.81 35.82
CA LEU D 168 -24.50 17.59 35.05
C LEU D 168 -23.85 16.37 35.71
N ARG D 169 -22.74 16.60 36.40
CA ARG D 169 -22.03 15.54 37.12
C ARG D 169 -22.89 14.95 38.23
N VAL D 170 -23.69 15.81 38.88
CA VAL D 170 -24.62 15.37 39.91
C VAL D 170 -25.80 14.59 39.30
N GLN D 171 -26.26 15.06 38.13
CA GLN D 171 -27.36 14.40 37.41
C GLN D 171 -26.98 13.02 36.90
N MET D 172 -25.73 12.86 36.47
CA MET D 172 -25.21 11.57 36.01
C MET D 172 -24.95 10.61 37.15
N ARG D 173 -24.47 11.14 38.28
N ARG D 173 -24.47 11.14 38.28
CA ARG D 173 -24.18 10.35 39.47
CA ARG D 173 -24.18 10.35 39.47
C ARG D 173 -25.41 9.58 39.94
C ARG D 173 -25.41 9.58 39.94
N ILE D 174 -26.56 10.27 39.96
CA ILE D 174 -27.83 9.68 40.40
C ILE D 174 -28.32 8.61 39.41
N GLU D 175 -28.26 8.91 38.12
CA GLU D 175 -28.70 7.98 37.08
C GLU D 175 -27.88 6.70 37.05
N ILE D 176 -26.59 6.81 37.37
CA ILE D 176 -25.72 5.64 37.53
C ILE D 176 -26.10 4.87 38.79
N SER D 177 -26.34 5.61 39.87
CA SER D 177 -26.75 5.04 41.15
C SER D 177 -28.11 4.36 41.09
N ARG D 178 -29.02 4.92 40.28
CA ARG D 178 -30.35 4.37 40.09
C ARG D 178 -30.31 3.06 39.30
N LEU D 179 -29.38 2.98 38.35
CA LEU D 179 -29.17 1.78 37.55
C LEU D 179 -28.69 0.62 38.42
N HIS D 180 -27.71 0.90 39.27
CA HIS D 180 -27.12 -0.10 40.15
C HIS D 180 -28.17 -0.71 41.10
N LYS D 181 -29.10 0.12 41.56
CA LYS D 181 -30.15 -0.33 42.47
C LYS D 181 -31.27 -1.06 41.72
N ARG D 182 -31.40 -0.79 40.43
CA ARG D 182 -32.40 -1.44 39.59
C ARG D 182 -31.94 -2.82 39.13
N LEU D 183 -30.69 -2.91 38.70
CA LEU D 183 -30.13 -4.14 38.12
C LEU D 183 -29.41 -5.03 39.14
N GLY D 184 -28.89 -4.43 40.20
CA GLY D 184 -28.15 -5.16 41.24
C GLY D 184 -26.93 -5.89 40.69
N ARG D 185 -26.24 -5.24 39.75
CA ARG D 185 -25.09 -5.84 39.08
C ARG D 185 -23.79 -5.18 39.54
N THR D 186 -22.69 -5.91 39.42
CA THR D 186 -21.38 -5.44 39.85
C THR D 186 -20.92 -4.25 39.03
N MET D 187 -20.48 -3.20 39.72
CA MET D 187 -19.95 -2.01 39.07
C MET D 187 -18.61 -1.61 39.68
N ILE D 188 -17.58 -1.56 38.85
CA ILE D 188 -16.26 -1.10 39.27
C ILE D 188 -15.99 0.26 38.60
N TYR D 189 -15.76 1.26 39.43
CA TYR D 189 -15.87 2.65 39.02
C TYR D 189 -14.65 3.45 39.47
N VAL D 190 -13.85 3.92 38.51
CA VAL D 190 -12.66 4.71 38.81
C VAL D 190 -13.00 6.20 38.78
N THR D 191 -12.53 6.93 39.78
CA THR D 191 -12.76 8.37 39.85
C THR D 191 -11.66 9.11 40.64
N HIS D 192 -11.49 10.40 40.33
CA HIS D 192 -10.62 11.27 41.10
C HIS D 192 -11.46 12.23 41.94
N ASP D 193 -12.75 12.29 41.63
CA ASP D 193 -13.69 13.12 42.36
C ASP D 193 -14.07 12.46 43.68
N GLN D 194 -13.63 13.06 44.78
CA GLN D 194 -13.86 12.53 46.12
C GLN D 194 -15.35 12.42 46.48
N VAL D 195 -16.15 13.35 45.97
CA VAL D 195 -17.61 13.35 46.23
C VAL D 195 -18.28 12.12 45.62
N GLU D 196 -17.97 11.84 44.34
CA GLU D 196 -18.46 10.66 43.64
C GLU D 196 -18.21 9.40 44.47
N ALA D 197 -16.97 9.25 44.92
CA ALA D 197 -16.54 8.07 45.68
C ALA D 197 -17.33 7.87 46.97
N MET D 198 -17.54 8.95 47.73
CA MET D 198 -18.28 8.89 49.00
C MET D 198 -19.76 8.57 48.78
N THR D 199 -20.35 9.14 47.74
CA THR D 199 -21.79 9.01 47.49
C THR D 199 -22.18 7.68 46.83
N LEU D 200 -21.29 7.13 46.01
CA LEU D 200 -21.62 5.96 45.18
C LEU D 200 -21.18 4.60 45.74
N ALA D 201 -20.02 4.56 46.39
CA ALA D 201 -19.41 3.28 46.77
C ALA D 201 -20.05 2.57 47.95
N ASP D 202 -20.15 1.25 47.84
CA ASP D 202 -20.40 0.39 48.99
C ASP D 202 -19.06 0.09 49.65
N LYS D 203 -17.99 0.24 48.88
CA LYS D 203 -16.65 -0.15 49.29
C LYS D 203 -15.66 0.61 48.41
N ILE D 204 -14.61 1.14 49.02
CA ILE D 204 -13.60 1.90 48.27
C ILE D 204 -12.23 1.24 48.35
N VAL D 205 -11.58 1.12 47.20
CA VAL D 205 -10.21 0.62 47.13
C VAL D 205 -9.24 1.78 46.86
N VAL D 206 -8.21 1.87 47.68
CA VAL D 206 -7.17 2.88 47.52
C VAL D 206 -5.89 2.21 47.01
N LEU D 207 -5.37 2.71 45.90
CA LEU D 207 -4.14 2.17 45.32
C LEU D 207 -2.97 3.14 45.46
N ASP D 208 -1.76 2.60 45.55
CA ASP D 208 -0.54 3.40 45.63
C ASP D 208 0.61 2.67 44.96
N ALA D 209 0.87 3.04 43.70
CA ALA D 209 1.96 2.48 42.92
C ALA D 209 1.99 0.95 42.93
N GLY D 210 0.96 0.35 42.33
CA GLY D 210 0.89 -1.11 42.16
C GLY D 210 0.27 -1.90 43.31
N ARG D 211 0.22 -1.29 44.51
CA ARG D 211 -0.26 -1.97 45.70
C ARG D 211 -1.62 -1.43 46.14
N VAL D 212 -2.41 -2.28 46.80
CA VAL D 212 -3.62 -1.84 47.47
C VAL D 212 -3.22 -1.32 48.84
N ALA D 213 -3.55 -0.05 49.10
CA ALA D 213 -3.20 0.60 50.36
C ALA D 213 -4.23 0.33 51.45
N GLN D 214 -5.51 0.40 51.08
CA GLN D 214 -6.61 0.10 52.00
C GLN D 214 -7.93 -0.08 51.26
N VAL D 215 -8.69 -1.07 51.70
CA VAL D 215 -10.05 -1.30 51.25
C VAL D 215 -10.98 -1.06 52.44
N GLY D 216 -12.07 -0.32 52.22
CA GLY D 216 -13.05 -0.07 53.27
C GLY D 216 -14.23 0.77 52.82
N LYS D 217 -15.27 0.81 53.65
CA LYS D 217 -16.41 1.71 53.47
C LYS D 217 -15.94 3.17 53.36
N PRO D 218 -16.74 4.05 52.70
CA PRO D 218 -16.37 5.45 52.54
C PRO D 218 -15.97 6.16 53.85
N LEU D 219 -16.85 6.11 54.85
CA LEU D 219 -16.61 6.76 56.13
C LEU D 219 -15.50 6.09 56.93
N GLU D 220 -15.40 4.78 56.76
CA GLU D 220 -14.37 3.95 57.39
C GLU D 220 -12.95 4.38 56.98
N LEU D 221 -12.80 4.83 55.74
CA LEU D 221 -11.50 5.32 55.25
C LEU D 221 -11.24 6.77 55.66
N TYR D 222 -12.31 7.57 55.68
CA TYR D 222 -12.23 8.97 56.08
C TYR D 222 -11.84 9.09 57.57
N HIS D 223 -12.62 8.44 58.45
CA HIS D 223 -12.40 8.48 59.88
C HIS D 223 -11.18 7.67 60.32
N TYR D 224 -11.02 6.47 59.76
CA TYR D 224 -9.97 5.55 60.21
C TYR D 224 -9.05 5.07 59.08
N PRO D 225 -8.13 5.95 58.63
CA PRO D 225 -7.15 5.51 57.65
C PRO D 225 -6.11 4.61 58.30
N ALA D 226 -5.68 3.58 57.57
CA ALA D 226 -4.73 2.60 58.10
C ALA D 226 -3.30 3.13 58.15
N ASP D 227 -2.97 4.07 57.26
CA ASP D 227 -1.63 4.65 57.23
C ASP D 227 -1.62 6.11 56.77
N ARG D 228 -0.43 6.70 56.81
CA ARG D 228 -0.19 8.09 56.46
C ARG D 228 -0.60 8.43 55.01
N PHE D 229 -0.34 7.52 54.08
CA PHE D 229 -0.71 7.74 52.68
C PHE D 229 -2.22 7.90 52.48
N VAL D 230 -2.99 6.92 52.97
CA VAL D 230 -4.45 6.90 52.82
C VAL D 230 -5.07 8.15 53.45
N ALA D 231 -4.56 8.50 54.63
CA ALA D 231 -5.02 9.67 55.39
C ALA D 231 -4.87 10.97 54.62
N GLY D 232 -3.80 11.07 53.83
CA GLY D 232 -3.55 12.25 53.00
C GLY D 232 -4.26 12.19 51.65
N PHE D 233 -4.72 11.02 51.25
CA PHE D 233 -5.40 10.90 49.96
C PHE D 233 -6.92 11.10 50.02
N ILE D 234 -7.58 10.52 51.03
CA ILE D 234 -9.03 10.68 51.18
C ILE D 234 -9.34 12.01 51.87
N GLY D 235 -10.26 12.77 51.26
CA GLY D 235 -10.63 14.08 51.76
C GLY D 235 -9.75 15.14 51.14
N SER D 236 -10.37 16.16 50.56
CA SER D 236 -9.64 17.25 49.95
C SER D 236 -10.32 18.59 50.30
N PRO D 237 -9.54 19.59 50.75
CA PRO D 237 -8.08 19.64 51.02
C PRO D 237 -7.47 18.51 51.85
N LYS D 238 -6.19 18.27 51.60
N LYS D 238 -6.19 18.26 51.60
CA LYS D 238 -5.40 17.24 52.27
CA LYS D 238 -5.40 17.21 52.26
C LYS D 238 -5.34 17.46 53.79
C LYS D 238 -5.26 17.46 53.77
N MET D 239 -5.08 16.38 54.52
CA MET D 239 -4.88 16.44 55.96
C MET D 239 -3.57 17.15 56.29
N ASN D 240 -3.60 17.96 57.34
CA ASN D 240 -2.40 18.61 57.86
C ASN D 240 -1.57 17.60 58.63
N PHE D 241 -0.24 17.70 58.52
CA PHE D 241 0.65 16.83 59.26
C PHE D 241 1.70 17.60 60.07
N LEU D 242 1.78 17.29 61.35
CA LEU D 242 2.70 17.94 62.28
C LEU D 242 3.60 16.89 62.92
N PRO D 243 4.93 17.08 62.84
CA PRO D 243 5.88 16.21 63.54
C PRO D 243 5.82 16.41 65.05
N VAL D 244 5.51 15.33 65.78
CA VAL D 244 5.38 15.37 67.24
C VAL D 244 6.29 14.35 67.91
N LYS D 245 6.43 14.48 69.23
CA LYS D 245 7.21 13.53 70.04
C LYS D 245 6.35 12.92 71.13
N VAL D 246 6.49 11.61 71.34
CA VAL D 246 5.78 10.90 72.41
C VAL D 246 6.41 11.23 73.75
N THR D 247 5.57 11.62 74.71
CA THR D 247 6.03 11.93 76.07
C THR D 247 5.56 10.88 77.08
N ALA D 248 4.38 10.32 76.84
CA ALA D 248 3.78 9.33 77.74
C ALA D 248 2.78 8.46 77.00
N THR D 249 2.55 7.26 77.53
CA THR D 249 1.58 6.32 76.95
C THR D 249 0.67 5.73 78.02
N ALA D 250 -0.61 5.66 77.70
CA ALA D 250 -1.55 4.81 78.42
C ALA D 250 -2.03 3.78 77.40
N ILE D 251 -2.67 2.71 77.86
CA ILE D 251 -3.10 1.64 76.95
C ILE D 251 -4.04 2.17 75.84
N ASP D 252 -4.89 3.12 76.18
CA ASP D 252 -5.89 3.63 75.24
C ASP D 252 -5.69 5.10 74.85
N GLN D 253 -4.51 5.64 75.15
CA GLN D 253 -4.18 7.02 74.77
C GLN D 253 -2.68 7.28 74.67
N VAL D 254 -2.32 8.26 73.85
CA VAL D 254 -0.92 8.66 73.68
C VAL D 254 -0.79 10.16 73.92
N GLN D 255 0.22 10.56 74.68
CA GLN D 255 0.50 11.97 74.93
C GLN D 255 1.65 12.44 74.08
N VAL D 256 1.40 13.48 73.29
CA VAL D 256 2.41 14.02 72.38
C VAL D 256 2.77 15.47 72.68
N GLU D 257 3.97 15.86 72.27
CA GLU D 257 4.48 17.21 72.45
C GLU D 257 4.53 17.96 71.10
N LEU D 258 3.91 19.12 71.07
CA LEU D 258 3.88 19.97 69.87
C LEU D 258 5.26 20.61 69.62
N PRO D 259 5.70 20.63 68.35
CA PRO D 259 7.05 21.07 67.96
C PRO D 259 7.39 22.55 68.23
N MET D 260 6.38 23.33 68.62
N MET D 260 6.38 23.35 68.59
CA MET D 260 6.55 24.75 68.95
CA MET D 260 6.58 24.77 68.88
C MET D 260 7.54 24.95 70.11
C MET D 260 7.47 24.99 70.10
N PRO D 261 8.18 26.14 70.16
CA PRO D 261 9.09 26.50 71.27
C PRO D 261 8.50 26.35 72.68
N ASN D 262 7.17 26.44 72.81
CA ASN D 262 6.50 26.24 74.10
C ASN D 262 6.29 24.78 74.49
N ARG D 263 6.46 23.87 73.52
CA ARG D 263 6.42 22.41 73.74
C ARG D 263 5.18 21.93 74.51
N GLN D 264 4.01 22.34 74.01
CA GLN D 264 2.72 21.99 74.62
C GLN D 264 2.41 20.50 74.51
N GLN D 265 1.92 19.92 75.61
CA GLN D 265 1.59 18.50 75.69
C GLN D 265 0.08 18.27 75.54
N VAL D 266 -0.29 17.19 74.86
CA VAL D 266 -1.70 16.84 74.64
C VAL D 266 -1.91 15.32 74.56
N TRP D 267 -2.95 14.84 75.23
CA TRP D 267 -3.36 13.43 75.15
C TRP D 267 -4.32 13.20 74.00
N LEU D 268 -4.12 12.10 73.27
CA LEU D 268 -4.99 11.75 72.14
C LEU D 268 -5.54 10.33 72.31
N PRO D 269 -6.85 10.14 72.05
CA PRO D 269 -7.48 8.82 72.20
C PRO D 269 -7.07 7.88 71.04
N VAL D 270 -5.90 7.28 71.20
CA VAL D 270 -5.24 6.52 70.14
C VAL D 270 -4.44 5.37 70.77
N GLU D 271 -4.41 4.21 70.10
CA GLU D 271 -3.70 3.04 70.65
C GLU D 271 -2.22 3.32 70.88
N SER D 272 -1.67 2.75 71.95
CA SER D 272 -0.25 2.91 72.27
C SER D 272 0.57 1.70 71.85
N ARG D 273 -0.07 0.76 71.14
CA ARG D 273 0.58 -0.42 70.60
C ARG D 273 1.79 -0.04 69.74
N ASP D 274 2.95 -0.57 70.12
CA ASP D 274 4.24 -0.28 69.46
C ASP D 274 4.55 1.21 69.36
N VAL D 275 4.29 1.94 70.45
CA VAL D 275 4.60 3.37 70.54
C VAL D 275 5.49 3.61 71.76
N GLN D 276 6.75 3.96 71.50
CA GLN D 276 7.72 4.19 72.56
C GLN D 276 7.83 5.67 72.92
N VAL D 277 8.04 5.94 74.20
CA VAL D 277 8.24 7.30 74.70
C VAL D 277 9.54 7.87 74.12
N GLY D 278 9.43 9.01 73.45
CA GLY D 278 10.58 9.67 72.85
C GLY D 278 10.60 9.59 71.34
N ALA D 279 9.86 8.63 70.78
CA ALA D 279 9.79 8.41 69.34
C ALA D 279 9.13 9.57 68.61
N ASN D 280 9.52 9.77 67.35
CA ASN D 280 8.93 10.79 66.50
C ASN D 280 7.73 10.24 65.73
N MET D 281 6.58 10.85 65.96
CA MET D 281 5.35 10.48 65.26
C MET D 281 4.95 11.61 64.32
N SER D 282 3.88 11.39 63.57
CA SER D 282 3.29 12.41 62.71
C SER D 282 1.84 12.60 63.11
N LEU D 283 1.45 13.83 63.40
CA LEU D 283 0.10 14.12 63.86
C LEU D 283 -0.77 14.62 62.72
N GLY D 284 -1.92 14.01 62.55
CA GLY D 284 -2.82 14.37 61.47
C GLY D 284 -4.09 15.02 61.98
N ILE D 285 -4.45 16.15 61.35
CA ILE D 285 -5.70 16.83 61.64
C ILE D 285 -6.24 17.43 60.34
N ARG D 286 -7.53 17.23 60.09
CA ARG D 286 -8.16 17.70 58.87
C ARG D 286 -8.53 19.18 58.98
N PRO D 287 -8.44 19.93 57.86
CA PRO D 287 -8.81 21.34 57.82
C PRO D 287 -10.24 21.62 58.29
N GLU D 288 -11.14 20.66 58.12
CA GLU D 288 -12.54 20.80 58.54
C GLU D 288 -12.68 20.67 60.05
N HIS D 289 -11.76 19.93 60.66
CA HIS D 289 -11.86 19.59 62.06
C HIS D 289 -11.23 20.59 63.02
N LEU D 290 -10.27 21.38 62.51
CA LEU D 290 -9.67 22.45 63.30
C LEU D 290 -10.74 23.43 63.77
N LEU D 291 -10.61 23.88 65.01
CA LEU D 291 -11.64 24.70 65.66
C LEU D 291 -11.27 26.18 65.68
N PRO D 292 -12.27 27.07 65.85
CA PRO D 292 -11.97 28.47 66.13
C PRO D 292 -11.40 28.61 67.54
N SER D 293 -10.49 29.57 67.72
CA SER D 293 -9.72 29.70 68.96
C SER D 293 -10.51 30.13 70.21
N ASP D 294 -11.67 30.75 70.01
CA ASP D 294 -12.49 31.30 71.10
C ASP D 294 -12.51 30.44 72.37
N ILE D 295 -12.96 29.20 72.24
CA ILE D 295 -12.85 28.21 73.31
C ILE D 295 -12.13 26.95 72.80
N ALA D 296 -10.85 26.82 73.20
CA ALA D 296 -10.01 25.71 72.76
C ALA D 296 -8.82 25.54 73.71
N ASP D 297 -8.54 24.29 74.07
CA ASP D 297 -7.46 23.97 75.02
C ASP D 297 -6.08 23.98 74.35
N VAL D 298 -6.03 23.61 73.08
CA VAL D 298 -4.79 23.64 72.30
C VAL D 298 -4.90 24.72 71.22
N ILE D 299 -3.98 25.68 71.27
CA ILE D 299 -4.01 26.85 70.40
C ILE D 299 -2.79 26.88 69.50
N LEU D 300 -3.02 26.96 68.20
CA LEU D 300 -1.94 27.13 67.23
C LEU D 300 -2.10 28.46 66.52
N GLU D 301 -1.11 29.33 66.68
CA GLU D 301 -1.14 30.67 66.09
C GLU D 301 0.02 30.88 65.12
N GLY D 302 -0.22 31.65 64.07
CA GLY D 302 0.80 31.95 63.06
C GLY D 302 0.44 33.07 62.12
N GLU D 303 1.16 33.13 61.00
CA GLU D 303 0.99 34.17 59.98
C GLU D 303 0.30 33.61 58.74
N VAL D 304 -0.76 34.30 58.30
CA VAL D 304 -1.53 33.88 57.13
C VAL D 304 -0.72 34.01 55.84
N GLN D 305 -0.61 32.92 55.09
CA GLN D 305 0.12 32.90 53.82
C GLN D 305 -0.82 33.01 52.62
N VAL D 306 -1.89 32.21 52.64
CA VAL D 306 -2.83 32.16 51.52
C VAL D 306 -4.27 32.23 52.03
N VAL D 307 -5.10 33.02 51.34
CA VAL D 307 -6.54 33.05 51.59
C VAL D 307 -7.28 32.73 50.30
N GLU D 308 -8.06 31.65 50.33
CA GLU D 308 -8.84 31.23 49.17
C GLU D 308 -10.34 31.38 49.42
N GLN D 309 -10.95 32.32 48.70
CA GLN D 309 -12.37 32.60 48.82
C GLN D 309 -13.18 31.72 47.88
N LEU D 310 -13.88 30.74 48.45
CA LEU D 310 -14.67 29.78 47.67
C LEU D 310 -16.16 30.11 47.68
N GLY D 311 -16.54 31.16 48.40
CA GLY D 311 -17.93 31.57 48.50
C GLY D 311 -18.65 30.91 49.67
N ASN D 312 -18.93 29.62 49.52
CA ASN D 312 -19.58 28.83 50.56
C ASN D 312 -18.71 28.67 51.81
N GLU D 313 -17.40 28.78 51.62
CA GLU D 313 -16.42 28.66 52.69
C GLU D 313 -15.18 29.48 52.36
N THR D 314 -14.22 29.48 53.28
CA THR D 314 -12.96 30.18 53.10
C THR D 314 -11.84 29.29 53.59
N GLN D 315 -10.79 29.17 52.78
CA GLN D 315 -9.61 28.38 53.16
C GLN D 315 -8.44 29.27 53.48
N ILE D 316 -7.89 29.09 54.68
CA ILE D 316 -6.79 29.89 55.17
C ILE D 316 -5.57 29.01 55.41
N HIS D 317 -4.43 29.42 54.86
CA HIS D 317 -3.18 28.70 55.01
C HIS D 317 -2.28 29.49 55.97
N ILE D 318 -1.84 28.84 57.04
CA ILE D 318 -1.13 29.52 58.12
C ILE D 318 0.29 28.98 58.35
N GLN D 319 1.26 29.88 58.36
CA GLN D 319 2.66 29.52 58.64
C GLN D 319 2.90 29.59 60.15
N ILE D 320 3.12 28.42 60.75
CA ILE D 320 3.33 28.31 62.18
C ILE D 320 4.79 27.90 62.43
N PRO D 321 5.51 28.70 63.27
CA PRO D 321 6.94 28.48 63.51
C PRO D 321 7.26 27.09 64.06
N SER D 322 8.42 26.56 63.65
CA SER D 322 8.87 25.21 63.99
C SER D 322 8.17 24.08 63.21
N ILE D 323 7.31 24.47 62.27
CA ILE D 323 6.72 23.54 61.30
C ILE D 323 6.89 24.11 59.90
N ARG D 324 7.59 23.36 59.04
CA ARG D 324 7.91 23.81 57.68
C ARG D 324 6.68 23.93 56.78
N GLN D 325 5.72 23.02 56.95
CA GLN D 325 4.51 22.98 56.12
C GLN D 325 3.41 23.86 56.68
N ASN D 326 2.73 24.58 55.79
CA ASN D 326 1.60 25.44 56.16
C ASN D 326 0.40 24.63 56.63
N LEU D 327 -0.36 25.21 57.57
CA LEU D 327 -1.55 24.57 58.10
C LEU D 327 -2.79 25.10 57.37
N VAL D 328 -3.57 24.20 56.78
CA VAL D 328 -4.77 24.59 56.04
C VAL D 328 -6.01 24.44 56.91
N TYR D 329 -6.87 25.45 56.86
CA TYR D 329 -8.05 25.52 57.72
C TYR D 329 -9.27 26.03 56.94
N ARG D 330 -10.43 25.43 57.22
CA ARG D 330 -11.67 25.76 56.53
C ARG D 330 -12.70 26.42 57.45
N GLN D 331 -13.00 27.68 57.19
CA GLN D 331 -14.07 28.40 57.86
C GLN D 331 -15.31 28.39 56.97
N ASN D 332 -16.48 28.21 57.59
CA ASN D 332 -17.74 28.36 56.87
C ASN D 332 -18.01 29.83 56.56
N ASP D 333 -18.61 30.08 55.40
CA ASP D 333 -18.96 31.44 54.94
C ASP D 333 -17.72 32.30 54.60
N VAL D 334 -17.96 33.47 54.00
CA VAL D 334 -16.88 34.39 53.62
C VAL D 334 -16.35 35.15 54.84
N VAL D 335 -15.12 34.81 55.24
CA VAL D 335 -14.47 35.45 56.37
C VAL D 335 -13.33 36.35 55.88
N LEU D 336 -13.44 37.65 56.18
CA LEU D 336 -12.48 38.63 55.68
C LEU D 336 -11.16 38.58 56.44
N VAL D 337 -10.18 37.92 55.83
CA VAL D 337 -8.83 37.81 56.41
C VAL D 337 -7.80 38.28 55.38
N GLU D 338 -6.81 39.04 55.86
CA GLU D 338 -5.74 39.56 55.00
C GLU D 338 -4.53 38.63 55.01
N GLU D 339 -3.76 38.67 53.92
CA GLU D 339 -2.51 37.91 53.82
C GLU D 339 -1.42 38.61 54.64
N GLY D 340 -0.88 37.89 55.62
CA GLY D 340 0.11 38.45 56.54
C GLY D 340 -0.44 38.67 57.94
N ALA D 341 -1.76 38.64 58.06
CA ALA D 341 -2.44 38.85 59.34
C ALA D 341 -2.22 37.69 60.32
N THR D 342 -2.42 37.98 61.61
CA THR D 342 -2.30 36.97 62.66
C THR D 342 -3.58 36.16 62.75
N PHE D 343 -3.43 34.82 62.79
CA PHE D 343 -4.57 33.93 62.87
C PHE D 343 -4.30 32.77 63.83
N ALA D 344 -5.32 32.43 64.62
CA ALA D 344 -5.21 31.34 65.58
C ALA D 344 -6.34 30.33 65.39
N ILE D 345 -6.00 29.05 65.51
CA ILE D 345 -6.99 27.98 65.43
C ILE D 345 -6.84 26.98 66.56
N GLY D 346 -7.97 26.43 67.00
CA GLY D 346 -7.99 25.38 68.00
C GLY D 346 -7.71 24.02 67.39
N LEU D 347 -7.09 23.15 68.20
CA LEU D 347 -6.73 21.80 67.78
C LEU D 347 -7.40 20.78 68.70
N PRO D 348 -8.41 20.04 68.19
CA PRO D 348 -9.18 19.10 69.00
C PRO D 348 -8.51 17.72 69.11
N PRO D 349 -8.23 17.26 70.34
CA PRO D 349 -7.47 16.04 70.58
C PRO D 349 -8.13 14.77 70.03
N GLU D 350 -9.44 14.63 70.24
CA GLU D 350 -10.18 13.43 69.81
C GLU D 350 -10.32 13.26 68.30
N ARG D 351 -10.03 14.33 67.55
CA ARG D 351 -10.11 14.32 66.10
C ARG D 351 -8.74 14.25 65.44
N CYS D 352 -7.71 13.99 66.24
CA CYS D 352 -6.34 13.89 65.75
C CYS D 352 -5.99 12.46 65.36
N HIS D 353 -5.24 12.33 64.27
CA HIS D 353 -4.70 11.03 63.85
C HIS D 353 -3.22 11.00 64.21
N LEU D 354 -2.70 9.81 64.47
CA LEU D 354 -1.28 9.65 64.79
C LEU D 354 -0.64 8.50 63.99
N PHE D 355 0.51 8.78 63.40
CA PHE D 355 1.18 7.83 62.51
C PHE D 355 2.62 7.58 62.95
N ARG D 356 3.04 6.32 62.88
CA ARG D 356 4.39 5.93 63.27
C ARG D 356 5.41 6.29 62.19
N GLU D 357 6.70 6.14 62.50
CA GLU D 357 7.78 6.51 61.58
C GLU D 357 7.76 5.71 60.28
N ASP D 358 7.32 4.46 60.35
CA ASP D 358 7.13 3.62 59.15
C ASP D 358 5.90 4.06 58.34
N GLY D 359 5.01 4.82 58.97
CA GLY D 359 3.86 5.40 58.28
C GLY D 359 2.50 4.88 58.73
N THR D 360 2.49 3.76 59.45
CA THR D 360 1.25 3.12 59.85
C THR D 360 0.52 3.89 60.97
N ALA D 361 -0.81 3.82 60.95
CA ALA D 361 -1.63 4.61 61.87
C ALA D 361 -1.86 3.90 63.20
N CYS D 362 -1.72 4.65 64.29
CA CYS D 362 -2.16 4.20 65.60
C CYS D 362 -3.68 4.32 65.63
N ARG D 363 -4.35 3.17 65.68
CA ARG D 363 -5.81 3.10 65.61
C ARG D 363 -6.51 4.11 66.51
N ARG D 364 -7.35 4.95 65.90
CA ARG D 364 -8.16 5.90 66.64
C ARG D 364 -9.21 5.17 67.47
N LEU D 365 -9.29 5.53 68.75
CA LEU D 365 -10.18 4.83 69.68
C LEU D 365 -11.42 5.67 70.03
N HIS D 366 -11.48 6.88 69.50
CA HIS D 366 -12.67 7.73 69.60
C HIS D 366 -13.75 7.22 68.64
N LYS D 367 -14.85 6.73 69.19
CA LYS D 367 -15.97 6.23 68.38
C LYS D 367 -16.68 7.39 67.68
N GLU D 368 -16.44 7.49 66.37
CA GLU D 368 -17.03 8.55 65.55
C GLU D 368 -18.35 8.09 64.93
N PRO D 369 -19.41 8.92 65.05
CA PRO D 369 -20.73 8.57 64.50
C PRO D 369 -20.70 8.35 62.99
N GLY D 370 -21.45 7.35 62.53
CA GLY D 370 -21.50 7.00 61.10
C GLY D 370 -20.91 5.65 60.77
N VAL D 371 -19.89 5.24 61.53
CA VAL D 371 -19.20 3.95 61.34
C VAL D 371 -19.81 2.87 62.23
N ALA D 372 -20.32 1.81 61.60
CA ALA D 372 -20.98 0.72 62.31
C ALA D 372 -20.05 -0.46 62.56
N ALA E 2 0.40 39.16 26.25
CA ALA E 2 -0.32 40.15 25.39
C ALA E 2 -1.81 40.18 25.73
N SER E 3 -2.42 41.36 25.55
CA SER E 3 -3.86 41.52 25.76
C SER E 3 -4.66 40.79 24.69
N VAL E 4 -5.90 40.45 25.01
CA VAL E 4 -6.79 39.78 24.06
C VAL E 4 -8.22 40.28 24.19
N GLN E 5 -8.80 40.74 23.09
CA GLN E 5 -10.19 41.18 23.10
C GLN E 5 -10.99 40.79 21.86
N LEU E 6 -12.26 40.47 22.09
CA LEU E 6 -13.17 40.05 21.04
C LEU E 6 -14.30 41.06 20.90
N GLN E 7 -14.66 41.38 19.67
CA GLN E 7 -15.70 42.35 19.39
C GLN E 7 -16.78 41.76 18.50
N ASN E 8 -17.99 41.66 19.04
CA ASN E 8 -19.16 41.13 18.33
C ASN E 8 -18.88 39.85 17.56
N VAL E 9 -18.16 38.93 18.21
CA VAL E 9 -17.75 37.67 17.59
C VAL E 9 -18.91 36.67 17.52
N THR E 10 -19.21 36.24 16.30
CA THR E 10 -20.28 35.28 16.04
C THR E 10 -19.67 34.11 15.26
N LYS E 11 -20.13 32.90 15.58
CA LYS E 11 -19.68 31.68 14.90
C LYS E 11 -20.85 30.75 14.57
N ALA E 12 -20.87 30.27 13.33
CA ALA E 12 -21.93 29.37 12.85
C ALA E 12 -21.40 28.22 12.01
N TRP E 13 -22.01 27.05 12.16
CA TRP E 13 -21.72 25.89 11.31
C TRP E 13 -22.79 25.78 10.23
N GLY E 14 -22.65 26.62 9.20
CA GLY E 14 -23.64 26.67 8.12
C GLY E 14 -24.72 27.70 8.41
N GLU E 15 -25.58 27.37 9.37
CA GLU E 15 -26.69 28.25 9.75
C GLU E 15 -26.92 28.30 11.26
N VAL E 16 -26.68 27.18 11.93
CA VAL E 16 -26.87 27.06 13.39
C VAL E 16 -25.78 27.84 14.14
N VAL E 17 -26.21 28.85 14.90
CA VAL E 17 -25.29 29.72 15.63
C VAL E 17 -24.76 29.03 16.89
N VAL E 18 -23.44 28.97 17.01
CA VAL E 18 -22.79 28.28 18.13
C VAL E 18 -22.02 29.24 19.04
N SER E 19 -21.91 30.49 18.60
CA SER E 19 -21.40 31.60 19.41
C SER E 19 -22.10 32.87 18.93
N LYS E 20 -22.91 33.46 19.81
CA LYS E 20 -23.74 34.59 19.41
C LYS E 20 -23.29 35.92 19.99
N ASP E 21 -22.72 36.77 19.12
CA ASP E 21 -22.39 38.16 19.43
C ASP E 21 -21.71 38.32 20.81
N ILE E 22 -20.53 37.74 20.95
CA ILE E 22 -19.84 37.75 22.24
C ILE E 22 -18.76 38.84 22.33
N ASN E 23 -18.79 39.60 23.41
CA ASN E 23 -17.85 40.70 23.63
C ASN E 23 -17.04 40.50 24.91
N LEU E 24 -15.72 40.43 24.75
CA LEU E 24 -14.82 40.18 25.88
C LEU E 24 -13.58 41.05 25.80
N ASP E 25 -13.24 41.67 26.94
CA ASP E 25 -12.03 42.48 27.05
C ASP E 25 -11.12 41.89 28.12
N ILE E 26 -10.04 41.24 27.68
CA ILE E 26 -9.08 40.65 28.60
C ILE E 26 -7.76 41.42 28.54
N HIS E 27 -7.43 42.07 29.65
CA HIS E 27 -6.23 42.89 29.76
C HIS E 27 -4.99 42.00 29.94
N GLU E 28 -3.81 42.58 29.73
CA GLU E 28 -2.56 41.82 29.84
C GLU E 28 -2.23 41.49 31.29
N GLY E 29 -1.86 40.23 31.54
CA GLY E 29 -1.55 39.75 32.88
C GLY E 29 -2.81 39.35 33.65
N GLU E 30 -3.90 39.18 32.93
CA GLU E 30 -5.19 38.80 33.53
C GLU E 30 -5.43 37.30 33.39
N PHE E 31 -5.91 36.68 34.46
CA PHE E 31 -6.26 35.27 34.44
C PHE E 31 -7.77 35.13 34.32
N VAL E 32 -8.24 34.72 33.14
CA VAL E 32 -9.66 34.59 32.88
C VAL E 32 -10.05 33.12 32.79
N VAL E 33 -11.13 32.73 33.47
CA VAL E 33 -11.63 31.36 33.33
C VAL E 33 -13.02 31.27 32.70
N PHE E 34 -13.14 30.41 31.70
CA PHE E 34 -14.43 30.10 31.07
C PHE E 34 -15.10 28.94 31.79
N VAL E 35 -16.37 29.12 32.14
CA VAL E 35 -17.19 28.05 32.68
C VAL E 35 -18.52 28.00 31.94
N GLY E 36 -19.21 26.87 32.06
CA GLY E 36 -20.50 26.67 31.38
C GLY E 36 -20.83 25.20 31.21
N PRO E 37 -22.13 24.90 30.96
CA PRO E 37 -22.55 23.50 30.80
C PRO E 37 -21.81 22.81 29.67
N SER E 38 -21.74 21.49 29.71
CA SER E 38 -21.08 20.71 28.67
C SER E 38 -21.66 21.05 27.30
N GLY E 39 -20.78 21.40 26.37
CA GLY E 39 -21.19 21.71 25.00
C GLY E 39 -21.84 23.07 24.81
N CYS E 40 -21.39 24.07 25.56
CA CYS E 40 -21.95 25.43 25.45
C CYS E 40 -21.15 26.29 24.47
N GLY E 41 -19.88 25.94 24.26
CA GLY E 41 -19.04 26.64 23.28
C GLY E 41 -17.73 27.18 23.83
N LYS E 42 -17.25 26.58 24.92
CA LYS E 42 -16.02 27.03 25.57
C LYS E 42 -14.80 26.77 24.70
N SER E 43 -14.67 25.52 24.23
CA SER E 43 -13.57 25.12 23.35
C SER E 43 -13.63 25.83 22.01
N THR E 44 -14.83 25.94 21.45
CA THR E 44 -15.05 26.68 20.21
C THR E 44 -14.48 28.10 20.34
N LEU E 45 -14.88 28.77 21.42
CA LEU E 45 -14.42 30.12 21.72
C LEU E 45 -12.90 30.17 21.84
N LEU E 46 -12.35 29.21 22.58
CA LEU E 46 -10.92 29.09 22.80
C LEU E 46 -10.18 28.84 21.48
N ARG E 47 -10.78 28.01 20.62
CA ARG E 47 -10.16 27.62 19.36
C ARG E 47 -10.17 28.75 18.34
N MET E 48 -11.19 29.61 18.40
CA MET E 48 -11.26 30.80 17.56
C MET E 48 -10.15 31.80 17.93
N ILE E 49 -9.89 31.92 19.23
CA ILE E 49 -8.76 32.71 19.74
C ILE E 49 -7.44 32.12 19.27
N ALA E 50 -7.36 30.79 19.28
CA ALA E 50 -6.17 30.06 18.82
C ALA E 50 -5.92 30.22 17.32
N GLY E 51 -7.00 30.29 16.55
CA GLY E 51 -6.92 30.37 15.10
C GLY E 51 -7.23 29.04 14.42
N LEU E 52 -7.49 28.02 15.23
CA LEU E 52 -7.78 26.68 14.71
C LEU E 52 -9.19 26.59 14.15
N GLU E 53 -10.04 27.55 14.51
CA GLU E 53 -11.36 27.68 13.94
C GLU E 53 -11.50 29.07 13.34
N THR E 54 -12.29 29.18 12.27
CA THR E 54 -12.55 30.47 11.63
C THR E 54 -13.56 31.27 12.44
N ILE E 55 -13.52 32.58 12.27
CA ILE E 55 -14.51 33.48 12.87
C ILE E 55 -15.44 33.94 11.76
N THR E 56 -16.75 33.70 11.95
CA THR E 56 -17.75 34.04 10.92
C THR E 56 -17.87 35.55 10.75
N SER E 57 -18.25 36.25 11.82
CA SER E 57 -18.31 37.71 11.84
C SER E 57 -17.83 38.23 13.18
N GLY E 58 -17.20 39.40 13.16
CA GLY E 58 -16.65 40.01 14.38
C GLY E 58 -15.14 40.20 14.32
N ASP E 59 -14.60 40.81 15.36
CA ASP E 59 -13.18 41.18 15.38
C ASP E 59 -12.45 40.54 16.56
N LEU E 60 -11.24 40.05 16.30
CA LEU E 60 -10.38 39.49 17.34
C LEU E 60 -9.05 40.22 17.38
N PHE E 61 -8.71 40.78 18.54
CA PHE E 61 -7.47 41.51 18.72
C PHE E 61 -6.59 40.87 19.78
N ILE E 62 -5.36 40.54 19.40
CA ILE E 62 -4.36 40.06 20.35
C ILE E 62 -3.18 41.04 20.36
N GLY E 63 -3.07 41.78 21.47
CA GLY E 63 -2.01 42.77 21.63
C GLY E 63 -2.21 43.98 20.73
N GLU E 64 -3.44 44.50 20.71
CA GLU E 64 -3.81 45.71 19.97
C GLU E 64 -3.66 45.61 18.44
N LYS E 65 -3.85 44.41 17.91
CA LYS E 65 -3.81 44.18 16.44
C LYS E 65 -4.71 43.02 16.01
N ARG E 66 -5.44 43.22 14.92
CA ARG E 66 -6.43 42.26 14.43
C ARG E 66 -5.80 40.93 14.02
N MET E 67 -6.44 39.84 14.40
CA MET E 67 -5.87 38.50 14.23
C MET E 67 -6.76 37.52 13.45
N ASN E 68 -7.95 37.98 13.04
CA ASN E 68 -8.90 37.13 12.28
C ASN E 68 -8.30 36.43 11.07
N ASP E 69 -7.50 37.17 10.30
CA ASP E 69 -6.91 36.66 9.07
C ASP E 69 -5.58 35.92 9.33
N THR E 70 -4.99 36.21 10.48
CA THR E 70 -3.69 35.65 10.88
C THR E 70 -3.77 34.15 11.15
N PRO E 71 -2.79 33.37 10.62
CA PRO E 71 -2.68 31.94 10.92
C PRO E 71 -2.29 31.67 12.38
N PRO E 72 -2.70 30.50 12.94
CA PRO E 72 -2.47 30.16 14.35
C PRO E 72 -1.02 30.27 14.82
N ALA E 73 -0.08 29.92 13.94
CA ALA E 73 1.35 29.92 14.29
C ALA E 73 1.96 31.32 14.44
N GLU E 74 1.26 32.34 13.95
CA GLU E 74 1.76 33.72 14.01
C GLU E 74 1.07 34.56 15.08
N ARG E 75 0.20 33.93 15.86
CA ARG E 75 -0.58 34.64 16.88
C ARG E 75 0.13 34.78 18.23
N GLY E 76 1.22 34.03 18.39
CA GLY E 76 2.01 34.06 19.63
C GLY E 76 1.27 33.41 20.78
N VAL E 77 0.58 32.31 20.47
CA VAL E 77 -0.31 31.64 21.42
C VAL E 77 0.04 30.15 21.49
N GLY E 78 -0.01 29.59 22.70
CA GLY E 78 0.12 28.16 22.91
C GLY E 78 -1.18 27.62 23.48
N MET E 79 -1.34 26.30 23.51
CA MET E 79 -2.58 25.71 24.01
C MET E 79 -2.39 24.30 24.57
N VAL E 80 -2.95 24.07 25.75
CA VAL E 80 -3.11 22.73 26.28
C VAL E 80 -4.46 22.22 25.78
N PHE E 81 -4.41 21.28 24.85
CA PHE E 81 -5.61 20.72 24.21
C PHE E 81 -6.47 19.91 25.16
N GLN E 82 -7.78 19.93 24.92
CA GLN E 82 -8.73 19.14 25.70
C GLN E 82 -8.45 17.65 25.58
N SER E 83 -8.03 17.23 24.39
CA SER E 83 -7.77 15.83 24.09
C SER E 83 -6.27 15.55 23.99
N TYR E 84 -5.47 16.41 24.61
CA TYR E 84 -4.01 16.28 24.72
C TYR E 84 -3.26 16.51 23.41
N ALA E 85 -3.76 15.91 22.33
CA ALA E 85 -3.17 16.04 20.99
C ALA E 85 -1.65 15.90 21.02
N LEU E 86 -1.17 14.82 21.62
CA LEU E 86 0.27 14.59 21.73
C LEU E 86 0.88 14.00 20.45
N TYR E 87 2.16 14.26 20.23
CA TYR E 87 2.88 13.68 19.11
C TYR E 87 3.28 12.26 19.44
N PRO E 88 2.70 11.27 18.73
CA PRO E 88 2.88 9.85 19.08
C PRO E 88 4.27 9.30 18.76
N HIS E 89 4.96 9.93 17.83
CA HIS E 89 6.27 9.44 17.39
C HIS E 89 7.42 10.00 18.23
N LEU E 90 7.10 10.89 19.16
CA LEU E 90 8.10 11.55 19.99
C LEU E 90 7.91 11.24 21.47
N SER E 91 9.02 11.19 22.21
CA SER E 91 8.98 10.92 23.65
C SER E 91 8.42 12.12 24.41
N VAL E 92 8.26 11.96 25.72
CA VAL E 92 7.78 13.03 26.60
C VAL E 92 8.69 14.25 26.52
N ALA E 93 10.00 14.03 26.67
CA ALA E 93 11.00 15.08 26.52
C ALA E 93 10.88 15.80 25.18
N GLU E 94 10.73 15.04 24.10
CA GLU E 94 10.63 15.59 22.75
C GLU E 94 9.29 16.29 22.48
N ASN E 95 8.22 15.80 23.12
CA ASN E 95 6.91 16.45 23.04
C ASN E 95 6.92 17.84 23.69
N MET E 96 7.62 17.95 24.82
CA MET E 96 7.68 19.19 25.58
C MET E 96 8.66 20.19 24.97
N SER E 97 9.75 19.68 24.39
CA SER E 97 10.78 20.52 23.79
C SER E 97 10.55 20.74 22.30
N PHE E 98 9.29 20.71 21.87
CA PHE E 98 8.96 20.82 20.45
C PHE E 98 8.82 22.27 19.99
N GLY E 99 8.17 23.10 20.80
CA GLY E 99 8.00 24.53 20.51
C GLY E 99 9.32 25.29 20.52
N LEU E 100 10.14 25.01 21.52
CA LEU E 100 11.48 25.60 21.64
C LEU E 100 12.41 25.17 20.51
N LYS E 101 12.23 23.93 20.04
CA LYS E 101 13.04 23.39 18.95
C LYS E 101 12.77 24.11 17.63
N LEU E 102 11.60 24.74 17.54
CA LEU E 102 11.16 25.46 16.34
C LEU E 102 11.61 26.92 16.32
N ALA E 103 11.46 27.60 17.46
CA ALA E 103 11.67 29.05 17.54
C ALA E 103 13.07 29.44 18.02
N GLY E 104 14.08 28.85 17.40
CA GLY E 104 15.47 29.09 17.81
C GLY E 104 15.89 28.14 18.92
N ALA E 105 16.35 26.96 18.51
CA ALA E 105 16.74 25.90 19.44
C ALA E 105 18.07 26.21 20.15
N LYS E 106 18.04 26.14 21.47
CA LYS E 106 19.25 26.28 22.28
C LYS E 106 19.41 25.04 23.16
N LYS E 107 20.42 24.23 22.84
CA LYS E 107 20.64 22.92 23.47
C LYS E 107 20.54 22.93 25.01
N GLU E 108 21.21 23.89 25.65
CA GLU E 108 21.20 24.02 27.11
C GLU E 108 19.85 24.51 27.64
N VAL E 109 19.38 25.64 27.10
CA VAL E 109 18.11 26.25 27.52
C VAL E 109 16.94 25.28 27.44
N ILE E 110 16.92 24.48 26.37
CA ILE E 110 15.89 23.46 26.17
C ILE E 110 15.90 22.45 27.32
N ASN E 111 16.99 21.69 27.46
CA ASN E 111 17.12 20.68 28.51
C ASN E 111 16.90 21.23 29.91
N GLN E 112 17.33 22.47 30.13
CA GLN E 112 17.22 23.12 31.42
C GLN E 112 15.77 23.46 31.77
N ARG E 113 15.02 23.98 30.80
CA ARG E 113 13.61 24.34 31.01
C ARG E 113 12.68 23.13 30.96
N VAL E 114 13.08 22.11 30.20
CA VAL E 114 12.34 20.84 30.12
C VAL E 114 12.41 20.09 31.45
N ASN E 115 13.61 20.02 32.03
CA ASN E 115 13.82 19.35 33.31
C ASN E 115 13.07 20.00 34.48
N GLN E 116 12.99 21.32 34.46
CA GLN E 116 12.35 22.05 35.55
C GLN E 116 10.83 21.97 35.49
N VAL E 117 10.27 22.05 34.28
CA VAL E 117 8.82 21.94 34.08
C VAL E 117 8.35 20.51 34.32
N ALA E 118 9.16 19.53 33.90
CA ALA E 118 8.87 18.12 34.16
C ALA E 118 8.96 17.77 35.64
N GLU E 119 9.77 18.52 36.38
CA GLU E 119 9.91 18.31 37.82
C GLU E 119 8.65 18.71 38.59
N VAL E 120 8.06 19.86 38.22
CA VAL E 120 6.87 20.36 38.89
C VAL E 120 5.57 19.68 38.45
N LEU E 121 5.62 19.00 37.31
CA LEU E 121 4.48 18.20 36.84
C LEU E 121 4.68 16.74 37.23
N GLN E 122 5.76 16.47 37.96
CA GLN E 122 6.12 15.12 38.41
C GLN E 122 6.16 14.13 37.24
N LEU E 123 6.92 14.50 36.22
CA LEU E 123 7.05 13.73 35.00
C LEU E 123 8.51 13.33 34.74
N ALA E 124 9.37 13.64 35.69
CA ALA E 124 10.82 13.44 35.56
C ALA E 124 11.24 11.99 35.24
N HIS E 125 10.50 11.03 35.81
CA HIS E 125 10.79 9.61 35.61
C HIS E 125 10.18 9.04 34.31
N LEU E 126 9.54 9.90 33.52
CA LEU E 126 8.82 9.48 32.33
C LEU E 126 9.33 10.12 31.04
N LEU E 127 10.50 10.76 31.11
CA LEU E 127 11.05 11.53 29.99
C LEU E 127 11.34 10.73 28.71
N ASP E 128 11.71 9.45 28.86
CA ASP E 128 12.04 8.61 27.71
C ASP E 128 10.86 7.82 27.14
N ARG E 129 9.72 7.89 27.82
CA ARG E 129 8.52 7.16 27.40
C ARG E 129 7.83 7.80 26.21
N LYS E 130 7.21 6.98 25.37
CA LYS E 130 6.32 7.46 24.32
C LYS E 130 4.93 7.62 24.93
N PRO E 131 4.07 8.47 24.32
CA PRO E 131 2.71 8.68 24.82
C PRO E 131 1.88 7.43 25.04
N LYS E 132 2.09 6.40 24.23
CA LYS E 132 1.32 5.15 24.37
C LYS E 132 1.64 4.39 25.66
N ALA E 133 2.81 4.67 26.24
CA ALA E 133 3.23 4.03 27.48
C ALA E 133 2.95 4.90 28.71
N LEU E 134 1.89 5.71 28.64
CA LEU E 134 1.54 6.64 29.70
C LEU E 134 0.07 6.54 30.09
N SER E 135 -0.24 6.95 31.32
CA SER E 135 -1.62 6.99 31.80
C SER E 135 -2.30 8.29 31.35
N GLY E 136 -3.62 8.33 31.42
CA GLY E 136 -4.41 9.48 30.97
C GLY E 136 -3.97 10.78 31.61
N GLY E 137 -3.83 10.77 32.94
CA GLY E 137 -3.35 11.93 33.69
C GLY E 137 -1.92 12.33 33.36
N GLN E 138 -1.07 11.33 33.12
CA GLN E 138 0.31 11.56 32.69
C GLN E 138 0.38 12.24 31.32
N ARG E 139 -0.50 11.84 30.41
CA ARG E 139 -0.58 12.49 29.09
C ARG E 139 -1.08 13.93 29.20
N GLN E 140 -2.01 14.16 30.12
CA GLN E 140 -2.52 15.50 30.37
C GLN E 140 -1.40 16.43 30.82
N ARG E 141 -0.54 15.94 31.71
CA ARG E 141 0.57 16.73 32.25
C ARG E 141 1.64 17.00 31.20
N VAL E 142 1.80 16.10 30.23
CA VAL E 142 2.72 16.30 29.12
C VAL E 142 2.17 17.39 28.19
N ALA E 143 0.85 17.38 28.00
CA ALA E 143 0.14 18.42 27.24
C ALA E 143 0.34 19.79 27.88
N ILE E 144 0.26 19.84 29.21
CA ILE E 144 0.52 21.06 29.98
C ILE E 144 1.98 21.49 29.83
N GLY E 145 2.89 20.57 30.15
CA GLY E 145 4.33 20.80 30.02
C GLY E 145 4.76 21.37 28.68
N ARG E 146 4.18 20.87 27.60
CA ARG E 146 4.49 21.33 26.25
C ARG E 146 4.26 22.83 26.07
N THR E 147 3.18 23.34 26.66
CA THR E 147 2.78 24.74 26.53
C THR E 147 3.54 25.63 27.52
N LEU E 148 3.78 25.10 28.72
CA LEU E 148 4.53 25.84 29.74
C LEU E 148 5.99 26.05 29.36
N VAL E 149 6.55 25.07 28.64
CA VAL E 149 7.95 25.14 28.17
C VAL E 149 8.10 26.18 27.07
N ALA E 150 7.12 26.27 26.18
CA ALA E 150 7.15 27.20 25.05
C ALA E 150 7.05 28.67 25.48
N GLU E 151 6.38 28.90 26.62
CA GLU E 151 6.16 30.25 27.17
C GLU E 151 5.63 31.23 26.13
N PRO E 152 4.38 31.05 25.69
CA PRO E 152 3.79 31.98 24.73
C PRO E 152 3.28 33.26 25.38
N SER E 153 2.85 34.21 24.56
CA SER E 153 2.30 35.48 25.04
C SER E 153 0.94 35.29 25.71
N VAL E 154 0.16 34.35 25.17
CA VAL E 154 -1.16 34.04 25.68
C VAL E 154 -1.26 32.54 25.91
N PHE E 155 -1.62 32.15 27.13
CA PHE E 155 -1.85 30.75 27.49
C PHE E 155 -3.34 30.42 27.35
N LEU E 156 -3.64 29.38 26.58
CA LEU E 156 -5.00 28.86 26.49
C LEU E 156 -5.03 27.43 27.02
N LEU E 157 -5.74 27.21 28.12
CA LEU E 157 -5.81 25.89 28.75
C LEU E 157 -7.24 25.36 28.76
N ASP E 158 -7.44 24.20 28.14
CA ASP E 158 -8.76 23.59 28.00
C ASP E 158 -8.92 22.38 28.94
N GLU E 159 -9.63 22.58 30.06
CA GLU E 159 -9.83 21.56 31.09
C GLU E 159 -8.54 20.77 31.39
N PRO E 160 -7.46 21.48 31.77
CA PRO E 160 -6.14 20.86 31.84
C PRO E 160 -5.87 20.00 33.08
N LEU E 161 -6.84 19.89 33.98
CA LEU E 161 -6.64 19.11 35.20
C LEU E 161 -7.70 18.02 35.39
N SER E 162 -8.67 17.95 34.47
CA SER E 162 -9.84 17.07 34.56
C SER E 162 -9.54 15.63 34.96
N ASN E 163 -8.37 15.14 34.60
CA ASN E 163 -8.02 13.74 34.84
C ASN E 163 -6.88 13.53 35.85
N LEU E 164 -6.77 14.45 36.80
CA LEU E 164 -5.78 14.36 37.87
C LEU E 164 -6.45 14.20 39.22
N ASP E 165 -5.79 13.46 40.11
CA ASP E 165 -6.30 13.23 41.46
C ASP E 165 -6.36 14.54 42.27
N ALA E 166 -7.20 14.54 43.31
CA ALA E 166 -7.46 15.75 44.09
C ALA E 166 -6.20 16.44 44.59
N ALA E 167 -5.29 15.65 45.17
CA ALA E 167 -4.04 16.16 45.74
C ALA E 167 -3.10 16.75 44.69
N LEU E 168 -3.04 16.12 43.52
CA LEU E 168 -2.19 16.60 42.42
C LEU E 168 -2.79 17.85 41.78
N ARG E 169 -4.12 17.90 41.67
CA ARG E 169 -4.83 19.07 41.18
C ARG E 169 -4.50 20.32 41.99
N VAL E 170 -4.48 20.19 43.31
CA VAL E 170 -4.09 21.27 44.21
C VAL E 170 -2.70 21.77 43.83
N GLN E 171 -1.72 20.87 43.83
CA GLN E 171 -0.34 21.19 43.46
C GLN E 171 -0.19 21.84 42.08
N MET E 172 -1.03 21.43 41.12
CA MET E 172 -0.99 22.00 39.77
C MET E 172 -1.56 23.40 39.71
N ARG E 173 -2.69 23.63 40.38
CA ARG E 173 -3.26 24.96 40.54
C ARG E 173 -2.21 25.96 41.01
N ILE E 174 -1.48 25.59 42.06
CA ILE E 174 -0.48 26.47 42.65
C ILE E 174 0.62 26.85 41.64
N GLU E 175 1.15 25.84 40.95
CA GLU E 175 2.19 26.07 39.95
C GLU E 175 1.73 26.90 38.75
N ILE E 176 0.45 26.80 38.40
CA ILE E 176 -0.14 27.64 37.36
C ILE E 176 -0.23 29.10 37.81
N SER E 177 -0.58 29.30 39.09
CA SER E 177 -0.62 30.63 39.69
C SER E 177 0.77 31.22 39.85
N ARG E 178 1.71 30.40 40.32
CA ARG E 178 3.11 30.78 40.46
C ARG E 178 3.68 31.28 39.13
N LEU E 179 3.36 30.55 38.05
CA LEU E 179 3.80 30.92 36.70
C LEU E 179 3.09 32.19 36.23
N HIS E 180 1.82 32.33 36.60
CA HIS E 180 1.01 33.49 36.21
C HIS E 180 1.53 34.77 36.84
N LYS E 181 1.99 34.70 38.09
CA LYS E 181 2.49 35.88 38.78
C LYS E 181 3.94 36.24 38.39
N ARG E 182 4.71 35.22 38.02
CA ARG E 182 6.12 35.42 37.65
C ARG E 182 6.25 35.99 36.24
N LEU E 183 5.53 35.40 35.29
CA LEU E 183 5.57 35.84 33.90
C LEU E 183 4.71 37.09 33.67
N GLY E 184 3.54 37.11 34.31
CA GLY E 184 2.59 38.21 34.14
C GLY E 184 1.97 38.25 32.76
N ARG E 185 1.68 37.08 32.22
CA ARG E 185 1.12 36.94 30.88
C ARG E 185 -0.35 36.52 30.98
N THR E 186 -1.12 36.84 29.95
CA THR E 186 -2.56 36.55 29.91
C THR E 186 -2.82 35.05 29.84
N MET E 187 -3.76 34.57 30.64
CA MET E 187 -4.16 33.17 30.62
C MET E 187 -5.68 33.03 30.51
N ILE E 188 -6.12 32.22 29.55
CA ILE E 188 -7.54 31.89 29.42
C ILE E 188 -7.72 30.39 29.69
N TYR E 189 -8.53 30.10 30.71
CA TYR E 189 -8.52 28.79 31.36
C TYR E 189 -9.94 28.22 31.43
N VAL E 190 -10.16 27.09 30.75
CA VAL E 190 -11.47 26.45 30.76
C VAL E 190 -11.47 25.32 31.78
N THR E 191 -12.45 25.34 32.68
CA THR E 191 -12.53 24.33 33.73
C THR E 191 -13.96 24.04 34.19
N HIS E 192 -14.17 22.82 34.66
CA HIS E 192 -15.44 22.42 35.28
C HIS E 192 -15.32 22.33 36.80
N ASP E 193 -14.08 22.41 37.30
CA ASP E 193 -13.80 22.40 38.73
C ASP E 193 -14.07 23.79 39.30
N GLN E 194 -15.08 23.87 40.16
CA GLN E 194 -15.52 25.13 40.77
C GLN E 194 -14.45 25.76 41.66
N VAL E 195 -13.67 24.92 42.33
CA VAL E 195 -12.58 25.38 43.19
C VAL E 195 -11.48 26.05 42.35
N GLU E 196 -11.15 25.45 41.21
CA GLU E 196 -10.21 26.05 40.26
C GLU E 196 -10.71 27.39 39.76
N ALA E 197 -12.00 27.45 39.44
CA ALA E 197 -12.63 28.67 38.94
C ALA E 197 -12.52 29.82 39.93
N MET E 198 -12.82 29.54 41.20
CA MET E 198 -12.85 30.56 42.24
C MET E 198 -11.46 31.06 42.63
N THR E 199 -10.49 30.16 42.70
CA THR E 199 -9.17 30.46 43.26
C THR E 199 -8.14 31.00 42.27
N LEU E 200 -8.34 30.71 40.98
CA LEU E 200 -7.38 31.13 39.95
C LEU E 200 -7.75 32.46 39.30
N ALA E 201 -9.05 32.66 39.07
CA ALA E 201 -9.53 33.71 38.20
C ALA E 201 -9.43 35.13 38.75
N ASP E 202 -9.02 36.05 37.88
CA ASP E 202 -9.19 37.48 38.12
C ASP E 202 -10.58 37.88 37.67
N LYS E 203 -11.13 37.10 36.74
CA LYS E 203 -12.42 37.36 36.11
C LYS E 203 -12.97 36.02 35.60
N ILE E 204 -14.25 35.76 35.85
CA ILE E 204 -14.90 34.53 35.37
C ILE E 204 -15.97 34.86 34.33
N VAL E 205 -15.96 34.10 33.23
CA VAL E 205 -16.95 34.24 32.17
C VAL E 205 -17.87 33.02 32.16
N VAL E 206 -19.17 33.27 32.33
CA VAL E 206 -20.16 32.20 32.31
C VAL E 206 -20.82 32.13 30.94
N LEU E 207 -20.67 31.00 30.27
CA LEU E 207 -21.25 30.80 28.93
C LEU E 207 -22.52 29.95 28.98
N ASP E 208 -23.44 30.23 28.05
CA ASP E 208 -24.72 29.53 27.99
C ASP E 208 -25.21 29.39 26.55
N ALA E 209 -25.04 28.20 26.00
CA ALA E 209 -25.45 27.88 24.63
C ALA E 209 -24.99 28.94 23.61
N GLY E 210 -23.69 29.24 23.64
CA GLY E 210 -23.09 30.14 22.66
C GLY E 210 -22.88 31.57 23.11
N ARG E 211 -23.83 32.10 23.86
N ARG E 211 -23.83 32.10 23.86
CA ARG E 211 -23.79 33.49 24.31
CA ARG E 211 -23.79 33.49 24.30
C ARG E 211 -23.27 33.61 25.74
C ARG E 211 -23.30 33.63 25.74
N VAL E 212 -22.74 34.79 26.06
CA VAL E 212 -22.22 35.08 27.41
C VAL E 212 -23.37 35.44 28.34
N ALA E 213 -23.46 34.71 29.46
CA ALA E 213 -24.51 34.95 30.45
C ALA E 213 -24.13 36.03 31.44
N GLN E 214 -22.86 36.03 31.87
CA GLN E 214 -22.35 37.02 32.82
C GLN E 214 -20.82 37.02 32.86
N VAL E 215 -20.26 38.20 33.17
CA VAL E 215 -18.82 38.37 33.35
C VAL E 215 -18.59 39.21 34.60
N GLY E 216 -17.82 38.67 35.54
CA GLY E 216 -17.51 39.38 36.78
C GLY E 216 -16.52 38.64 37.67
N LYS E 217 -16.31 39.20 38.87
CA LYS E 217 -15.43 38.60 39.87
C LYS E 217 -16.00 37.28 40.40
N PRO E 218 -15.12 36.33 40.78
CA PRO E 218 -15.57 35.05 41.34
C PRO E 218 -16.61 35.19 42.45
N LEU E 219 -16.35 36.07 43.41
CA LEU E 219 -17.25 36.29 44.54
C LEU E 219 -18.50 37.08 44.13
N GLU E 220 -18.36 37.88 43.08
CA GLU E 220 -19.47 38.67 42.53
C GLU E 220 -20.52 37.75 41.88
N LEU E 221 -20.05 36.74 41.15
CA LEU E 221 -20.95 35.80 40.49
C LEU E 221 -21.65 34.89 41.50
N TYR E 222 -20.97 34.62 42.61
CA TYR E 222 -21.51 33.76 43.66
C TYR E 222 -22.62 34.47 44.44
N HIS E 223 -22.37 35.71 44.86
CA HIS E 223 -23.31 36.47 45.66
C HIS E 223 -24.37 37.20 44.82
N TYR E 224 -23.96 37.74 43.68
CA TYR E 224 -24.86 38.52 42.83
C TYR E 224 -24.89 38.05 41.38
N PRO E 225 -25.59 36.93 41.11
CA PRO E 225 -25.81 36.50 39.73
C PRO E 225 -26.82 37.39 39.00
N ALA E 226 -26.70 37.47 37.68
CA ALA E 226 -27.56 38.34 36.87
C ALA E 226 -28.92 37.70 36.54
N ASP E 227 -28.93 36.38 36.39
CA ASP E 227 -30.16 35.65 36.07
C ASP E 227 -30.22 34.24 36.66
N ARG E 228 -31.37 33.59 36.48
CA ARG E 228 -31.66 32.25 36.98
C ARG E 228 -30.59 31.22 36.63
N PHE E 229 -30.15 31.23 35.38
CA PHE E 229 -29.16 30.26 34.89
C PHE E 229 -27.81 30.36 35.62
N VAL E 230 -27.31 31.58 35.77
CA VAL E 230 -26.02 31.82 36.41
C VAL E 230 -26.02 31.33 37.87
N ALA E 231 -27.13 31.56 38.56
CA ALA E 231 -27.32 31.13 39.94
C ALA E 231 -27.31 29.61 40.06
N GLY E 232 -27.94 28.94 39.11
CA GLY E 232 -28.02 27.49 39.09
C GLY E 232 -26.71 26.81 38.72
N PHE E 233 -25.86 27.53 38.02
CA PHE E 233 -24.58 26.97 37.57
C PHE E 233 -23.43 27.22 38.53
N ILE E 234 -23.33 28.44 39.07
CA ILE E 234 -22.27 28.79 40.01
C ILE E 234 -22.58 28.23 41.39
N GLY E 235 -21.60 27.52 41.96
CA GLY E 235 -21.75 26.91 43.27
C GLY E 235 -22.47 25.57 43.18
N SER E 236 -21.76 24.51 43.57
CA SER E 236 -22.31 23.15 43.56
C SER E 236 -22.25 22.57 44.96
N PRO E 237 -23.38 22.02 45.47
CA PRO E 237 -24.67 21.74 44.83
C PRO E 237 -25.46 22.97 44.37
N LYS E 238 -26.34 22.73 43.39
CA LYS E 238 -27.18 23.74 42.76
C LYS E 238 -28.04 24.48 43.78
N MET E 239 -28.22 25.78 43.55
CA MET E 239 -29.11 26.62 44.34
C MET E 239 -30.55 26.13 44.22
N ASN E 240 -31.24 26.07 45.36
CA ASN E 240 -32.64 25.63 45.40
C ASN E 240 -33.59 26.69 44.88
N PHE E 241 -34.65 26.26 44.20
CA PHE E 241 -35.63 27.17 43.62
C PHE E 241 -37.05 26.89 44.06
N LEU E 242 -37.80 27.96 44.35
CA LEU E 242 -39.19 27.88 44.79
C LEU E 242 -40.05 28.82 43.94
N PRO E 243 -41.24 28.34 43.52
CA PRO E 243 -42.10 29.15 42.65
C PRO E 243 -43.03 30.11 43.42
N VAL E 244 -42.47 31.22 43.88
CA VAL E 244 -43.23 32.21 44.65
C VAL E 244 -43.98 33.18 43.74
N THR E 247 -46.82 39.29 45.98
CA THR E 247 -48.12 39.73 46.47
C THR E 247 -48.13 41.22 46.81
N ALA E 248 -47.13 41.65 47.57
CA ALA E 248 -46.99 43.05 47.94
C ALA E 248 -45.56 43.55 47.67
N THR E 249 -45.45 44.77 47.17
CA THR E 249 -44.14 45.36 46.85
C THR E 249 -43.96 46.73 47.50
N ALA E 250 -42.75 46.99 48.00
CA ALA E 250 -42.40 48.27 48.59
C ALA E 250 -41.41 49.03 47.69
N ILE E 251 -40.85 50.11 48.22
CA ILE E 251 -39.90 50.95 47.47
C ILE E 251 -38.54 50.26 47.34
N ASP E 252 -38.04 49.70 48.45
CA ASP E 252 -36.69 49.15 48.51
C ASP E 252 -36.65 47.65 48.80
N GLN E 253 -37.83 47.02 48.91
CA GLN E 253 -37.94 45.59 49.21
C GLN E 253 -39.18 44.95 48.58
N VAL E 254 -39.10 43.65 48.29
CA VAL E 254 -40.18 42.91 47.65
C VAL E 254 -40.66 41.77 48.54
N GLN E 255 -41.98 41.63 48.67
CA GLN E 255 -42.56 40.55 49.45
C GLN E 255 -43.30 39.55 48.58
N VAL E 256 -43.09 38.27 48.86
CA VAL E 256 -43.75 37.18 48.13
C VAL E 256 -44.25 36.08 49.08
N GLU E 257 -45.13 35.22 48.57
CA GLU E 257 -45.74 34.17 49.36
C GLU E 257 -45.25 32.79 48.94
N LEU E 258 -44.95 31.94 49.93
CA LEU E 258 -44.54 30.56 49.69
C LEU E 258 -45.72 29.70 49.24
N PRO E 259 -45.49 28.78 48.28
CA PRO E 259 -46.56 27.94 47.72
C PRO E 259 -47.05 26.84 48.67
N MET E 260 -46.26 26.54 49.71
CA MET E 260 -46.60 25.51 50.70
C MET E 260 -47.91 25.81 51.43
N PRO E 261 -48.67 24.74 51.79
CA PRO E 261 -50.06 24.81 52.29
C PRO E 261 -50.35 25.84 53.38
N ASN E 262 -49.36 26.18 54.20
CA ASN E 262 -49.55 27.17 55.27
C ASN E 262 -49.61 28.62 54.76
N ARG E 263 -48.99 28.85 53.60
CA ARG E 263 -48.98 30.15 52.92
C ARG E 263 -48.39 31.28 53.78
N GLN E 264 -47.06 31.32 53.85
CA GLN E 264 -46.36 32.33 54.65
C GLN E 264 -45.86 33.48 53.78
N GLN E 265 -45.84 34.68 54.36
CA GLN E 265 -45.38 35.88 53.66
C GLN E 265 -44.06 36.40 54.25
N VAL E 266 -43.11 36.71 53.38
CA VAL E 266 -41.79 37.19 53.81
C VAL E 266 -41.22 38.28 52.90
N TRP E 267 -40.67 39.32 53.51
CA TRP E 267 -40.05 40.43 52.79
C TRP E 267 -38.61 40.09 52.40
N LEU E 268 -38.19 40.58 51.23
CA LEU E 268 -36.84 40.32 50.73
C LEU E 268 -36.15 41.62 50.28
N PRO E 269 -34.91 41.85 50.76
CA PRO E 269 -34.15 43.04 50.37
C PRO E 269 -33.61 42.97 48.94
N VAL E 270 -34.49 43.23 47.97
CA VAL E 270 -34.13 43.21 46.55
C VAL E 270 -34.68 44.45 45.81
N GLU E 271 -34.75 44.36 44.49
CA GLU E 271 -35.18 45.48 43.64
C GLU E 271 -36.69 45.70 43.74
N ASN E 280 -45.78 35.77 39.45
CA ASN E 280 -45.07 34.50 39.59
C ASN E 280 -43.55 34.68 39.52
N MET E 281 -42.92 34.78 40.69
CA MET E 281 -41.47 34.94 40.79
C MET E 281 -40.82 33.62 41.18
N SER E 282 -39.49 33.56 41.08
CA SER E 282 -38.73 32.39 41.49
C SER E 282 -37.74 32.77 42.61
N LEU E 283 -37.97 32.22 43.80
CA LEU E 283 -37.11 32.46 44.95
C LEU E 283 -35.96 31.46 44.98
N GLY E 284 -34.75 31.97 45.17
CA GLY E 284 -33.56 31.15 45.19
C GLY E 284 -32.81 31.20 46.51
N ILE E 285 -32.47 30.03 47.04
CA ILE E 285 -31.69 29.92 48.27
C ILE E 285 -30.65 28.79 48.17
N ARG E 286 -29.41 29.10 48.54
CA ARG E 286 -28.32 28.14 48.50
C ARG E 286 -28.37 27.18 49.69
N PRO E 287 -27.96 25.91 49.48
CA PRO E 287 -27.92 24.89 50.54
C PRO E 287 -27.01 25.27 51.70
N GLU E 288 -26.00 26.09 51.43
CA GLU E 288 -25.02 26.50 52.44
C GLU E 288 -25.54 27.62 53.33
N HIS E 289 -26.53 28.35 52.81
CA HIS E 289 -27.07 29.52 53.50
C HIS E 289 -28.28 29.21 54.38
N LEU E 290 -28.87 28.03 54.18
CA LEU E 290 -29.99 27.57 55.00
C LEU E 290 -29.55 27.32 56.44
N LEU E 291 -30.41 27.66 57.40
CA LEU E 291 -30.08 27.58 58.81
C LEU E 291 -30.75 26.39 59.51
N PRO E 292 -30.22 25.99 60.69
CA PRO E 292 -30.91 25.00 61.54
C PRO E 292 -32.31 25.45 61.96
N SER E 293 -33.13 24.49 62.39
CA SER E 293 -34.54 24.71 62.69
C SER E 293 -34.81 25.78 63.75
N ASP E 294 -34.29 25.59 64.96
CA ASP E 294 -34.63 26.39 66.13
C ASP E 294 -34.14 27.85 66.10
N ILE E 295 -33.14 28.13 65.27
CA ILE E 295 -32.52 29.46 65.19
C ILE E 295 -33.43 30.49 64.51
N ALA E 296 -33.69 30.30 63.22
CA ALA E 296 -34.38 31.29 62.38
C ALA E 296 -35.87 31.47 62.70
N ASP E 297 -36.46 32.49 62.09
CA ASP E 297 -37.88 32.79 62.25
C ASP E 297 -38.74 32.05 61.22
N VAL E 298 -38.23 31.94 60.00
CA VAL E 298 -38.94 31.25 58.92
C VAL E 298 -38.57 29.77 58.89
N ILE E 299 -39.37 28.96 59.56
CA ILE E 299 -39.16 27.51 59.60
C ILE E 299 -39.72 26.87 58.32
N LEU E 300 -39.03 25.86 57.82
CA LEU E 300 -39.45 25.14 56.62
C LEU E 300 -39.25 23.65 56.82
N GLU E 301 -40.35 22.92 56.89
CA GLU E 301 -40.35 21.50 57.28
C GLU E 301 -40.73 20.59 56.12
N GLY E 302 -40.18 19.37 56.14
CA GLY E 302 -40.47 18.37 55.12
C GLY E 302 -39.89 17.01 55.43
N GLU E 303 -40.02 16.09 54.47
CA GLU E 303 -39.55 14.70 54.63
C GLU E 303 -38.22 14.47 53.92
N VAL E 304 -37.30 13.80 54.62
CA VAL E 304 -35.98 13.47 54.09
C VAL E 304 -36.09 12.39 53.00
N GLN E 305 -35.43 12.63 51.87
CA GLN E 305 -35.41 11.69 50.75
C GLN E 305 -34.05 11.03 50.56
N VAL E 306 -33.01 11.85 50.41
CA VAL E 306 -31.65 11.37 50.21
C VAL E 306 -30.71 11.95 51.26
N VAL E 307 -29.87 11.10 51.83
CA VAL E 307 -28.82 11.53 52.76
C VAL E 307 -27.46 11.11 52.22
N GLU E 308 -26.58 12.10 52.03
CA GLU E 308 -25.25 11.84 51.50
C GLU E 308 -24.19 12.23 52.52
N GLN E 309 -23.39 11.26 52.94
CA GLN E 309 -22.35 11.45 53.94
C GLN E 309 -21.00 11.68 53.27
N LEU E 310 -20.54 12.92 53.26
CA LEU E 310 -19.31 13.29 52.56
C LEU E 310 -18.08 13.33 53.46
N GLY E 311 -18.26 12.97 54.73
CA GLY E 311 -17.16 12.98 55.69
C GLY E 311 -17.03 14.32 56.39
N ASN E 312 -16.64 15.34 55.62
CA ASN E 312 -16.47 16.69 56.14
C ASN E 312 -17.81 17.38 56.41
N GLU E 313 -18.85 16.91 55.72
CA GLU E 313 -20.18 17.49 55.83
C GLU E 313 -21.25 16.46 55.49
N THR E 314 -22.51 16.81 55.72
CA THR E 314 -23.64 15.96 55.38
C THR E 314 -24.62 16.77 54.52
N GLN E 315 -25.04 16.17 53.41
CA GLN E 315 -26.00 16.81 52.52
C GLN E 315 -27.33 16.07 52.56
N ILE E 316 -28.41 16.81 52.75
CA ILE E 316 -29.72 16.24 53.03
C ILE E 316 -30.77 16.77 52.06
N HIS E 317 -31.43 15.85 51.36
CA HIS E 317 -32.49 16.18 50.43
C HIS E 317 -33.84 16.10 51.13
N ILE E 318 -34.59 17.18 51.08
CA ILE E 318 -35.85 17.31 51.83
C ILE E 318 -37.02 17.59 50.89
N GLN E 319 -38.03 16.73 50.93
CA GLN E 319 -39.25 16.92 50.15
C GLN E 319 -40.29 17.71 50.93
N ILE E 320 -40.61 18.90 50.41
CA ILE E 320 -41.57 19.79 51.04
C ILE E 320 -42.97 19.53 50.46
N PRO E 321 -44.00 19.47 51.33
CA PRO E 321 -45.38 19.37 50.87
C PRO E 321 -45.75 20.45 49.85
N SER E 322 -46.45 20.04 48.79
CA SER E 322 -46.89 20.92 47.69
C SER E 322 -45.73 21.47 46.83
N ILE E 323 -44.51 21.03 47.12
CA ILE E 323 -43.33 21.39 46.34
C ILE E 323 -42.71 20.14 45.73
N ARG E 324 -42.85 20.01 44.41
CA ARG E 324 -42.37 18.83 43.68
C ARG E 324 -40.85 18.73 43.61
N GLN E 325 -40.19 19.88 43.53
CA GLN E 325 -38.72 19.94 43.54
C GLN E 325 -38.19 19.79 44.95
N ASN E 326 -37.21 18.90 45.14
CA ASN E 326 -36.60 18.66 46.44
C ASN E 326 -35.73 19.82 46.91
N LEU E 327 -35.43 19.84 48.20
CA LEU E 327 -34.63 20.90 48.80
C LEU E 327 -33.34 20.35 49.39
N VAL E 328 -32.21 20.87 48.90
CA VAL E 328 -30.90 20.41 49.34
C VAL E 328 -30.39 21.29 50.48
N TYR E 329 -29.93 20.64 51.54
CA TYR E 329 -29.39 21.34 52.71
C TYR E 329 -27.98 20.85 53.04
N ARG E 330 -27.10 21.78 53.38
CA ARG E 330 -25.72 21.44 53.75
C ARG E 330 -25.45 21.81 55.20
N GLN E 331 -24.82 20.88 55.92
CA GLN E 331 -24.41 21.12 57.30
C GLN E 331 -23.04 20.50 57.56
N ASN E 332 -22.20 21.25 58.26
CA ASN E 332 -20.86 20.81 58.63
C ASN E 332 -20.87 19.55 59.49
N ASP E 333 -19.83 18.74 59.34
CA ASP E 333 -19.61 17.53 60.16
C ASP E 333 -20.56 16.37 59.80
N VAL E 334 -20.40 15.24 60.47
CA VAL E 334 -21.22 14.05 60.22
C VAL E 334 -22.54 14.15 60.98
N VAL E 335 -23.64 14.08 60.23
CA VAL E 335 -24.99 14.16 60.82
C VAL E 335 -25.73 12.85 60.61
N LEU E 336 -26.22 12.28 61.71
CA LEU E 336 -26.97 11.02 61.67
C LEU E 336 -28.45 11.27 61.38
N VAL E 337 -28.80 11.18 60.10
CA VAL E 337 -30.17 11.35 59.61
C VAL E 337 -30.46 10.26 58.59
N GLU E 338 -31.67 9.69 58.67
CA GLU E 338 -32.07 8.62 57.76
C GLU E 338 -33.28 8.99 56.90
N GLU E 339 -33.43 8.26 55.80
CA GLU E 339 -34.51 8.49 54.82
C GLU E 339 -35.89 8.29 55.44
N GLY E 340 -36.82 9.17 55.07
CA GLY E 340 -38.21 9.07 55.55
C GLY E 340 -38.47 9.82 56.84
N ALA E 341 -37.41 10.29 57.48
CA ALA E 341 -37.52 11.05 58.73
C ALA E 341 -37.89 12.50 58.47
N THR E 342 -38.48 13.15 59.47
CA THR E 342 -38.84 14.56 59.37
C THR E 342 -37.62 15.47 59.58
N PHE E 343 -37.60 16.61 58.87
CA PHE E 343 -36.53 17.58 58.99
C PHE E 343 -37.05 18.99 58.79
N ALA E 344 -36.53 19.92 59.59
CA ALA E 344 -36.91 21.32 59.50
C ALA E 344 -35.68 22.22 59.34
N ILE E 345 -35.76 23.17 58.42
CA ILE E 345 -34.67 24.11 58.18
C ILE E 345 -35.15 25.56 58.19
N GLY E 346 -34.25 26.46 58.58
CA GLY E 346 -34.54 27.90 58.61
C GLY E 346 -34.29 28.54 57.25
N LEU E 347 -35.16 29.48 56.90
CA LEU E 347 -35.06 30.21 55.63
C LEU E 347 -34.69 31.66 55.89
N PRO E 348 -33.42 32.03 55.64
CA PRO E 348 -32.97 33.41 55.86
C PRO E 348 -33.44 34.36 54.76
N PRO E 349 -34.04 35.50 55.14
CA PRO E 349 -34.58 36.45 54.16
C PRO E 349 -33.52 37.23 53.39
N GLU E 350 -32.47 37.67 54.09
CA GLU E 350 -31.44 38.53 53.48
C GLU E 350 -30.51 37.78 52.52
N ARG E 351 -30.43 36.46 52.68
CA ARG E 351 -29.59 35.62 51.84
C ARG E 351 -30.32 35.05 50.62
N CYS E 352 -31.62 35.33 50.53
CA CYS E 352 -32.45 34.86 49.42
C CYS E 352 -32.23 35.65 48.13
N HIS E 353 -32.39 34.97 47.01
CA HIS E 353 -32.37 35.58 45.69
C HIS E 353 -33.79 35.61 45.13
N LEU E 354 -34.03 36.49 44.16
CA LEU E 354 -35.35 36.58 43.51
C LEU E 354 -35.21 36.71 42.00
N PHE E 355 -35.99 35.91 41.27
CA PHE E 355 -35.91 35.86 39.81
C PHE E 355 -37.26 36.07 39.13
N ARG E 356 -37.25 36.82 38.03
CA ARG E 356 -38.47 37.20 37.32
C ARG E 356 -39.04 36.06 36.47
N GLU E 357 -40.18 36.34 35.83
CA GLU E 357 -40.87 35.39 34.96
C GLU E 357 -40.03 35.04 33.72
N ASP E 358 -39.35 36.05 33.17
CA ASP E 358 -38.48 35.86 32.00
C ASP E 358 -37.16 35.18 32.36
N GLY E 359 -36.65 35.47 33.56
CA GLY E 359 -35.42 34.83 34.05
C GLY E 359 -34.44 35.75 34.75
N THR E 360 -34.56 37.05 34.52
CA THR E 360 -33.64 38.05 35.09
C THR E 360 -33.81 38.20 36.60
N ALA E 361 -32.71 38.51 37.27
CA ALA E 361 -32.68 38.61 38.73
C ALA E 361 -32.89 40.03 39.24
N CYS E 362 -33.60 40.14 40.36
CA CYS E 362 -33.77 41.40 41.06
C CYS E 362 -32.55 41.64 41.94
N ARG E 363 -31.84 42.72 41.67
CA ARG E 363 -30.57 43.04 42.33
C ARG E 363 -30.66 42.98 43.85
N ARG E 364 -29.78 42.17 44.45
CA ARG E 364 -29.68 42.07 45.90
C ARG E 364 -28.99 43.30 46.48
N LEU E 365 -29.58 43.88 47.51
CA LEU E 365 -29.08 45.11 48.12
C LEU E 365 -28.32 44.85 49.42
N HIS E 366 -28.44 43.64 49.94
CA HIS E 366 -27.70 43.21 51.13
C HIS E 366 -26.22 43.03 50.79
N LYS E 367 -25.36 43.81 51.44
CA LYS E 367 -23.93 43.79 51.15
C LYS E 367 -23.21 42.63 51.85
N GLU E 368 -22.47 41.87 51.06
CA GLU E 368 -21.74 40.69 51.54
C GLU E 368 -20.26 41.00 51.77
N PRO E 369 -19.63 40.31 52.76
CA PRO E 369 -18.21 40.51 53.02
C PRO E 369 -17.33 39.85 51.96
C1 GLC F . 5.95 -2.20 -8.05
C2 GLC F . 5.04 -1.63 -9.14
C3 GLC F . 5.86 -1.14 -10.33
C4 GLC F . 6.90 -0.11 -9.87
C5 GLC F . 7.78 -0.75 -8.80
C6 GLC F . 8.78 0.27 -8.24
O1 GLC F . 6.51 -3.45 -8.43
O2 GLC F . 4.11 -2.63 -9.58
O3 GLC F . 5.00 -0.57 -11.33
O4 GLC F . 7.71 0.28 -10.98
O5 GLC F . 7.00 -1.28 -7.72
O6 GLC F . 9.37 -0.28 -7.06
C1 GLC F . 7.50 1.62 -11.46
C2 GLC F . 7.44 1.59 -12.99
C3 GLC F . 8.80 1.24 -13.61
C4 GLC F . 9.94 2.08 -13.02
C5 GLC F . 9.88 2.12 -11.48
C6 GLC F . 10.89 3.11 -10.93
O2 GLC F . 6.45 0.65 -13.43
O3 GLC F . 8.75 1.46 -15.02
O4 GLC F . 11.19 1.53 -13.44
O5 GLC F . 8.56 2.48 -11.03
O6 GLC F . 11.07 2.87 -9.53
P PGV G . 0.39 22.97 5.92
C01 PGV G . 1.76 21.85 1.63
C02 PGV G . 1.70 23.24 2.22
C03 PGV G . 0.63 23.28 3.29
C04 PGV G . -1.40 21.27 6.92
C05 PGV G . -2.16 20.14 6.21
C06 PGV G . -1.47 18.81 6.50
O01 PGV G . 1.40 24.18 1.18
O02 PGV G . 2.63 26.10 1.64
O03 PGV G . 2.66 21.06 2.40
O04 PGV G . 3.99 19.62 1.22
O05 PGV G . -2.18 20.38 4.79
O06 PGV G . -2.46 17.76 6.50
O11 PGV G . 1.13 22.75 4.52
O12 PGV G . -0.14 21.49 6.27
O13 PGV G . -0.79 23.90 5.73
O14 PGV G . 1.44 23.32 6.95
C1 PGV G . 2.47 25.14 0.91
C2 PGV G . 3.35 24.96 -0.32
C3 PGV G . 4.83 25.09 0.03
C4 PGV G . 5.66 25.34 -1.23
C5 PGV G . 6.44 24.08 -1.62
C6 PGV G . 6.76 24.07 -3.12
C7 PGV G . 7.30 22.72 -3.56
C8 PGV G . 7.62 22.72 -5.05
C9 PGV G . 6.56 22.00 -5.86
C10 PGV G . 7.10 21.47 -7.18
C11 PGV G . 6.78 19.98 -7.36
C12 PGV G . 7.99 19.23 -7.90
C13 PGV G . 8.61 18.33 -6.83
C14 PGV G . 10.09 18.63 -6.66
C15 PGV G . 10.67 17.93 -5.43
C16 PGV G . 12.05 17.35 -5.75
C17 PGV G . 12.81 16.97 -4.47
C18 PGV G . 14.21 16.49 -4.80
C19 PGV G . 3.94 20.67 1.83
C20 PGV G . 5.17 21.53 2.03
C21 PGV G . 6.23 21.27 0.96
C22 PGV G . 7.25 20.24 1.43
C23 PGV G . 8.66 20.79 1.37
C24 PGV G . 9.69 19.66 1.27
C25 PGV G . 10.71 19.94 0.17
C26 PGV G . 11.98 19.10 0.35
C27 PGV G . 11.94 17.86 -0.52
C28 PGV G . 13.13 16.92 -0.26
C29 PGV G . 12.91 16.05 0.98
C30 PGV G . 12.15 14.77 0.65
C31 PGV G . 12.17 13.79 1.83
C32 PGV G . 13.11 12.62 1.56
C33 PGV G . 12.33 11.32 1.36
C34 PGV G . 13.24 10.12 1.52
C2 PGV H . -14.41 -17.86 10.16
C3 PGV H . -13.63 -16.58 9.84
C4 PGV H . -13.55 -16.34 8.34
C5 PGV H . -12.10 -16.11 7.89
C6 PGV H . -12.04 -15.25 6.63
C7 PGV H . -11.40 -16.00 5.47
C8 PGV H . -10.86 -15.03 4.41
C9 PGV H . -11.18 -15.50 3.00
C10 PGV H . -10.85 -14.43 1.95
C3 PGV I . -16.57 -19.72 7.55
C4 PGV I . -16.52 -19.23 6.11
C5 PGV I . -15.08 -19.12 5.61
C6 PGV I . -15.00 -18.72 4.13
C7 PGV I . -14.05 -19.63 3.36
C8 PGV I . -13.20 -18.86 2.37
C9 PGV I . -12.20 -19.78 1.68
C10 PGV I . -11.79 -19.24 0.31
C2 PGV J . 29.38 4.85 -9.84
C3 PGV J . 29.27 6.31 -10.29
C4 PGV J . 27.85 6.84 -10.09
C5 PGV J . 27.64 8.14 -10.86
C6 PGV J . 26.23 8.70 -10.63
C7 PGV J . 25.82 9.60 -11.79
C8 PGV J . 25.18 10.88 -11.28
C9 PGV J . 23.74 11.00 -11.75
C10 PGV J . 23.16 12.37 -11.37
C11 PGV J . 21.84 12.23 -10.62
C12 PGV J . 21.29 13.59 -10.19
C13 PGV J . 20.31 14.15 -11.23
C14 PGV J . 18.86 13.86 -10.87
C2 UMQ K . -0.86 -35.73 -60.53
C4 UMQ K . 0.53 -36.97 -58.81
C5 UMQ K . 1.19 -35.65 -58.47
C6 UMQ K . 2.67 -35.86 -58.11
O2 UMQ K . -2.21 -35.46 -60.92
O4 UMQ K . 0.40 -37.76 -57.62
C1 UMQ K . -0.22 -34.44 -60.03
C3 UMQ K . -0.85 -36.81 -59.44
O1 UMQ K . -1.02 -33.89 -58.99
O3 UMQ K . -1.29 -38.05 -59.97
O5 UMQ K . 1.12 -34.71 -59.55
O6 UMQ K . 3.33 -34.59 -58.01
C1' UMQ K . -2.91 -30.43 -57.85
C2' UMQ K . -3.27 -30.91 -59.26
C3' UMQ K . -2.76 -32.31 -59.51
C4' UMQ K . -1.29 -32.49 -59.11
C5' UMQ K . -0.95 -31.82 -57.77
C6' UMQ K . 0.55 -31.77 -57.50
O1' UMQ K . -3.34 -29.09 -57.70
O3' UMQ K . -2.91 -32.61 -60.91
O5' UMQ K . -1.50 -30.50 -57.68
O6' UMQ K . 1.25 -31.20 -58.62
O2' UMQ K . -4.68 -30.86 -59.45
CA UMQ K . -3.68 -28.74 -56.36
CB UMQ K . -4.44 -27.40 -56.36
CC UMQ K . -3.47 -26.23 -56.49
CD UMQ K . -4.21 -24.91 -56.33
CF UMQ K . -3.30 -23.86 -55.69
CG UMQ K . -3.71 -23.57 -54.25
CH UMQ K . -3.89 -22.08 -54.02
CI UMQ K . -5.33 -21.76 -53.63
CJ UMQ K . -5.52 -20.27 -53.40
CK UMQ K . -6.99 -19.89 -53.49
CL UMQ K . -7.26 -18.53 -52.87
C4 PGV L . -19.24 -10.07 -25.53
C5 PGV L . -19.41 -8.57 -25.74
C6 PGV L . -19.82 -7.89 -24.44
C7 PGV L . -19.70 -6.37 -24.55
C8 PGV L . -20.29 -5.68 -23.33
C9 PGV L . -19.47 -4.46 -22.91
C10 PGV L . -19.90 -3.95 -21.54
C11 PGV L . -18.98 -2.86 -21.02
C2 PGV M . -18.55 -5.23 -33.09
C3 PGV M . -17.63 -5.65 -31.95
C4 PGV M . -17.72 -4.66 -30.80
C5 PGV M . -17.14 -5.23 -29.51
C6 PGV M . -17.21 -4.19 -28.40
C7 PGV M . -16.66 -4.73 -27.09
C8 PGV M . -17.14 -3.91 -25.89
C9 PGV M . -16.51 -2.53 -25.82
C10 PGV M . -17.00 -1.75 -24.61
C11 PGV M . -15.92 -0.83 -24.06
C12 PGV M . -15.54 -1.21 -22.64
C13 PGV M . -15.01 0.00 -21.86
C4 PGV N . -19.13 1.23 -34.69
C5 PGV N . -18.37 1.14 -33.36
C6 PGV N . -18.79 2.27 -32.42
C7 PGV N . -17.63 3.23 -32.17
C8 PGV N . -17.88 4.12 -30.95
C9 PGV N . -17.05 3.64 -29.76
C10 PGV N . -16.61 4.80 -28.89
C11 PGV N . -16.34 4.34 -27.45
C12 PGV N . -15.28 5.20 -26.77
C13 PGV N . -14.45 4.39 -25.80
C10 PGV O . -12.83 9.90 -34.37
C11 PGV O . -11.36 9.90 -33.95
C12 PGV O . -11.20 9.86 -32.43
C13 PGV O . -9.90 10.53 -32.00
C14 PGV O . -9.84 10.72 -30.50
C15 PGV O . -8.41 11.03 -30.06
C16 PGV O . -8.32 11.16 -28.54
C5 PGV P . -13.77 13.78 -37.61
C6 PGV P . -13.93 14.44 -36.24
C7 PGV P . -12.86 13.99 -35.26
C8 PGV P . -13.45 13.65 -33.90
C9 PGV P . -12.52 14.05 -32.75
C10 PGV P . -13.22 13.92 -31.41
C11 PGV P . -12.24 14.10 -30.26
C12 PGV P . -12.63 13.24 -29.07
C13 PGV P . -12.15 13.87 -27.76
C4 PGV Q . -17.72 1.26 4.50
C5 PGV Q . -16.72 0.67 3.52
C6 PGV Q . -16.28 -0.72 3.94
C7 PGV Q . -16.19 -1.65 2.73
C8 PGV Q . -15.35 -2.88 3.00
C9 PGV Q . -15.42 -3.85 1.83
C10 PGV Q . -14.07 -4.49 1.52
C11 PGV Q . -14.05 -5.97 1.95
C12 PGV Q . -12.75 -6.66 1.56
C13 PGV Q . -12.27 -7.65 2.63
C14 PGV Q . -13.19 -8.86 2.75
C15 PGV Q . -12.51 -10.12 2.20
MG MG R . -6.36 5.52 34.22
PB ADP S . -3.94 5.10 36.23
O1B ADP S . -3.82 4.70 37.68
O2B ADP S . -5.10 4.48 35.51
O3B ADP S . -3.78 6.58 36.01
PA ADP S . -2.64 3.36 34.37
O1A ADP S . -3.12 3.99 33.09
O2A ADP S . -3.35 2.13 34.89
O3A ADP S . -2.62 4.49 35.54
O5' ADP S . -1.09 3.01 34.21
C5' ADP S . -0.32 2.58 35.34
C4' ADP S . 1.17 2.84 35.13
O4' ADP S . 1.67 1.98 34.11
C3' ADP S . 1.47 4.27 34.71
O3' ADP S . 2.45 4.80 35.61
C2' ADP S . 2.01 4.17 33.28
O2' ADP S . 3.11 5.04 33.05
C1' ADP S . 2.43 2.71 33.15
N9 ADP S . 2.17 2.19 31.78
C8 ADP S . 1.00 2.20 31.13
N7 ADP S . 1.17 1.63 29.91
C5 ADP S . 2.46 1.27 29.82
C6 ADP S . 3.20 0.65 28.81
N6 ADP S . 2.60 0.30 27.65
N1 ADP S . 4.52 0.41 29.02
C2 ADP S . 5.12 0.76 30.18
N3 ADP S . 4.42 1.35 31.16
C4 ADP S . 3.09 1.61 31.00
V VO4 T . -4.91 8.17 35.66
O1 VO4 T . -3.46 9.04 35.48
O2 VO4 T . -5.33 8.40 37.26
O3 VO4 T . -5.76 7.31 34.50
O4 VO4 T . -6.03 9.91 35.12
MG MG U . -14.76 21.60 25.46
PB ADP V . -17.65 22.89 25.08
O1B ADP V . -18.29 24.16 25.58
O2B ADP V . -16.17 23.00 24.80
O3B ADP V . -18.05 21.67 25.88
PA ADP V . -17.54 22.88 22.24
O1A ADP V . -16.64 21.69 22.02
O2A ADP V . -16.94 24.27 22.21
O3A ADP V . -18.32 22.65 23.63
O5' ADP V . -18.74 22.83 21.17
C5' ADP V . -19.94 23.58 21.38
C4' ADP V . -21.12 22.96 20.65
O4' ADP V . -20.85 22.87 19.25
C3' ADP V . -21.44 21.55 21.14
O3' ADP V . -22.81 21.51 21.57
C2' ADP V . -21.24 20.65 19.93
O2' ADP V . -22.27 19.67 19.84
C1' ADP V . -21.29 21.60 18.74
N9 ADP V . -20.43 21.15 17.61
C8 ADP V . -19.13 20.80 17.67
N7 ADP V . -18.71 20.46 16.42
C5 ADP V . -19.76 20.60 15.59
C6 ADP V . -19.93 20.41 14.22
N6 ADP V . -18.88 19.98 13.47
N1 ADP V . -21.13 20.65 13.65
C2 ADP V . -22.16 21.08 14.40
N3 ADP V . -22.03 21.27 15.72
C4 ADP V . -20.84 21.05 16.34
V VO4 W . -17.26 20.29 27.21
O1 VO4 W . -18.47 19.23 26.79
O2 VO4 W . -17.53 21.21 28.58
O3 VO4 W . -15.84 20.36 26.29
O4 VO4 W . -16.38 18.84 28.41
#